data_2LWE
#
_entry.id   2LWE
#
_entity_poly.entity_id   1
_entity_poly.type   'polypeptide(L)'
_entity_poly.pdbx_seq_one_letter_code
;GSHMKKIEKLEEYRLLLKRLQPEFKTRIIPTDIISDLSECLINQECEEILQICSTKGMMAGAEKLVECLLRSDKENWPKE
LKLALEKERNKFSELWIVEK
;
_entity_poly.pdbx_strand_id   A
#
# COMPACT_ATOMS: atom_id res chain seq x y z
N LYS A 5 4.51 22.76 -2.88
CA LYS A 5 3.94 21.44 -2.64
C LYS A 5 3.83 20.64 -3.93
N LYS A 6 4.95 20.51 -4.64
CA LYS A 6 4.98 19.68 -5.84
C LYS A 6 5.47 18.29 -5.49
N ILE A 7 6.78 18.14 -5.39
CA ILE A 7 7.35 16.86 -4.98
C ILE A 7 7.14 16.67 -3.49
N GLU A 8 7.13 17.77 -2.75
CA GLU A 8 6.89 17.76 -1.31
C GLU A 8 5.61 16.99 -1.00
N LYS A 9 4.67 17.04 -1.94
CA LYS A 9 3.39 16.40 -1.78
C LYS A 9 3.53 14.87 -1.88
N LEU A 10 4.40 14.45 -2.78
CA LEU A 10 4.67 13.03 -2.94
C LEU A 10 5.59 12.56 -1.84
N GLU A 11 6.41 13.47 -1.38
CA GLU A 11 7.23 13.28 -0.19
C GLU A 11 6.30 12.96 0.97
N GLU A 12 5.16 13.64 0.98
CA GLU A 12 4.08 13.35 1.89
C GLU A 12 3.58 11.94 1.70
N TYR A 13 3.43 11.51 0.45
CA TYR A 13 2.91 10.16 0.15
C TYR A 13 3.76 9.10 0.84
N ARG A 14 5.07 9.31 0.86
CA ARG A 14 6.01 8.39 1.51
C ARG A 14 5.81 8.40 3.03
N LEU A 15 5.84 9.59 3.62
CA LEU A 15 5.72 9.72 5.07
C LEU A 15 4.33 9.27 5.50
N LEU A 16 3.39 9.40 4.59
CA LEU A 16 2.01 9.00 4.81
C LEU A 16 1.91 7.49 4.93
N LEU A 17 2.71 6.79 4.13
CA LEU A 17 2.75 5.33 4.18
C LEU A 17 3.12 4.91 5.58
N LYS A 18 4.08 5.66 6.13
CA LYS A 18 4.52 5.46 7.50
C LYS A 18 3.46 5.93 8.49
N ARG A 19 2.71 6.96 8.11
CA ARG A 19 1.74 7.56 9.00
C ARG A 19 0.53 6.67 9.22
N LEU A 20 -0.14 6.27 8.15
CA LEU A 20 -1.29 5.40 8.32
C LEU A 20 -0.90 3.93 8.28
N GLN A 21 0.30 3.66 8.77
CA GLN A 21 0.81 2.30 8.94
C GLN A 21 -0.21 1.41 9.68
N PRO A 22 -0.76 1.85 10.83
CA PRO A 22 -1.71 1.04 11.61
C PRO A 22 -3.01 0.81 10.87
N GLU A 23 -3.50 1.84 10.20
CA GLU A 23 -4.74 1.75 9.43
C GLU A 23 -4.51 0.87 8.22
N PHE A 24 -3.26 0.82 7.77
CA PHE A 24 -2.90 -0.04 6.68
C PHE A 24 -2.87 -1.48 7.15
N LYS A 25 -2.15 -1.73 8.24
CA LYS A 25 -1.93 -3.08 8.70
C LYS A 25 -3.25 -3.76 9.05
N THR A 26 -4.24 -2.94 9.39
CA THR A 26 -5.50 -3.46 9.91
C THR A 26 -6.53 -3.71 8.80
N ARG A 27 -6.71 -2.70 7.96
CA ARG A 27 -7.78 -2.73 6.96
C ARG A 27 -7.30 -3.28 5.63
N ILE A 28 -5.99 -3.23 5.42
CA ILE A 28 -5.43 -3.64 4.14
C ILE A 28 -5.31 -5.14 4.01
N ILE A 29 -5.95 -5.65 2.98
CA ILE A 29 -5.68 -6.97 2.52
C ILE A 29 -4.54 -6.92 1.49
N PRO A 30 -3.36 -7.41 1.87
CA PRO A 30 -2.15 -7.35 1.02
C PRO A 30 -2.25 -8.23 -0.20
N THR A 31 -3.33 -8.99 -0.30
CA THR A 31 -3.59 -9.79 -1.47
C THR A 31 -4.42 -8.98 -2.47
N ASP A 32 -4.99 -7.87 -1.99
CA ASP A 32 -5.82 -7.04 -2.87
C ASP A 32 -5.10 -5.78 -3.32
N ILE A 33 -4.65 -4.93 -2.39
CA ILE A 33 -4.04 -3.65 -2.80
C ILE A 33 -2.77 -3.89 -3.60
N ILE A 34 -2.22 -5.07 -3.43
CA ILE A 34 -1.03 -5.48 -4.15
C ILE A 34 -1.29 -5.51 -5.65
N SER A 35 -2.54 -5.72 -6.06
CA SER A 35 -2.90 -5.78 -7.46
C SER A 35 -2.71 -4.44 -8.14
N ASP A 36 -3.08 -3.40 -7.43
CA ASP A 36 -2.94 -2.04 -7.92
C ASP A 36 -1.52 -1.58 -7.71
N LEU A 37 -0.98 -1.94 -6.56
CA LEU A 37 0.37 -1.59 -6.18
C LEU A 37 1.41 -2.27 -7.06
N SER A 38 1.22 -3.56 -7.34
CA SER A 38 2.16 -4.33 -8.16
C SER A 38 2.41 -3.69 -9.52
N GLU A 39 1.53 -2.77 -9.94
CA GLU A 39 1.77 -2.03 -11.17
C GLU A 39 2.99 -1.12 -11.02
N CYS A 40 3.34 -0.79 -9.78
CA CYS A 40 4.51 0.00 -9.48
C CYS A 40 5.57 -0.85 -8.78
N LEU A 41 5.13 -1.88 -8.08
CA LEU A 41 6.00 -2.68 -7.24
C LEU A 41 6.58 -3.88 -7.98
N ILE A 42 7.61 -4.46 -7.38
CA ILE A 42 8.30 -5.59 -7.96
C ILE A 42 7.86 -6.91 -7.34
N ASN A 43 7.76 -7.90 -8.23
CA ASN A 43 7.24 -9.24 -7.92
C ASN A 43 7.91 -9.88 -6.73
N GLN A 44 9.20 -9.63 -6.54
CA GLN A 44 9.95 -10.34 -5.52
C GLN A 44 9.31 -10.20 -4.14
N GLU A 45 9.12 -8.96 -3.71
CA GLU A 45 8.48 -8.71 -2.44
C GLU A 45 6.97 -8.88 -2.55
N CYS A 46 6.41 -8.58 -3.72
CA CYS A 46 4.97 -8.76 -3.94
C CYS A 46 4.56 -10.20 -3.64
N GLU A 47 5.35 -11.13 -4.12
CA GLU A 47 5.08 -12.54 -3.92
C GLU A 47 5.39 -12.96 -2.49
N GLU A 48 6.40 -12.32 -1.89
CA GLU A 48 6.74 -12.58 -0.49
C GLU A 48 5.58 -12.17 0.41
N ILE A 49 5.10 -10.96 0.20
CA ILE A 49 3.96 -10.42 0.95
C ILE A 49 2.76 -11.35 0.84
N LEU A 50 2.53 -11.89 -0.35
CA LEU A 50 1.42 -12.78 -0.61
C LEU A 50 1.59 -14.07 0.20
N GLN A 51 2.84 -14.43 0.45
CA GLN A 51 3.16 -15.61 1.24
C GLN A 51 2.87 -15.36 2.71
N ILE A 52 3.09 -14.13 3.15
CA ILE A 52 2.97 -13.82 4.57
C ILE A 52 1.54 -13.52 4.96
N CYS A 53 0.70 -13.10 4.01
CA CYS A 53 -0.73 -12.99 4.24
C CYS A 53 -1.25 -14.35 4.71
N SER A 54 -0.54 -15.36 4.28
CA SER A 54 -0.82 -16.74 4.61
C SER A 54 -0.14 -17.15 5.91
N THR A 55 1.18 -17.09 5.90
CA THR A 55 2.00 -17.60 6.98
C THR A 55 1.82 -16.81 8.27
N LYS A 56 1.78 -15.50 8.11
CA LYS A 56 1.71 -14.58 9.23
C LYS A 56 0.34 -13.98 9.41
N GLY A 57 -0.35 -13.77 8.30
CA GLY A 57 -1.63 -13.12 8.34
C GLY A 57 -1.66 -11.93 7.42
N MET A 58 -2.85 -11.54 7.00
CA MET A 58 -3.04 -10.40 6.11
C MET A 58 -2.33 -9.17 6.66
N MET A 59 -2.50 -8.91 7.94
CA MET A 59 -1.86 -7.78 8.62
C MET A 59 -0.35 -7.79 8.44
N ALA A 60 0.28 -8.95 8.66
CA ALA A 60 1.73 -9.04 8.55
C ALA A 60 2.16 -8.90 7.10
N GLY A 61 1.35 -9.46 6.20
CA GLY A 61 1.59 -9.28 4.79
C GLY A 61 1.49 -7.82 4.40
N ALA A 62 0.54 -7.12 5.01
CA ALA A 62 0.36 -5.70 4.77
C ALA A 62 1.52 -4.91 5.34
N GLU A 63 1.98 -5.33 6.51
CA GLU A 63 3.11 -4.69 7.14
C GLU A 63 4.34 -4.81 6.23
N LYS A 64 4.49 -5.97 5.62
CA LYS A 64 5.58 -6.25 4.68
C LYS A 64 5.38 -5.46 3.40
N LEU A 65 4.15 -5.24 3.06
CA LEU A 65 3.79 -4.59 1.82
C LEU A 65 4.05 -3.08 1.92
N VAL A 66 3.95 -2.54 3.13
CA VAL A 66 4.22 -1.13 3.38
C VAL A 66 5.67 -0.81 3.16
N GLU A 67 6.52 -1.59 3.81
CA GLU A 67 7.96 -1.40 3.75
C GLU A 67 8.44 -1.51 2.32
N CYS A 68 7.72 -2.31 1.54
CA CYS A 68 8.05 -2.52 0.16
C CYS A 68 7.59 -1.35 -0.70
N LEU A 69 6.40 -0.81 -0.41
CA LEU A 69 5.89 0.38 -1.10
C LEU A 69 6.90 1.52 -0.98
N LEU A 70 7.42 1.71 0.22
CA LEU A 70 8.39 2.74 0.51
C LEU A 70 9.65 2.62 -0.36
N ARG A 71 9.90 1.43 -0.91
CA ARG A 71 11.09 1.19 -1.72
C ARG A 71 10.85 1.58 -3.16
N SER A 72 9.59 1.73 -3.54
CA SER A 72 9.24 2.06 -4.90
C SER A 72 9.28 3.57 -5.09
N ASP A 73 9.73 4.01 -6.25
CA ASP A 73 9.79 5.44 -6.54
C ASP A 73 8.96 5.78 -7.77
N LYS A 74 7.79 5.18 -7.85
CA LYS A 74 6.80 5.53 -8.84
C LYS A 74 6.04 6.78 -8.36
N GLU A 75 5.25 7.36 -9.25
CA GLU A 75 4.27 8.34 -8.84
C GLU A 75 3.04 7.63 -8.33
N ASN A 76 2.71 6.54 -8.99
CA ASN A 76 1.45 5.88 -8.77
C ASN A 76 1.38 5.07 -7.48
N TRP A 77 2.50 4.57 -6.95
CA TRP A 77 2.45 3.57 -5.86
C TRP A 77 1.54 3.97 -4.68
N PRO A 78 1.61 5.22 -4.15
CA PRO A 78 0.78 5.59 -3.03
C PRO A 78 -0.66 5.85 -3.46
N LYS A 79 -0.85 5.99 -4.76
CA LYS A 79 -2.16 6.15 -5.32
C LYS A 79 -2.79 4.77 -5.55
N GLU A 80 -1.94 3.79 -5.85
CA GLU A 80 -2.36 2.39 -6.00
C GLU A 80 -3.06 1.95 -4.74
N LEU A 81 -2.60 2.53 -3.64
CA LEU A 81 -3.25 2.36 -2.36
C LEU A 81 -4.74 2.72 -2.39
N LYS A 82 -5.05 4.01 -2.59
CA LYS A 82 -6.45 4.44 -2.57
C LYS A 82 -7.21 3.78 -3.71
N LEU A 83 -6.53 3.63 -4.84
CA LEU A 83 -7.10 2.99 -6.01
C LEU A 83 -7.47 1.55 -5.74
N ALA A 84 -6.70 0.90 -4.89
CA ALA A 84 -6.95 -0.49 -4.60
C ALA A 84 -8.25 -0.63 -3.84
N LEU A 85 -8.37 0.14 -2.77
CA LEU A 85 -9.54 0.06 -1.91
C LEU A 85 -10.78 0.72 -2.52
N GLU A 86 -10.61 1.44 -3.62
CA GLU A 86 -11.78 1.94 -4.34
C GLU A 86 -12.31 0.81 -5.20
N LYS A 87 -11.38 0.00 -5.66
CA LYS A 87 -11.67 -1.12 -6.50
C LYS A 87 -12.25 -2.27 -5.69
N GLU A 88 -11.66 -2.53 -4.53
CA GLU A 88 -12.22 -3.49 -3.61
C GLU A 88 -13.42 -2.87 -2.88
N ARG A 89 -13.41 -1.53 -2.79
CA ARG A 89 -14.44 -0.77 -2.07
C ARG A 89 -14.31 -0.98 -0.56
N ASN A 90 -13.12 -0.68 -0.06
CA ASN A 90 -12.80 -0.84 1.36
C ASN A 90 -12.75 0.52 2.05
N LYS A 91 -12.86 0.52 3.37
CA LYS A 91 -12.86 1.75 4.16
C LYS A 91 -11.58 2.57 3.92
N PHE A 92 -10.43 1.89 3.84
CA PHE A 92 -9.11 2.55 3.83
C PHE A 92 -9.01 3.64 2.75
N SER A 93 -9.80 3.52 1.70
CA SER A 93 -9.74 4.48 0.59
C SER A 93 -10.01 5.91 1.05
N GLU A 94 -10.80 6.05 2.10
CA GLU A 94 -11.25 7.36 2.56
C GLU A 94 -10.21 8.10 3.39
N LEU A 95 -9.58 7.39 4.32
CA LEU A 95 -8.68 8.00 5.28
C LEU A 95 -7.28 8.22 4.70
N TRP A 96 -6.93 7.41 3.72
CA TRP A 96 -5.68 7.58 2.98
C TRP A 96 -5.70 8.88 2.17
N ILE A 97 -4.74 9.76 2.40
CA ILE A 97 -4.73 11.08 1.77
C ILE A 97 -3.76 11.14 0.58
N VAL A 98 -4.17 10.54 -0.53
CA VAL A 98 -3.37 10.56 -1.75
C VAL A 98 -4.13 11.36 -2.82
N GLU A 99 -3.59 11.47 -4.03
CA GLU A 99 -4.24 12.15 -5.13
C GLU A 99 -5.67 11.65 -5.38
N LYS A 100 -6.51 12.56 -5.85
CA LYS A 100 -7.91 12.26 -6.21
C LYS A 100 -8.66 11.67 -5.02
N LYS A 5 6.26 22.93 -1.13
CA LYS A 5 5.20 22.17 -1.78
C LYS A 5 5.70 21.49 -3.06
N LYS A 6 4.77 21.18 -3.96
CA LYS A 6 5.07 20.53 -5.23
C LYS A 6 5.58 19.11 -5.01
N ILE A 7 6.88 18.96 -4.80
CA ILE A 7 7.47 17.65 -4.57
C ILE A 7 7.17 17.20 -3.15
N GLU A 8 7.04 18.18 -2.26
CA GLU A 8 6.69 17.97 -0.86
C GLU A 8 5.45 17.08 -0.74
N LYS A 9 4.61 17.15 -1.77
CA LYS A 9 3.38 16.38 -1.81
C LYS A 9 3.66 14.92 -1.98
N LEU A 10 4.49 14.59 -2.94
CA LEU A 10 4.84 13.21 -3.20
C LEU A 10 5.71 12.72 -2.05
N GLU A 11 6.49 13.63 -1.50
CA GLU A 11 7.25 13.36 -0.31
C GLU A 11 6.32 12.97 0.84
N GLU A 12 5.16 13.63 0.89
CA GLU A 12 4.11 13.26 1.83
C GLU A 12 3.49 11.91 1.48
N TYR A 13 3.52 11.53 0.21
CA TYR A 13 3.00 10.22 -0.20
C TYR A 13 3.72 9.13 0.60
N ARG A 14 5.04 9.24 0.61
CA ARG A 14 5.89 8.33 1.38
C ARG A 14 5.69 8.54 2.89
N LEU A 15 5.52 9.78 3.30
CA LEU A 15 5.35 10.12 4.71
C LEU A 15 4.07 9.53 5.25
N LEU A 16 3.05 9.59 4.41
CA LEU A 16 1.73 9.12 4.71
C LEU A 16 1.71 7.61 4.81
N LEU A 17 2.51 6.97 3.97
CA LEU A 17 2.68 5.53 4.04
C LEU A 17 3.07 5.14 5.46
N LYS A 18 3.97 5.94 6.03
CA LYS A 18 4.36 5.78 7.42
C LYS A 18 3.21 6.14 8.37
N ARG A 19 2.39 7.09 7.96
CA ARG A 19 1.31 7.59 8.79
C ARG A 19 0.16 6.59 8.98
N LEU A 20 -0.42 6.13 7.87
CA LEU A 20 -1.61 5.29 7.96
C LEU A 20 -1.30 3.82 8.20
N GLN A 21 -0.15 3.53 8.78
CA GLN A 21 0.27 2.15 9.02
C GLN A 21 -0.71 1.33 9.87
N PRO A 22 -1.36 1.90 10.92
CA PRO A 22 -2.24 1.10 11.79
C PRO A 22 -3.49 0.59 11.08
N GLU A 23 -4.24 1.51 10.48
CA GLU A 23 -5.45 1.13 9.75
C GLU A 23 -5.08 0.44 8.46
N PHE A 24 -3.83 0.61 8.05
CA PHE A 24 -3.28 -0.13 6.93
C PHE A 24 -3.13 -1.59 7.31
N LYS A 25 -2.44 -1.82 8.41
CA LYS A 25 -2.07 -3.17 8.80
C LYS A 25 -3.31 -4.00 9.10
N THR A 26 -4.37 -3.33 9.53
CA THR A 26 -5.52 -4.01 10.06
C THR A 26 -6.63 -4.21 9.03
N ARG A 27 -6.75 -3.30 8.08
CA ARG A 27 -7.84 -3.36 7.11
C ARG A 27 -7.34 -3.74 5.72
N ILE A 28 -6.08 -3.47 5.47
CA ILE A 28 -5.47 -3.82 4.19
C ILE A 28 -5.23 -5.31 4.09
N ILE A 29 -5.99 -5.94 3.22
CA ILE A 29 -5.70 -7.29 2.84
C ILE A 29 -4.68 -7.30 1.71
N PRO A 30 -3.47 -7.80 2.01
CA PRO A 30 -2.34 -7.81 1.08
C PRO A 30 -2.58 -8.66 -0.16
N THR A 31 -3.72 -9.31 -0.24
CA THR A 31 -4.10 -10.01 -1.46
C THR A 31 -4.99 -9.13 -2.33
N ASP A 32 -5.54 -8.05 -1.74
CA ASP A 32 -6.43 -7.17 -2.51
C ASP A 32 -5.67 -6.02 -3.15
N ILE A 33 -5.16 -5.08 -2.32
CA ILE A 33 -4.49 -3.86 -2.85
C ILE A 33 -3.25 -4.20 -3.67
N ILE A 34 -2.68 -5.36 -3.40
CA ILE A 34 -1.46 -5.82 -4.02
C ILE A 34 -1.54 -5.79 -5.54
N SER A 35 -2.69 -6.10 -6.11
CA SER A 35 -2.85 -6.14 -7.55
C SER A 35 -2.69 -4.75 -8.14
N ASP A 36 -3.35 -3.79 -7.55
CA ASP A 36 -3.29 -2.43 -8.03
C ASP A 36 -1.90 -1.87 -7.77
N LEU A 37 -1.38 -2.21 -6.60
CA LEU A 37 -0.01 -1.86 -6.21
C LEU A 37 1.03 -2.49 -7.14
N SER A 38 0.84 -3.77 -7.44
CA SER A 38 1.81 -4.52 -8.25
C SER A 38 2.03 -3.91 -9.64
N GLU A 39 1.24 -2.92 -10.01
CA GLU A 39 1.50 -2.20 -11.25
C GLU A 39 2.64 -1.20 -11.08
N CYS A 40 3.11 -1.04 -9.84
CA CYS A 40 4.26 -0.21 -9.54
C CYS A 40 5.34 -1.03 -8.85
N LEU A 41 4.92 -2.05 -8.11
CA LEU A 41 5.83 -2.85 -7.31
C LEU A 41 6.51 -3.96 -8.09
N ILE A 42 7.66 -4.37 -7.57
CA ILE A 42 8.42 -5.45 -8.14
C ILE A 42 8.00 -6.79 -7.54
N ASN A 43 7.99 -7.79 -8.41
CA ASN A 43 7.48 -9.15 -8.13
C ASN A 43 8.08 -9.77 -6.89
N GLN A 44 9.36 -9.58 -6.65
CA GLN A 44 10.03 -10.23 -5.51
C GLN A 44 9.31 -9.97 -4.20
N GLU A 45 9.14 -8.70 -3.86
CA GLU A 45 8.44 -8.35 -2.64
C GLU A 45 6.92 -8.48 -2.80
N CYS A 46 6.42 -8.32 -4.02
CA CYS A 46 5.00 -8.53 -4.28
C CYS A 46 4.59 -9.93 -3.86
N GLU A 47 5.37 -10.90 -4.31
CA GLU A 47 5.12 -12.29 -4.01
C GLU A 47 5.47 -12.59 -2.55
N GLU A 48 6.41 -11.81 -2.00
CA GLU A 48 6.80 -11.95 -0.60
C GLU A 48 5.65 -11.55 0.33
N ILE A 49 5.05 -10.40 0.05
CA ILE A 49 3.90 -9.91 0.80
C ILE A 49 2.79 -10.97 0.82
N LEU A 50 2.54 -11.58 -0.33
CA LEU A 50 1.54 -12.61 -0.45
C LEU A 50 1.93 -13.85 0.34
N GLN A 51 3.22 -14.07 0.49
CA GLN A 51 3.73 -15.22 1.20
C GLN A 51 3.53 -15.06 2.70
N ILE A 52 3.61 -13.83 3.17
CA ILE A 52 3.52 -13.58 4.59
C ILE A 52 2.06 -13.42 5.02
N CYS A 53 1.20 -13.00 4.10
CA CYS A 53 -0.24 -13.01 4.35
C CYS A 53 -0.68 -14.44 4.66
N SER A 54 0.13 -15.34 4.16
CA SER A 54 -0.07 -16.77 4.30
C SER A 54 0.55 -17.26 5.61
N THR A 55 1.85 -17.05 5.71
CA THR A 55 2.63 -17.56 6.81
C THR A 55 2.33 -16.84 8.12
N LYS A 56 2.58 -15.55 8.11
CA LYS A 56 2.43 -14.70 9.27
C LYS A 56 0.99 -14.30 9.49
N GLY A 57 0.34 -13.95 8.40
CA GLY A 57 -1.02 -13.48 8.47
C GLY A 57 -1.23 -12.30 7.54
N MET A 58 -2.48 -12.07 7.16
CA MET A 58 -2.84 -10.97 6.27
C MET A 58 -2.26 -9.65 6.76
N MET A 59 -2.43 -9.37 8.04
CA MET A 59 -1.97 -8.11 8.60
C MET A 59 -0.45 -8.01 8.54
N ALA A 60 0.22 -9.14 8.68
CA ALA A 60 1.68 -9.16 8.64
C ALA A 60 2.16 -8.98 7.21
N GLY A 61 1.44 -9.56 6.27
CA GLY A 61 1.72 -9.35 4.86
C GLY A 61 1.49 -7.92 4.49
N ALA A 62 0.46 -7.31 5.07
CA ALA A 62 0.16 -5.91 4.85
C ALA A 62 1.25 -5.05 5.47
N GLU A 63 1.76 -5.49 6.62
CA GLU A 63 2.84 -4.80 7.28
C GLU A 63 4.04 -4.68 6.35
N LYS A 64 4.30 -5.77 5.65
CA LYS A 64 5.38 -5.84 4.68
C LYS A 64 5.07 -4.93 3.49
N LEU A 65 3.79 -4.76 3.24
CA LEU A 65 3.33 -4.02 2.09
C LEU A 65 3.62 -2.53 2.24
N VAL A 66 3.60 -2.03 3.47
CA VAL A 66 3.85 -0.60 3.69
C VAL A 66 5.30 -0.26 3.35
N GLU A 67 6.21 -1.09 3.83
CA GLU A 67 7.63 -0.91 3.54
C GLU A 67 7.92 -1.22 2.08
N CYS A 68 7.14 -2.14 1.53
CA CYS A 68 7.23 -2.51 0.12
C CYS A 68 6.96 -1.27 -0.73
N LEU A 69 5.91 -0.57 -0.38
CA LEU A 69 5.55 0.68 -1.01
C LEU A 69 6.66 1.70 -0.86
N LEU A 70 7.21 1.78 0.34
CA LEU A 70 8.32 2.68 0.62
C LEU A 70 9.54 2.36 -0.25
N ARG A 71 9.60 1.14 -0.77
CA ARG A 71 10.72 0.70 -1.59
C ARG A 71 10.43 0.90 -3.08
N SER A 72 9.28 1.48 -3.40
CA SER A 72 8.92 1.74 -4.77
C SER A 72 9.27 3.19 -5.14
N ASP A 73 9.75 3.39 -6.36
CA ASP A 73 10.07 4.73 -6.83
C ASP A 73 9.18 5.11 -8.01
N LYS A 74 7.89 4.81 -7.88
CA LYS A 74 6.92 5.21 -8.89
C LYS A 74 6.17 6.45 -8.41
N GLU A 75 5.40 7.07 -9.28
CA GLU A 75 4.44 8.08 -8.88
C GLU A 75 3.18 7.39 -8.41
N ASN A 76 2.79 6.37 -9.16
CA ASN A 76 1.51 5.72 -9.02
C ASN A 76 1.32 4.99 -7.69
N TRP A 77 2.40 4.41 -7.12
CA TRP A 77 2.24 3.44 -6.02
C TRP A 77 1.30 3.90 -4.87
N PRO A 78 1.41 5.15 -4.34
CA PRO A 78 0.55 5.57 -3.25
C PRO A 78 -0.88 5.84 -3.72
N LYS A 79 -1.04 6.03 -5.02
CA LYS A 79 -2.37 6.13 -5.62
C LYS A 79 -3.01 4.76 -5.64
N GLU A 80 -2.20 3.77 -5.98
CA GLU A 80 -2.64 2.39 -6.07
C GLU A 80 -3.28 1.96 -4.77
N LEU A 81 -2.83 2.52 -3.65
CA LEU A 81 -3.47 2.25 -2.37
C LEU A 81 -4.94 2.68 -2.36
N LYS A 82 -5.20 4.00 -2.34
CA LYS A 82 -6.58 4.49 -2.24
C LYS A 82 -7.40 3.95 -3.39
N LEU A 83 -6.75 3.92 -4.55
CA LEU A 83 -7.35 3.44 -5.77
C LEU A 83 -7.78 1.99 -5.62
N ALA A 84 -6.90 1.13 -5.11
CA ALA A 84 -7.25 -0.26 -4.88
C ALA A 84 -8.43 -0.37 -3.94
N LEU A 85 -8.41 0.39 -2.87
CA LEU A 85 -9.49 0.34 -1.88
C LEU A 85 -10.77 0.96 -2.42
N GLU A 86 -10.69 1.56 -3.58
CA GLU A 86 -11.89 2.03 -4.26
C GLU A 86 -12.54 0.87 -5.02
N LYS A 87 -11.73 0.04 -5.67
CA LYS A 87 -12.23 -1.16 -6.34
C LYS A 87 -12.60 -2.21 -5.31
N GLU A 88 -11.69 -2.40 -4.37
CA GLU A 88 -11.85 -3.30 -3.25
C GLU A 88 -12.81 -2.69 -2.22
N ARG A 89 -13.12 -1.41 -2.39
CA ARG A 89 -14.14 -0.73 -1.58
C ARG A 89 -13.93 -0.96 -0.08
N ASN A 90 -12.75 -0.58 0.41
CA ASN A 90 -12.43 -0.73 1.82
C ASN A 90 -12.45 0.62 2.54
N LYS A 91 -12.59 0.56 3.87
CA LYS A 91 -12.63 1.73 4.74
C LYS A 91 -11.37 2.58 4.59
N PHE A 92 -10.25 1.93 4.25
CA PHE A 92 -8.96 2.61 4.17
C PHE A 92 -8.93 3.69 3.07
N SER A 93 -9.80 3.56 2.07
CA SER A 93 -9.80 4.50 0.94
C SER A 93 -10.03 5.93 1.40
N GLU A 94 -10.86 6.10 2.42
CA GLU A 94 -11.19 7.44 2.93
C GLU A 94 -10.08 7.98 3.81
N LEU A 95 -9.26 7.08 4.30
CA LEU A 95 -8.20 7.42 5.24
C LEU A 95 -6.93 7.81 4.51
N TRP A 96 -6.82 7.35 3.27
CA TRP A 96 -5.61 7.53 2.50
C TRP A 96 -5.66 8.85 1.74
N ILE A 97 -4.69 9.72 2.03
CA ILE A 97 -4.67 11.04 1.44
C ILE A 97 -3.70 11.10 0.25
N VAL A 98 -4.06 10.46 -0.84
CA VAL A 98 -3.28 10.50 -2.06
C VAL A 98 -4.08 11.22 -3.14
N GLU A 99 -3.39 11.85 -4.08
CA GLU A 99 -4.05 12.54 -5.16
C GLU A 99 -3.76 11.88 -6.50
N LYS A 100 -4.40 12.37 -7.54
CA LYS A 100 -4.16 11.90 -8.90
C LYS A 100 -2.66 11.86 -9.23
N LYS A 5 5.67 24.13 -1.73
CA LYS A 5 5.36 22.75 -1.45
C LYS A 5 5.04 22.00 -2.75
N LYS A 6 5.94 22.08 -3.71
CA LYS A 6 5.73 21.49 -5.01
C LYS A 6 5.87 19.97 -4.96
N ILE A 7 7.08 19.51 -4.67
CA ILE A 7 7.35 18.07 -4.55
C ILE A 7 6.89 17.58 -3.20
N GLU A 8 6.75 18.50 -2.26
CA GLU A 8 6.30 18.20 -0.90
C GLU A 8 5.03 17.36 -0.93
N LYS A 9 4.24 17.56 -1.98
CA LYS A 9 2.95 16.91 -2.12
C LYS A 9 3.12 15.40 -2.20
N LEU A 10 4.00 14.99 -3.07
CA LEU A 10 4.28 13.58 -3.26
C LEU A 10 5.19 13.09 -2.14
N GLU A 11 6.02 13.98 -1.62
CA GLU A 11 6.81 13.70 -0.44
C GLU A 11 5.87 13.32 0.70
N GLU A 12 4.71 13.96 0.71
CA GLU A 12 3.64 13.64 1.63
C GLU A 12 3.13 12.24 1.40
N TYR A 13 2.99 11.86 0.13
CA TYR A 13 2.51 10.52 -0.23
C TYR A 13 3.37 9.43 0.42
N ARG A 14 4.67 9.69 0.52
CA ARG A 14 5.60 8.74 1.14
C ARG A 14 5.45 8.76 2.67
N LEU A 15 5.50 9.94 3.27
CA LEU A 15 5.39 10.07 4.72
C LEU A 15 4.02 9.58 5.18
N LEU A 16 3.07 9.64 4.26
CA LEU A 16 1.71 9.15 4.46
C LEU A 16 1.71 7.65 4.73
N LEU A 17 2.59 6.93 4.05
CA LEU A 17 2.69 5.47 4.22
C LEU A 17 3.21 5.19 5.61
N LYS A 18 4.13 6.03 6.03
CA LYS A 18 4.63 6.00 7.39
C LYS A 18 3.52 6.39 8.38
N ARG A 19 2.61 7.26 7.91
CA ARG A 19 1.53 7.77 8.75
C ARG A 19 0.47 6.71 9.04
N LEU A 20 -0.11 6.11 8.01
CA LEU A 20 -1.21 5.18 8.23
C LEU A 20 -0.74 3.73 8.31
N GLN A 21 0.45 3.51 8.86
CA GLN A 21 0.94 2.16 9.09
C GLN A 21 -0.10 1.28 9.81
N PRO A 22 -0.70 1.74 10.94
CA PRO A 22 -1.61 0.91 11.74
C PRO A 22 -2.92 0.59 11.02
N GLU A 23 -3.50 1.60 10.37
CA GLU A 23 -4.75 1.39 9.67
C GLU A 23 -4.51 0.67 8.37
N PHE A 24 -3.27 0.72 7.90
CA PHE A 24 -2.89 -0.09 6.76
C PHE A 24 -2.82 -1.54 7.19
N LYS A 25 -2.08 -1.79 8.25
CA LYS A 25 -1.79 -3.15 8.65
C LYS A 25 -3.07 -3.90 8.99
N THR A 26 -4.08 -3.18 9.45
CA THR A 26 -5.29 -3.79 9.96
C THR A 26 -6.39 -3.90 8.91
N ARG A 27 -6.55 -2.86 8.11
CA ARG A 27 -7.65 -2.81 7.14
C ARG A 27 -7.23 -3.36 5.80
N ILE A 28 -5.94 -3.33 5.53
CA ILE A 28 -5.41 -3.75 4.25
C ILE A 28 -5.28 -5.26 4.17
N ILE A 29 -5.94 -5.83 3.19
CA ILE A 29 -5.64 -7.16 2.76
C ILE A 29 -4.53 -7.09 1.72
N PRO A 30 -3.35 -7.62 2.05
CA PRO A 30 -2.17 -7.57 1.17
C PRO A 30 -2.35 -8.38 -0.10
N THR A 31 -3.44 -9.12 -0.22
CA THR A 31 -3.77 -9.77 -1.47
C THR A 31 -4.68 -8.85 -2.30
N ASP A 32 -5.23 -7.83 -1.64
CA ASP A 32 -6.16 -6.91 -2.27
C ASP A 32 -5.43 -5.78 -2.97
N ILE A 33 -4.77 -4.91 -2.20
CA ILE A 33 -4.12 -3.72 -2.75
C ILE A 33 -2.92 -4.09 -3.63
N ILE A 34 -2.38 -5.28 -3.38
CA ILE A 34 -1.19 -5.76 -4.07
C ILE A 34 -1.39 -5.83 -5.58
N SER A 35 -2.62 -6.04 -6.03
CA SER A 35 -2.90 -6.11 -7.46
C SER A 35 -2.72 -4.76 -8.10
N ASP A 36 -3.19 -3.73 -7.43
CA ASP A 36 -3.06 -2.38 -7.95
C ASP A 36 -1.62 -1.93 -7.77
N LEU A 37 -1.10 -2.21 -6.58
CA LEU A 37 0.27 -1.87 -6.22
C LEU A 37 1.29 -2.62 -7.08
N SER A 38 0.99 -3.87 -7.43
CA SER A 38 1.91 -4.66 -8.27
C SER A 38 2.27 -3.93 -9.56
N GLU A 39 1.51 -2.90 -9.93
CA GLU A 39 1.89 -2.08 -11.08
C GLU A 39 3.16 -1.27 -10.79
N CYS A 40 3.44 -0.97 -9.52
CA CYS A 40 4.68 -0.32 -9.13
C CYS A 40 5.62 -1.27 -8.40
N LEU A 41 5.08 -2.36 -7.87
CA LEU A 41 5.87 -3.31 -7.11
C LEU A 41 6.44 -4.41 -7.97
N ILE A 42 7.56 -4.92 -7.50
CA ILE A 42 8.27 -5.99 -8.16
C ILE A 42 7.85 -7.35 -7.62
N ASN A 43 7.97 -8.37 -8.44
CA ASN A 43 7.48 -9.73 -8.11
C ASN A 43 7.99 -10.23 -6.77
N GLN A 44 9.28 -10.12 -6.53
CA GLN A 44 9.91 -10.81 -5.41
C GLN A 44 9.20 -10.51 -4.09
N GLU A 45 9.04 -9.24 -3.74
CA GLU A 45 8.35 -8.88 -2.52
C GLU A 45 6.83 -9.00 -2.67
N CYS A 46 6.34 -8.81 -3.89
CA CYS A 46 4.91 -8.97 -4.16
C CYS A 46 4.45 -10.37 -3.77
N GLU A 47 5.20 -11.35 -4.22
CA GLU A 47 4.89 -12.74 -3.96
C GLU A 47 5.21 -13.10 -2.51
N GLU A 48 6.19 -12.39 -1.95
CA GLU A 48 6.60 -12.60 -0.55
C GLU A 48 5.48 -12.17 0.39
N ILE A 49 4.95 -10.98 0.16
CA ILE A 49 3.85 -10.45 0.93
C ILE A 49 2.65 -11.39 0.88
N LEU A 50 2.36 -11.91 -0.29
CA LEU A 50 1.24 -12.84 -0.48
C LEU A 50 1.49 -14.11 0.33
N GLN A 51 2.76 -14.43 0.51
CA GLN A 51 3.15 -15.61 1.27
C GLN A 51 2.94 -15.38 2.75
N ILE A 52 3.17 -14.16 3.20
CA ILE A 52 3.10 -13.87 4.61
C ILE A 52 1.67 -13.60 5.05
N CYS A 53 0.82 -13.16 4.13
CA CYS A 53 -0.61 -13.07 4.42
C CYS A 53 -1.12 -14.43 4.83
N SER A 54 -0.41 -15.43 4.35
CA SER A 54 -0.72 -16.83 4.58
C SER A 54 -0.06 -17.33 5.86
N THR A 55 1.25 -17.17 5.91
CA THR A 55 2.07 -17.72 6.97
C THR A 55 1.89 -16.95 8.28
N LYS A 56 2.08 -15.65 8.19
CA LYS A 56 2.00 -14.77 9.33
C LYS A 56 0.59 -14.27 9.56
N GLY A 57 -0.06 -13.91 8.47
CA GLY A 57 -1.39 -13.35 8.54
C GLY A 57 -1.50 -12.17 7.60
N MET A 58 -2.72 -11.85 7.21
CA MET A 58 -2.97 -10.74 6.29
C MET A 58 -2.31 -9.46 6.78
N MET A 59 -2.49 -9.16 8.06
CA MET A 59 -1.94 -7.93 8.63
C MET A 59 -0.42 -7.94 8.59
N ALA A 60 0.18 -9.12 8.69
CA ALA A 60 1.62 -9.24 8.63
C ALA A 60 2.10 -9.08 7.19
N GLY A 61 1.33 -9.65 6.28
CA GLY A 61 1.60 -9.46 4.86
C GLY A 61 1.50 -8.00 4.49
N ALA A 62 0.52 -7.31 5.06
CA ALA A 62 0.35 -5.88 4.84
C ALA A 62 1.52 -5.12 5.43
N GLU A 63 1.99 -5.58 6.60
CA GLU A 63 3.12 -4.95 7.25
C GLU A 63 4.39 -5.04 6.39
N LYS A 64 4.53 -6.14 5.67
CA LYS A 64 5.63 -6.32 4.73
C LYS A 64 5.38 -5.49 3.47
N LEU A 65 4.12 -5.26 3.21
CA LEU A 65 3.70 -4.62 1.98
C LEU A 65 3.87 -3.11 2.05
N VAL A 66 3.96 -2.55 3.25
CA VAL A 66 4.20 -1.13 3.38
C VAL A 66 5.61 -0.77 2.96
N GLU A 67 6.57 -1.58 3.39
CA GLU A 67 7.95 -1.36 3.00
C GLU A 67 8.13 -1.64 1.52
N CYS A 68 7.30 -2.54 1.00
CA CYS A 68 7.27 -2.86 -0.43
C CYS A 68 6.94 -1.59 -1.23
N LEU A 69 5.88 -0.89 -0.80
CA LEU A 69 5.47 0.35 -1.43
C LEU A 69 6.48 1.47 -1.17
N LEU A 70 6.90 1.60 0.08
CA LEU A 70 7.79 2.67 0.51
C LEU A 70 9.11 2.68 -0.27
N ARG A 71 9.57 1.52 -0.72
CA ARG A 71 10.84 1.44 -1.42
C ARG A 71 10.68 1.78 -2.89
N SER A 72 9.44 1.79 -3.37
CA SER A 72 9.17 2.11 -4.76
C SER A 72 9.08 3.62 -4.92
N ASP A 73 9.67 4.14 -5.99
CA ASP A 73 9.63 5.58 -6.24
C ASP A 73 8.82 5.87 -7.49
N LYS A 74 7.69 5.20 -7.61
CA LYS A 74 6.74 5.45 -8.67
C LYS A 74 5.87 6.65 -8.31
N GLU A 75 5.19 7.22 -9.29
CA GLU A 75 4.25 8.30 -9.01
C GLU A 75 2.98 7.74 -8.42
N ASN A 76 2.52 6.66 -8.99
CA ASN A 76 1.21 6.17 -8.68
C ASN A 76 1.18 5.15 -7.55
N TRP A 77 2.33 4.73 -7.02
CA TRP A 77 2.33 3.71 -5.96
C TRP A 77 1.38 4.06 -4.79
N PRO A 78 1.35 5.31 -4.27
CA PRO A 78 0.47 5.62 -3.17
C PRO A 78 -0.94 5.85 -3.66
N LYS A 79 -1.07 6.06 -4.95
CA LYS A 79 -2.35 6.17 -5.57
C LYS A 79 -2.97 4.78 -5.69
N GLU A 80 -2.12 3.77 -5.96
CA GLU A 80 -2.52 2.36 -6.00
C GLU A 80 -3.15 1.97 -4.68
N LEU A 81 -2.64 2.56 -3.61
CA LEU A 81 -3.23 2.38 -2.30
C LEU A 81 -4.71 2.75 -2.26
N LYS A 82 -5.03 4.04 -2.35
CA LYS A 82 -6.42 4.47 -2.27
C LYS A 82 -7.24 3.86 -3.40
N LEU A 83 -6.61 3.75 -4.55
CA LEU A 83 -7.24 3.26 -5.76
C LEU A 83 -7.66 1.81 -5.60
N ALA A 84 -6.79 0.97 -5.05
CA ALA A 84 -7.11 -0.43 -4.85
C ALA A 84 -8.30 -0.59 -3.94
N LEU A 85 -8.31 0.15 -2.84
CA LEU A 85 -9.40 0.07 -1.89
C LEU A 85 -10.65 0.76 -2.43
N GLU A 86 -10.50 1.45 -3.53
CA GLU A 86 -11.63 2.00 -4.25
C GLU A 86 -12.32 0.91 -5.06
N LYS A 87 -11.54 0.13 -5.79
CA LYS A 87 -12.07 -0.98 -6.56
C LYS A 87 -12.53 -2.10 -5.63
N GLU A 88 -11.68 -2.41 -4.68
CA GLU A 88 -11.96 -3.42 -3.67
C GLU A 88 -12.86 -2.87 -2.58
N ARG A 89 -13.09 -1.55 -2.64
CA ARG A 89 -14.09 -0.85 -1.83
C ARG A 89 -13.88 -1.01 -0.31
N ASN A 90 -12.64 -0.88 0.13
CA ASN A 90 -12.32 -0.95 1.55
C ASN A 90 -12.28 0.46 2.13
N LYS A 91 -12.58 0.56 3.43
CA LYS A 91 -12.65 1.84 4.13
C LYS A 91 -11.35 2.61 4.07
N PHE A 92 -10.23 1.90 3.94
CA PHE A 92 -8.91 2.52 3.98
C PHE A 92 -8.78 3.60 2.90
N SER A 93 -9.55 3.42 1.82
CA SER A 93 -9.52 4.35 0.70
C SER A 93 -9.90 5.76 1.17
N GLU A 94 -10.72 5.85 2.20
CA GLU A 94 -11.21 7.14 2.69
C GLU A 94 -10.24 7.75 3.70
N LEU A 95 -9.37 6.92 4.26
CA LEU A 95 -8.41 7.40 5.24
C LEU A 95 -7.11 7.79 4.57
N TRP A 96 -6.79 7.11 3.49
CA TRP A 96 -5.57 7.34 2.75
C TRP A 96 -5.65 8.68 2.00
N ILE A 97 -4.68 9.55 2.25
CA ILE A 97 -4.73 10.90 1.69
C ILE A 97 -3.84 11.03 0.45
N VAL A 98 -4.23 10.38 -0.64
CA VAL A 98 -3.53 10.51 -1.91
C VAL A 98 -4.47 11.13 -2.93
N GLU A 99 -3.93 11.96 -3.80
CA GLU A 99 -4.73 12.62 -4.82
C GLU A 99 -4.07 12.50 -6.19
N LYS A 100 -4.89 12.48 -7.23
CA LYS A 100 -4.43 12.47 -8.63
C LYS A 100 -3.40 11.38 -8.87
N LYS A 5 4.11 22.83 -2.59
CA LYS A 5 3.65 21.47 -2.78
C LYS A 5 3.99 20.96 -4.17
N LYS A 6 5.21 21.21 -4.60
CA LYS A 6 5.67 20.71 -5.90
C LYS A 6 5.99 19.22 -5.77
N ILE A 7 7.09 18.92 -5.11
CA ILE A 7 7.45 17.52 -4.85
C ILE A 7 7.04 17.13 -3.46
N GLU A 8 6.90 18.13 -2.59
CA GLU A 8 6.55 17.90 -1.19
C GLU A 8 5.22 17.16 -1.10
N LYS A 9 4.42 17.23 -2.15
CA LYS A 9 3.12 16.58 -2.18
C LYS A 9 3.32 15.08 -2.18
N LEU A 10 4.17 14.62 -3.06
CA LEU A 10 4.51 13.21 -3.15
C LEU A 10 5.39 12.82 -1.97
N GLU A 11 6.15 13.78 -1.48
CA GLU A 11 6.90 13.60 -0.25
C GLU A 11 5.96 13.25 0.88
N GLU A 12 4.79 13.87 0.87
CA GLU A 12 3.75 13.55 1.82
C GLU A 12 3.19 12.17 1.54
N TYR A 13 3.20 11.74 0.27
CA TYR A 13 2.78 10.38 -0.09
C TYR A 13 3.63 9.36 0.66
N ARG A 14 4.94 9.63 0.74
CA ARG A 14 5.88 8.76 1.44
C ARG A 14 5.66 8.80 2.95
N LEU A 15 5.67 10.00 3.52
CA LEU A 15 5.55 10.15 4.96
C LEU A 15 4.19 9.66 5.43
N LEU A 16 3.21 9.74 4.54
CA LEU A 16 1.87 9.28 4.83
C LEU A 16 1.86 7.78 5.04
N LEU A 17 2.67 7.06 4.24
CA LEU A 17 2.78 5.61 4.38
C LEU A 17 3.28 5.31 5.77
N LYS A 18 4.20 6.15 6.23
CA LYS A 18 4.76 6.07 7.56
C LYS A 18 3.71 6.48 8.59
N ARG A 19 2.82 7.38 8.21
CA ARG A 19 1.79 7.89 9.10
C ARG A 19 0.71 6.87 9.38
N LEU A 20 0.06 6.36 8.34
CA LEU A 20 -1.05 5.42 8.56
C LEU A 20 -0.60 3.96 8.52
N GLN A 21 0.60 3.70 9.01
CA GLN A 21 1.07 2.31 9.15
C GLN A 21 0.05 1.42 9.89
N PRO A 22 -0.49 1.87 11.05
CA PRO A 22 -1.40 1.04 11.83
C PRO A 22 -2.73 0.79 11.11
N GLU A 23 -3.20 1.80 10.41
CA GLU A 23 -4.45 1.67 9.65
C GLU A 23 -4.20 0.82 8.43
N PHE A 24 -2.99 0.88 7.91
CA PHE A 24 -2.63 0.01 6.81
C PHE A 24 -2.60 -1.43 7.27
N LYS A 25 -1.89 -1.67 8.36
CA LYS A 25 -1.65 -3.02 8.82
C LYS A 25 -2.97 -3.71 9.19
N THR A 26 -3.98 -2.91 9.51
CA THR A 26 -5.27 -3.43 9.94
C THR A 26 -6.29 -3.48 8.80
N ARG A 27 -6.52 -2.33 8.18
CA ARG A 27 -7.59 -2.18 7.18
C ARG A 27 -7.22 -2.90 5.88
N ILE A 28 -5.93 -3.02 5.62
CA ILE A 28 -5.43 -3.58 4.37
C ILE A 28 -5.50 -5.08 4.32
N ILE A 29 -5.84 -5.55 3.13
CA ILE A 29 -5.66 -6.90 2.74
C ILE A 29 -4.59 -6.93 1.66
N PRO A 30 -3.40 -7.45 2.01
CA PRO A 30 -2.25 -7.52 1.10
C PRO A 30 -2.58 -8.14 -0.23
N THR A 31 -3.56 -9.02 -0.26
CA THR A 31 -3.92 -9.72 -1.47
C THR A 31 -4.84 -8.85 -2.33
N ASP A 32 -5.39 -7.80 -1.72
CA ASP A 32 -6.32 -6.92 -2.39
C ASP A 32 -5.59 -5.75 -3.04
N ILE A 33 -4.88 -4.95 -2.25
CA ILE A 33 -4.22 -3.75 -2.77
C ILE A 33 -2.99 -4.09 -3.61
N ILE A 34 -2.48 -5.29 -3.43
CA ILE A 34 -1.25 -5.74 -4.09
C ILE A 34 -1.36 -5.73 -5.61
N SER A 35 -2.51 -6.09 -6.15
CA SER A 35 -2.68 -6.15 -7.59
C SER A 35 -2.58 -4.78 -8.22
N ASP A 36 -3.19 -3.82 -7.57
CA ASP A 36 -3.17 -2.45 -8.05
C ASP A 36 -1.79 -1.87 -7.81
N LEU A 37 -1.26 -2.14 -6.62
CA LEU A 37 0.10 -1.77 -6.26
C LEU A 37 1.11 -2.41 -7.20
N SER A 38 0.88 -3.66 -7.54
CA SER A 38 1.75 -4.44 -8.43
C SER A 38 2.08 -3.69 -9.72
N GLU A 39 1.33 -2.66 -10.06
CA GLU A 39 1.67 -1.85 -11.22
C GLU A 39 2.90 -0.95 -10.95
N CYS A 40 3.24 -0.79 -9.68
CA CYS A 40 4.39 -0.02 -9.28
C CYS A 40 5.45 -0.89 -8.59
N LEU A 41 5.01 -1.99 -8.00
CA LEU A 41 5.92 -2.87 -7.26
C LEU A 41 6.28 -4.11 -8.04
N ILE A 42 7.44 -4.62 -7.71
CA ILE A 42 8.00 -5.78 -8.39
C ILE A 42 7.58 -7.08 -7.73
N ASN A 43 7.52 -8.10 -8.57
CA ASN A 43 6.99 -9.44 -8.23
C ASN A 43 7.61 -10.05 -6.99
N GLN A 44 8.90 -9.87 -6.79
CA GLN A 44 9.58 -10.51 -5.66
C GLN A 44 8.94 -10.12 -4.33
N GLU A 45 8.82 -8.82 -4.09
CA GLU A 45 8.15 -8.34 -2.89
C GLU A 45 6.64 -8.58 -2.94
N CYS A 46 6.06 -8.47 -4.13
CA CYS A 46 4.63 -8.70 -4.31
C CYS A 46 4.25 -10.10 -3.84
N GLU A 47 5.00 -11.07 -4.31
CA GLU A 47 4.75 -12.47 -3.99
C GLU A 47 5.20 -12.77 -2.56
N GLU A 48 6.17 -12.01 -2.08
CA GLU A 48 6.61 -12.10 -0.68
C GLU A 48 5.44 -11.80 0.24
N ILE A 49 4.85 -10.64 0.03
CA ILE A 49 3.72 -10.19 0.84
C ILE A 49 2.56 -11.20 0.77
N LEU A 50 2.31 -11.72 -0.43
CA LEU A 50 1.24 -12.68 -0.63
C LEU A 50 1.53 -13.94 0.19
N GLN A 51 2.80 -14.25 0.33
CA GLN A 51 3.23 -15.40 1.10
C GLN A 51 2.94 -15.17 2.58
N ILE A 52 3.19 -13.97 3.05
CA ILE A 52 3.08 -13.69 4.47
C ILE A 52 1.63 -13.43 4.88
N CYS A 53 0.80 -12.96 3.95
CA CYS A 53 -0.64 -12.86 4.20
C CYS A 53 -1.17 -14.24 4.59
N SER A 54 -0.45 -15.23 4.12
CA SER A 54 -0.76 -16.63 4.35
C SER A 54 -0.08 -17.14 5.62
N THR A 55 1.24 -17.03 5.62
CA THR A 55 2.07 -17.61 6.66
C THR A 55 1.92 -16.88 7.99
N LYS A 56 1.88 -15.57 7.90
CA LYS A 56 1.89 -14.72 9.07
C LYS A 56 0.53 -14.10 9.33
N GLY A 57 -0.20 -13.85 8.25
CA GLY A 57 -1.49 -13.21 8.35
C GLY A 57 -1.56 -11.99 7.47
N MET A 58 -2.77 -11.63 7.06
CA MET A 58 -2.98 -10.46 6.20
C MET A 58 -2.30 -9.23 6.80
N MET A 59 -2.50 -9.00 8.08
CA MET A 59 -1.88 -7.85 8.76
C MET A 59 -0.37 -7.87 8.61
N ALA A 60 0.23 -9.06 8.73
CA ALA A 60 1.67 -9.20 8.63
C ALA A 60 2.13 -8.98 7.20
N GLY A 61 1.33 -9.47 6.26
CA GLY A 61 1.60 -9.24 4.86
C GLY A 61 1.49 -7.77 4.50
N ALA A 62 0.53 -7.08 5.12
CA ALA A 62 0.36 -5.65 4.94
C ALA A 62 1.56 -4.92 5.53
N GLU A 63 2.00 -5.39 6.69
CA GLU A 63 3.16 -4.82 7.35
C GLU A 63 4.41 -4.94 6.47
N LYS A 64 4.48 -6.04 5.71
CA LYS A 64 5.58 -6.25 4.77
C LYS A 64 5.40 -5.38 3.53
N LEU A 65 4.16 -5.10 3.22
CA LEU A 65 3.81 -4.44 1.99
C LEU A 65 4.06 -2.94 2.07
N VAL A 66 4.10 -2.39 3.28
CA VAL A 66 4.36 -0.95 3.44
C VAL A 66 5.83 -0.64 3.15
N GLU A 67 6.73 -1.49 3.63
CA GLU A 67 8.14 -1.30 3.36
C GLU A 67 8.42 -1.55 1.88
N CYS A 68 7.59 -2.40 1.28
CA CYS A 68 7.64 -2.69 -0.12
C CYS A 68 7.16 -1.49 -0.94
N LEU A 69 6.19 -0.76 -0.40
CA LEU A 69 5.71 0.47 -1.00
C LEU A 69 6.73 1.60 -0.84
N LEU A 70 7.22 1.77 0.37
CA LEU A 70 8.16 2.84 0.68
C LEU A 70 9.47 2.69 -0.10
N ARG A 71 9.81 1.46 -0.48
CA ARG A 71 11.01 1.23 -1.30
C ARG A 71 10.68 1.45 -2.78
N SER A 72 9.40 1.44 -3.09
CA SER A 72 8.92 1.69 -4.43
C SER A 72 8.97 3.18 -4.72
N ASP A 73 9.74 3.56 -5.73
CA ASP A 73 9.90 4.98 -6.05
C ASP A 73 9.11 5.34 -7.29
N LYS A 74 7.84 4.98 -7.28
CA LYS A 74 6.92 5.33 -8.34
C LYS A 74 6.09 6.54 -7.92
N GLU A 75 5.34 7.10 -8.86
CA GLU A 75 4.37 8.13 -8.54
C GLU A 75 3.11 7.49 -8.02
N ASN A 76 2.72 6.42 -8.68
CA ASN A 76 1.42 5.83 -8.46
C ASN A 76 1.32 4.98 -7.21
N TRP A 77 2.44 4.49 -6.66
CA TRP A 77 2.36 3.51 -5.56
C TRP A 77 1.41 3.95 -4.41
N PRO A 78 1.46 5.22 -3.93
CA PRO A 78 0.60 5.64 -2.83
C PRO A 78 -0.84 5.79 -3.29
N LYS A 79 -0.99 6.00 -4.59
CA LYS A 79 -2.27 6.10 -5.21
C LYS A 79 -2.89 4.71 -5.30
N GLU A 80 -2.04 3.72 -5.59
CA GLU A 80 -2.47 2.32 -5.68
C GLU A 80 -3.16 1.90 -4.41
N LEU A 81 -2.70 2.43 -3.27
CA LEU A 81 -3.39 2.15 -2.00
C LEU A 81 -4.87 2.52 -2.06
N LYS A 82 -5.16 3.82 -2.07
CA LYS A 82 -6.56 4.27 -2.06
C LYS A 82 -7.30 3.74 -3.29
N LEU A 83 -6.57 3.67 -4.38
CA LEU A 83 -7.10 3.29 -5.68
C LEU A 83 -7.58 1.84 -5.63
N ALA A 84 -6.76 0.95 -5.09
CA ALA A 84 -7.14 -0.45 -4.97
C ALA A 84 -8.40 -0.60 -4.16
N LEU A 85 -8.46 0.09 -3.03
CA LEU A 85 -9.62 0.02 -2.16
C LEU A 85 -10.80 0.77 -2.77
N GLU A 86 -10.56 1.46 -3.87
CA GLU A 86 -11.63 2.07 -4.65
C GLU A 86 -12.29 1.02 -5.55
N LYS A 87 -11.48 0.18 -6.17
CA LYS A 87 -11.99 -0.92 -6.99
C LYS A 87 -12.53 -2.03 -6.10
N GLU A 88 -11.73 -2.37 -5.11
CA GLU A 88 -12.08 -3.37 -4.11
C GLU A 88 -13.06 -2.81 -3.09
N ARG A 89 -13.22 -1.48 -3.13
CA ARG A 89 -14.19 -0.74 -2.32
C ARG A 89 -14.08 -1.07 -0.84
N ASN A 90 -12.86 -1.11 -0.34
CA ASN A 90 -12.60 -1.45 1.05
C ASN A 90 -12.32 -0.16 1.84
N LYS A 91 -12.55 -0.22 3.15
CA LYS A 91 -12.62 0.97 4.00
C LYS A 91 -11.37 1.86 3.97
N PHE A 92 -10.19 1.26 3.78
CA PHE A 92 -8.93 2.00 3.87
C PHE A 92 -8.87 3.17 2.87
N SER A 93 -9.68 3.09 1.82
CA SER A 93 -9.71 4.14 0.79
C SER A 93 -10.08 5.50 1.38
N GLU A 94 -10.87 5.48 2.45
CA GLU A 94 -11.44 6.70 3.01
C GLU A 94 -10.42 7.48 3.83
N LEU A 95 -9.69 6.78 4.68
CA LEU A 95 -8.78 7.41 5.63
C LEU A 95 -7.42 7.76 4.99
N TRP A 96 -7.00 6.96 4.02
CA TRP A 96 -5.77 7.22 3.27
C TRP A 96 -5.94 8.47 2.40
N ILE A 97 -4.97 9.39 2.48
CA ILE A 97 -5.10 10.68 1.80
C ILE A 97 -4.10 10.81 0.64
N VAL A 98 -4.41 10.19 -0.48
CA VAL A 98 -3.57 10.29 -1.67
C VAL A 98 -4.41 10.84 -2.82
N GLU A 99 -3.76 11.53 -3.75
CA GLU A 99 -4.43 12.01 -4.94
C GLU A 99 -3.69 11.56 -6.19
N LYS A 100 -4.25 11.89 -7.33
CA LYS A 100 -3.62 11.61 -8.63
C LYS A 100 -2.25 12.27 -8.73
N LYS A 5 5.17 24.04 -1.98
CA LYS A 5 4.73 22.72 -1.56
C LYS A 5 4.34 21.88 -2.78
N LYS A 6 5.18 21.91 -3.81
CA LYS A 6 4.91 21.18 -5.03
C LYS A 6 5.24 19.71 -4.85
N ILE A 7 6.51 19.46 -4.56
CA ILE A 7 7.02 18.11 -4.41
C ILE A 7 6.70 17.56 -3.05
N GLU A 8 6.44 18.45 -2.09
CA GLU A 8 6.15 18.05 -0.72
C GLU A 8 4.94 17.13 -0.69
N LYS A 9 4.14 17.18 -1.74
CA LYS A 9 2.95 16.36 -1.83
C LYS A 9 3.36 14.90 -2.03
N LEU A 10 4.31 14.70 -2.93
CA LEU A 10 4.86 13.37 -3.18
C LEU A 10 5.69 12.95 -1.96
N GLU A 11 6.30 13.93 -1.33
CA GLU A 11 6.98 13.72 -0.06
C GLU A 11 5.98 13.20 0.98
N GLU A 12 4.75 13.69 0.89
CA GLU A 12 3.67 13.20 1.74
C GLU A 12 3.25 11.81 1.32
N TYR A 13 3.49 11.42 0.08
CA TYR A 13 3.19 10.07 -0.37
C TYR A 13 3.95 9.08 0.50
N ARG A 14 5.24 9.34 0.64
CA ARG A 14 6.11 8.55 1.51
C ARG A 14 5.71 8.73 2.99
N LEU A 15 5.36 9.96 3.35
CA LEU A 15 5.07 10.31 4.74
C LEU A 15 3.80 9.60 5.20
N LEU A 16 2.81 9.64 4.33
CA LEU A 16 1.50 9.05 4.55
C LEU A 16 1.63 7.55 4.77
N LEU A 17 2.52 6.94 4.00
CA LEU A 17 2.84 5.52 4.12
C LEU A 17 3.23 5.19 5.55
N LYS A 18 4.16 5.97 6.08
CA LYS A 18 4.59 5.83 7.45
C LYS A 18 3.45 6.14 8.41
N ARG A 19 2.58 7.04 8.00
CA ARG A 19 1.52 7.54 8.85
C ARG A 19 0.40 6.54 9.07
N LEU A 20 -0.20 6.02 8.00
CA LEU A 20 -1.36 5.14 8.20
C LEU A 20 -0.98 3.68 8.20
N GLN A 21 0.21 3.37 8.71
CA GLN A 21 0.63 1.98 8.87
C GLN A 21 -0.38 1.16 9.71
N PRO A 22 -0.90 1.69 10.84
CA PRO A 22 -1.84 0.93 11.69
C PRO A 22 -3.16 0.65 10.99
N GLU A 23 -3.73 1.65 10.34
CA GLU A 23 -4.97 1.45 9.63
C GLU A 23 -4.72 0.60 8.40
N PHE A 24 -3.50 0.65 7.90
CA PHE A 24 -3.10 -0.20 6.81
C PHE A 24 -3.08 -1.65 7.27
N LYS A 25 -2.41 -1.88 8.38
CA LYS A 25 -2.20 -3.24 8.85
C LYS A 25 -3.52 -3.88 9.27
N THR A 26 -4.54 -3.05 9.49
CA THR A 26 -5.83 -3.54 9.94
C THR A 26 -6.87 -3.58 8.82
N ARG A 27 -6.85 -2.59 7.94
CA ARG A 27 -7.84 -2.47 6.87
C ARG A 27 -7.41 -3.21 5.63
N ILE A 28 -6.10 -3.33 5.46
CA ILE A 28 -5.54 -3.84 4.24
C ILE A 28 -5.40 -5.36 4.24
N ILE A 29 -6.05 -5.98 3.29
CA ILE A 29 -5.73 -7.33 2.92
C ILE A 29 -4.70 -7.33 1.80
N PRO A 30 -3.47 -7.76 2.11
CA PRO A 30 -2.33 -7.74 1.18
C PRO A 30 -2.50 -8.64 -0.03
N THR A 31 -3.59 -9.39 -0.11
CA THR A 31 -3.88 -10.13 -1.31
C THR A 31 -4.75 -9.32 -2.26
N ASP A 32 -5.35 -8.24 -1.76
CA ASP A 32 -6.20 -7.40 -2.64
C ASP A 32 -5.42 -6.21 -3.19
N ILE A 33 -5.03 -5.25 -2.32
CA ILE A 33 -4.42 -4.00 -2.79
C ILE A 33 -3.13 -4.26 -3.57
N ILE A 34 -2.55 -5.43 -3.33
CA ILE A 34 -1.32 -5.84 -3.96
C ILE A 34 -1.45 -5.89 -5.48
N SER A 35 -2.67 -6.06 -5.97
CA SER A 35 -2.92 -6.11 -7.41
C SER A 35 -2.64 -4.76 -8.05
N ASP A 36 -3.21 -3.72 -7.45
CA ASP A 36 -3.03 -2.37 -7.95
C ASP A 36 -1.61 -1.93 -7.67
N LEU A 37 -1.15 -2.23 -6.47
CA LEU A 37 0.22 -1.97 -6.08
C LEU A 37 1.21 -2.66 -7.02
N SER A 38 0.95 -3.92 -7.33
CA SER A 38 1.84 -4.70 -8.20
C SER A 38 2.08 -4.04 -9.54
N GLU A 39 1.29 -3.02 -9.87
CA GLU A 39 1.52 -2.25 -11.09
C GLU A 39 2.72 -1.31 -10.92
N CYS A 40 3.10 -1.06 -9.68
CA CYS A 40 4.27 -0.26 -9.36
C CYS A 40 5.34 -1.09 -8.63
N LEU A 41 4.91 -2.20 -8.04
CA LEU A 41 5.84 -3.08 -7.32
C LEU A 41 6.33 -4.20 -8.19
N ILE A 42 7.46 -4.73 -7.76
CA ILE A 42 8.12 -5.81 -8.45
C ILE A 42 7.74 -7.17 -7.86
N ASN A 43 7.90 -8.20 -8.66
CA ASN A 43 7.45 -9.56 -8.31
C ASN A 43 7.95 -10.03 -6.95
N GLN A 44 9.24 -9.90 -6.70
CA GLN A 44 9.86 -10.50 -5.51
C GLN A 44 9.12 -10.12 -4.22
N GLU A 45 8.96 -8.83 -4.00
CA GLU A 45 8.30 -8.35 -2.79
C GLU A 45 6.78 -8.52 -2.89
N CYS A 46 6.26 -8.40 -4.11
CA CYS A 46 4.83 -8.59 -4.36
C CYS A 46 4.40 -9.97 -3.91
N GLU A 47 5.16 -10.97 -4.34
CA GLU A 47 4.84 -12.35 -4.03
C GLU A 47 5.19 -12.67 -2.58
N GLU A 48 6.15 -11.92 -2.03
CA GLU A 48 6.55 -12.09 -0.63
C GLU A 48 5.41 -11.64 0.28
N ILE A 49 4.80 -10.52 -0.04
CA ILE A 49 3.67 -10.00 0.72
C ILE A 49 2.49 -10.96 0.64
N LEU A 50 2.29 -11.54 -0.53
CA LEU A 50 1.24 -12.54 -0.74
C LEU A 50 1.56 -13.79 0.09
N GLN A 51 2.84 -14.02 0.30
CA GLN A 51 3.30 -15.16 1.06
C GLN A 51 3.01 -14.96 2.53
N ILE A 52 3.40 -13.81 3.03
CA ILE A 52 3.29 -13.53 4.45
C ILE A 52 1.83 -13.30 4.88
N CYS A 53 0.97 -12.88 3.97
CA CYS A 53 -0.47 -12.81 4.25
C CYS A 53 -0.97 -14.18 4.70
N SER A 54 -0.23 -15.17 4.27
CA SER A 54 -0.51 -16.56 4.54
C SER A 54 0.24 -17.02 5.78
N THR A 55 1.56 -16.93 5.68
CA THR A 55 2.47 -17.48 6.67
C THR A 55 2.35 -16.77 8.01
N LYS A 56 2.63 -15.48 7.98
CA LYS A 56 2.59 -14.64 9.16
C LYS A 56 1.18 -14.19 9.47
N GLY A 57 0.47 -13.82 8.43
CA GLY A 57 -0.86 -13.30 8.57
C GLY A 57 -1.09 -12.14 7.64
N MET A 58 -2.33 -11.91 7.28
CA MET A 58 -2.70 -10.82 6.37
C MET A 58 -2.19 -9.48 6.89
N MET A 59 -2.37 -9.25 8.19
CA MET A 59 -1.87 -8.03 8.82
C MET A 59 -0.35 -7.92 8.68
N ALA A 60 0.32 -9.06 8.76
CA ALA A 60 1.77 -9.08 8.63
C ALA A 60 2.19 -8.86 7.18
N GLY A 61 1.43 -9.44 6.26
CA GLY A 61 1.66 -9.22 4.85
C GLY A 61 1.43 -7.77 4.48
N ALA A 62 0.44 -7.16 5.12
CA ALA A 62 0.15 -5.75 4.92
C ALA A 62 1.29 -4.92 5.49
N GLU A 63 1.78 -5.31 6.66
CA GLU A 63 2.89 -4.63 7.28
C GLU A 63 4.14 -4.72 6.41
N LYS A 64 4.27 -5.86 5.73
CA LYS A 64 5.36 -6.09 4.77
C LYS A 64 5.17 -5.21 3.54
N LEU A 65 3.93 -4.90 3.27
CA LEU A 65 3.56 -4.18 2.08
C LEU A 65 3.92 -2.70 2.20
N VAL A 66 3.88 -2.16 3.42
CA VAL A 66 4.17 -0.75 3.60
C VAL A 66 5.66 -0.48 3.37
N GLU A 67 6.50 -1.39 3.85
CA GLU A 67 7.93 -1.29 3.62
C GLU A 67 8.24 -1.53 2.14
N CYS A 68 7.39 -2.33 1.50
CA CYS A 68 7.48 -2.61 0.08
C CYS A 68 7.27 -1.33 -0.72
N LEU A 69 6.22 -0.62 -0.35
CA LEU A 69 5.82 0.60 -1.03
C LEU A 69 6.90 1.66 -0.91
N LEU A 70 7.45 1.74 0.27
CA LEU A 70 8.52 2.69 0.57
C LEU A 70 9.76 2.45 -0.30
N ARG A 71 9.89 1.26 -0.85
CA ARG A 71 11.04 0.94 -1.70
C ARG A 71 10.73 1.19 -3.16
N SER A 72 9.46 1.44 -3.46
CA SER A 72 9.05 1.67 -4.84
C SER A 72 9.24 3.14 -5.22
N ASP A 73 9.93 3.36 -6.33
CA ASP A 73 10.20 4.72 -6.81
C ASP A 73 9.28 5.07 -7.97
N LYS A 74 8.02 4.68 -7.84
CA LYS A 74 7.00 5.00 -8.81
C LYS A 74 6.27 6.29 -8.45
N GLU A 75 5.45 6.76 -9.36
CA GLU A 75 4.50 7.82 -9.09
C GLU A 75 3.25 7.22 -8.47
N ASN A 76 2.74 6.18 -9.10
CA ASN A 76 1.40 5.72 -8.83
C ASN A 76 1.30 4.81 -7.60
N TRP A 77 2.42 4.39 -7.01
CA TRP A 77 2.36 3.39 -5.93
C TRP A 77 1.45 3.81 -4.75
N PRO A 78 1.52 5.06 -4.23
CA PRO A 78 0.69 5.45 -3.12
C PRO A 78 -0.73 5.72 -3.59
N LYS A 79 -0.89 5.89 -4.90
CA LYS A 79 -2.20 5.95 -5.51
C LYS A 79 -2.81 4.57 -5.54
N GLU A 80 -1.97 3.57 -5.78
CA GLU A 80 -2.41 2.16 -5.83
C GLU A 80 -3.15 1.80 -4.57
N LEU A 81 -2.72 2.36 -3.45
CA LEU A 81 -3.44 2.13 -2.20
C LEU A 81 -4.90 2.59 -2.27
N LYS A 82 -5.14 3.90 -2.30
CA LYS A 82 -6.52 4.41 -2.31
C LYS A 82 -7.29 3.87 -3.51
N LEU A 83 -6.59 3.81 -4.62
CA LEU A 83 -7.13 3.31 -5.87
C LEU A 83 -7.61 1.86 -5.70
N ALA A 84 -6.79 1.04 -5.06
CA ALA A 84 -7.14 -0.35 -4.85
C ALA A 84 -8.40 -0.45 -4.02
N LEU A 85 -8.45 0.28 -2.92
CA LEU A 85 -9.58 0.23 -2.00
C LEU A 85 -10.80 0.91 -2.58
N GLU A 86 -10.65 1.56 -3.72
CA GLU A 86 -11.80 2.10 -4.43
C GLU A 86 -12.48 0.98 -5.22
N LYS A 87 -11.66 0.05 -5.75
CA LYS A 87 -12.19 -1.13 -6.42
C LYS A 87 -12.64 -2.18 -5.40
N GLU A 88 -11.78 -2.40 -4.43
CA GLU A 88 -12.04 -3.34 -3.34
C GLU A 88 -13.02 -2.72 -2.34
N ARG A 89 -13.21 -1.40 -2.47
CA ARG A 89 -14.24 -0.66 -1.74
C ARG A 89 -14.04 -0.72 -0.23
N ASN A 90 -12.79 -0.85 0.19
CA ASN A 90 -12.47 -0.93 1.61
C ASN A 90 -12.39 0.48 2.21
N LYS A 91 -12.74 0.56 3.49
CA LYS A 91 -12.81 1.82 4.22
C LYS A 91 -11.50 2.61 4.16
N PHE A 92 -10.39 1.91 3.95
CA PHE A 92 -9.08 2.54 3.98
C PHE A 92 -8.97 3.68 2.97
N SER A 93 -9.76 3.60 1.90
CA SER A 93 -9.73 4.61 0.85
C SER A 93 -10.08 6.00 1.40
N GLU A 94 -10.91 6.04 2.44
CA GLU A 94 -11.34 7.29 3.03
C GLU A 94 -10.27 7.87 3.94
N LEU A 95 -9.42 7.00 4.48
CA LEU A 95 -8.39 7.42 5.41
C LEU A 95 -7.12 7.81 4.65
N TRP A 96 -6.85 7.07 3.59
CA TRP A 96 -5.65 7.27 2.80
C TRP A 96 -5.75 8.56 1.99
N ILE A 97 -4.77 9.45 2.15
CA ILE A 97 -4.81 10.76 1.50
C ILE A 97 -3.80 10.87 0.34
N VAL A 98 -4.11 10.25 -0.78
CA VAL A 98 -3.25 10.33 -1.96
C VAL A 98 -3.99 11.06 -3.09
N GLU A 99 -3.24 11.68 -3.99
CA GLU A 99 -3.84 12.48 -5.05
C GLU A 99 -3.40 12.00 -6.42
N LYS A 100 -3.96 12.63 -7.44
CA LYS A 100 -3.55 12.38 -8.82
C LYS A 100 -2.08 12.74 -9.01
N LYS A 5 7.10 23.49 -2.77
CA LYS A 5 5.74 22.99 -2.90
C LYS A 5 5.61 22.10 -4.13
N LYS A 6 4.39 21.63 -4.38
CA LYS A 6 4.14 20.63 -5.42
C LYS A 6 4.74 19.28 -5.03
N ILE A 7 6.07 19.20 -5.04
CA ILE A 7 6.75 17.96 -4.70
C ILE A 7 6.54 17.60 -3.23
N GLU A 8 6.44 18.62 -2.39
CA GLU A 8 6.22 18.45 -0.95
C GLU A 8 5.08 17.49 -0.68
N LYS A 9 4.10 17.51 -1.56
CA LYS A 9 2.89 16.71 -1.40
C LYS A 9 3.21 15.23 -1.64
N LEU A 10 3.97 14.97 -2.69
CA LEU A 10 4.43 13.63 -3.00
C LEU A 10 5.39 13.17 -1.90
N GLU A 11 6.17 14.12 -1.40
CA GLU A 11 7.02 13.91 -0.26
C GLU A 11 6.19 13.41 0.91
N GLU A 12 5.00 13.99 1.05
CA GLU A 12 4.06 13.58 2.08
C GLU A 12 3.37 12.26 1.71
N TYR A 13 3.36 11.90 0.43
CA TYR A 13 2.84 10.58 0.00
C TYR A 13 3.57 9.48 0.73
N ARG A 14 4.89 9.54 0.70
CA ARG A 14 5.72 8.53 1.35
C ARG A 14 5.53 8.53 2.87
N LEU A 15 5.61 9.70 3.49
CA LEU A 15 5.49 9.77 4.94
C LEU A 15 4.06 9.42 5.37
N LEU A 16 3.14 9.59 4.46
CA LEU A 16 1.74 9.24 4.67
C LEU A 16 1.61 7.72 4.86
N LEU A 17 2.38 6.98 4.09
CA LEU A 17 2.40 5.52 4.15
C LEU A 17 2.90 5.06 5.51
N LYS A 18 4.01 5.62 5.96
CA LYS A 18 4.49 5.35 7.31
C LYS A 18 3.50 5.88 8.35
N ARG A 19 2.77 6.94 8.00
CA ARG A 19 1.75 7.49 8.88
C ARG A 19 0.61 6.49 9.11
N LEU A 20 0.02 5.98 8.02
CA LEU A 20 -1.11 5.07 8.16
C LEU A 20 -0.68 3.61 8.24
N GLN A 21 0.47 3.34 8.83
CA GLN A 21 0.94 1.94 8.99
C GLN A 21 -0.02 1.06 9.81
N PRO A 22 -0.59 1.54 10.94
CA PRO A 22 -1.48 0.74 11.77
C PRO A 22 -2.78 0.41 11.04
N GLU A 23 -3.27 1.38 10.29
CA GLU A 23 -4.48 1.18 9.52
C GLU A 23 -4.15 0.43 8.24
N PHE A 24 -2.87 0.42 7.87
CA PHE A 24 -2.42 -0.36 6.75
C PHE A 24 -2.45 -1.83 7.13
N LYS A 25 -1.79 -2.14 8.23
CA LYS A 25 -1.64 -3.52 8.63
C LYS A 25 -2.99 -4.15 8.95
N THR A 26 -3.93 -3.34 9.42
CA THR A 26 -5.21 -3.85 9.89
C THR A 26 -6.28 -3.87 8.80
N ARG A 27 -6.36 -2.82 8.01
CA ARG A 27 -7.42 -2.71 7.01
C ARG A 27 -6.96 -3.21 5.65
N ILE A 28 -5.68 -3.07 5.37
CA ILE A 28 -5.12 -3.50 4.10
C ILE A 28 -5.04 -5.01 4.02
N ILE A 29 -5.76 -5.58 3.09
CA ILE A 29 -5.57 -6.96 2.74
C ILE A 29 -4.50 -7.06 1.67
N PRO A 30 -3.33 -7.62 2.04
CA PRO A 30 -2.16 -7.71 1.16
C PRO A 30 -2.38 -8.59 -0.05
N THR A 31 -3.53 -9.24 -0.13
CA THR A 31 -3.88 -9.99 -1.31
C THR A 31 -4.69 -9.10 -2.26
N ASP A 32 -5.27 -8.02 -1.71
CA ASP A 32 -6.14 -7.16 -2.48
C ASP A 32 -5.40 -5.98 -3.13
N ILE A 33 -4.88 -5.05 -2.33
CA ILE A 33 -4.25 -3.82 -2.87
C ILE A 33 -3.01 -4.15 -3.69
N ILE A 34 -2.39 -5.28 -3.37
CA ILE A 34 -1.11 -5.66 -3.91
C ILE A 34 -1.18 -5.84 -5.42
N SER A 35 -2.36 -6.19 -5.93
CA SER A 35 -2.57 -6.32 -7.36
C SER A 35 -2.49 -4.97 -8.06
N ASP A 36 -3.17 -3.98 -7.50
CA ASP A 36 -3.20 -2.65 -8.09
C ASP A 36 -1.85 -2.01 -7.88
N LEU A 37 -1.27 -2.28 -6.72
CA LEU A 37 0.06 -1.83 -6.39
C LEU A 37 1.12 -2.53 -7.25
N SER A 38 0.90 -3.80 -7.54
CA SER A 38 1.79 -4.57 -8.42
C SER A 38 2.05 -3.84 -9.74
N GLU A 39 1.21 -2.86 -10.05
CA GLU A 39 1.41 -2.03 -11.24
C GLU A 39 2.67 -1.17 -11.11
N CYS A 40 3.11 -0.93 -9.88
CA CYS A 40 4.33 -0.19 -9.63
C CYS A 40 5.34 -1.05 -8.89
N LEU A 41 4.84 -2.06 -8.19
CA LEU A 41 5.69 -2.93 -7.38
C LEU A 41 6.18 -4.14 -8.14
N ILE A 42 7.26 -4.71 -7.63
CA ILE A 42 7.87 -5.87 -8.24
C ILE A 42 7.45 -7.15 -7.54
N ASN A 43 7.28 -8.19 -8.35
CA ASN A 43 6.76 -9.50 -7.92
C ASN A 43 7.50 -10.09 -6.74
N GLN A 44 8.79 -9.85 -6.62
CA GLN A 44 9.57 -10.44 -5.54
C GLN A 44 9.00 -10.05 -4.17
N GLU A 45 8.72 -8.77 -3.98
CA GLU A 45 8.11 -8.30 -2.73
C GLU A 45 6.62 -8.61 -2.71
N CYS A 46 5.97 -8.55 -3.87
CA CYS A 46 4.55 -8.86 -3.98
C CYS A 46 4.27 -10.28 -3.48
N GLU A 47 5.00 -11.23 -4.05
CA GLU A 47 4.85 -12.63 -3.71
C GLU A 47 5.32 -12.89 -2.28
N GLU A 48 6.27 -12.07 -1.83
CA GLU A 48 6.73 -12.14 -0.44
C GLU A 48 5.57 -11.83 0.49
N ILE A 49 4.95 -10.70 0.26
CA ILE A 49 3.80 -10.24 1.04
C ILE A 49 2.67 -11.27 1.01
N LEU A 50 2.41 -11.84 -0.17
CA LEU A 50 1.37 -12.82 -0.35
C LEU A 50 1.68 -14.09 0.43
N GLN A 51 2.96 -14.35 0.61
CA GLN A 51 3.39 -15.52 1.36
C GLN A 51 3.10 -15.34 2.84
N ILE A 52 3.33 -14.15 3.34
CA ILE A 52 3.18 -13.89 4.76
C ILE A 52 1.72 -13.63 5.12
N CYS A 53 0.93 -13.17 4.15
CA CYS A 53 -0.52 -13.06 4.36
C CYS A 53 -1.08 -14.43 4.72
N SER A 54 -0.33 -15.42 4.28
CA SER A 54 -0.64 -16.82 4.54
C SER A 54 -0.02 -17.28 5.84
N THR A 55 1.31 -17.25 5.89
CA THR A 55 2.07 -17.82 6.98
C THR A 55 1.83 -17.07 8.30
N LYS A 56 1.84 -15.77 8.20
CA LYS A 56 1.73 -14.90 9.36
C LYS A 56 0.33 -14.33 9.51
N GLY A 57 -0.31 -14.08 8.38
CA GLY A 57 -1.62 -13.45 8.36
C GLY A 57 -1.58 -12.22 7.50
N MET A 58 -2.73 -11.84 6.95
CA MET A 58 -2.79 -10.69 6.05
C MET A 58 -2.30 -9.41 6.73
N MET A 59 -2.46 -9.29 8.04
CA MET A 59 -1.93 -8.11 8.73
C MET A 59 -0.41 -8.10 8.68
N ALA A 60 0.21 -9.26 8.89
CA ALA A 60 1.66 -9.36 8.86
C ALA A 60 2.19 -9.20 7.45
N GLY A 61 1.44 -9.75 6.50
CA GLY A 61 1.77 -9.57 5.10
C GLY A 61 1.67 -8.12 4.71
N ALA A 62 0.65 -7.43 5.24
CA ALA A 62 0.48 -6.02 4.96
C ALA A 62 1.57 -5.20 5.65
N GLU A 63 2.01 -5.67 6.82
CA GLU A 63 3.09 -5.01 7.54
C GLU A 63 4.35 -4.98 6.68
N LYS A 64 4.59 -6.08 5.96
CA LYS A 64 5.70 -6.16 5.01
C LYS A 64 5.41 -5.25 3.83
N LEU A 65 4.15 -5.09 3.55
CA LEU A 65 3.69 -4.39 2.38
C LEU A 65 3.93 -2.87 2.50
N VAL A 66 4.04 -2.36 3.71
CA VAL A 66 4.24 -0.92 3.90
C VAL A 66 5.62 -0.50 3.46
N GLU A 67 6.60 -1.30 3.83
CA GLU A 67 7.95 -1.05 3.41
C GLU A 67 8.07 -1.31 1.93
N CYS A 68 7.22 -2.19 1.43
CA CYS A 68 7.25 -2.58 0.04
C CYS A 68 6.76 -1.47 -0.86
N LEU A 69 5.72 -0.78 -0.43
CA LEU A 69 5.23 0.38 -1.14
C LEU A 69 6.18 1.56 -0.99
N LEU A 70 6.59 1.82 0.25
CA LEU A 70 7.50 2.93 0.57
C LEU A 70 8.82 2.86 -0.21
N ARG A 71 9.21 1.66 -0.63
CA ARG A 71 10.48 1.48 -1.36
C ARG A 71 10.26 1.62 -2.87
N SER A 72 9.02 1.75 -3.27
CA SER A 72 8.68 1.90 -4.68
C SER A 72 8.98 3.32 -5.14
N ASP A 73 9.52 3.47 -6.33
CA ASP A 73 9.89 4.79 -6.85
C ASP A 73 8.95 5.18 -7.98
N LYS A 74 7.66 4.96 -7.77
CA LYS A 74 6.64 5.33 -8.73
C LYS A 74 5.71 6.37 -8.10
N GLU A 75 5.56 7.54 -8.73
CA GLU A 75 4.61 8.55 -8.25
C GLU A 75 3.27 7.91 -7.97
N ASN A 76 2.88 7.01 -8.83
CA ASN A 76 1.57 6.39 -8.74
C ASN A 76 1.44 5.42 -7.56
N TRP A 77 2.55 4.97 -6.95
CA TRP A 77 2.46 3.90 -5.93
C TRP A 77 1.48 4.26 -4.77
N PRO A 78 1.51 5.49 -4.22
CA PRO A 78 0.60 5.84 -3.15
C PRO A 78 -0.82 6.06 -3.67
N LYS A 79 -0.95 6.22 -4.98
CA LYS A 79 -2.27 6.31 -5.58
C LYS A 79 -2.87 4.92 -5.64
N GLU A 80 -2.02 3.94 -5.96
CA GLU A 80 -2.42 2.52 -6.04
C GLU A 80 -3.07 2.09 -4.73
N LEU A 81 -2.59 2.65 -3.63
CA LEU A 81 -3.21 2.43 -2.33
C LEU A 81 -4.70 2.79 -2.33
N LYS A 82 -5.01 4.09 -2.40
CA LYS A 82 -6.41 4.53 -2.35
C LYS A 82 -7.20 3.93 -3.50
N LEU A 83 -6.53 3.82 -4.63
CA LEU A 83 -7.13 3.34 -5.86
C LEU A 83 -7.60 1.89 -5.72
N ALA A 84 -6.75 1.03 -5.18
CA ALA A 84 -7.14 -0.36 -4.98
C ALA A 84 -8.35 -0.46 -4.09
N LEU A 85 -8.33 0.27 -2.98
CA LEU A 85 -9.44 0.21 -2.04
C LEU A 85 -10.68 0.93 -2.57
N GLU A 86 -10.53 1.63 -3.67
CA GLU A 86 -11.69 2.26 -4.31
C GLU A 86 -12.43 1.23 -5.15
N LYS A 87 -11.66 0.38 -5.80
CA LYS A 87 -12.22 -0.66 -6.64
C LYS A 87 -12.58 -1.89 -5.84
N GLU A 88 -11.70 -2.23 -4.94
CA GLU A 88 -11.94 -3.28 -3.95
C GLU A 88 -12.88 -2.75 -2.85
N ARG A 89 -13.10 -1.43 -2.89
CA ARG A 89 -14.13 -0.76 -2.08
C ARG A 89 -13.93 -0.99 -0.59
N ASN A 90 -12.69 -0.92 -0.13
CA ASN A 90 -12.39 -1.19 1.27
C ASN A 90 -12.17 0.11 2.05
N LYS A 91 -12.31 0.04 3.37
CA LYS A 91 -12.32 1.22 4.24
C LYS A 91 -11.14 2.16 3.99
N PHE A 92 -9.95 1.59 3.82
CA PHE A 92 -8.71 2.36 3.82
C PHE A 92 -8.71 3.50 2.79
N SER A 93 -9.52 3.38 1.74
CA SER A 93 -9.55 4.38 0.67
C SER A 93 -9.93 5.76 1.22
N GLU A 94 -10.72 5.79 2.27
CA GLU A 94 -11.21 7.04 2.84
C GLU A 94 -10.16 7.69 3.74
N LEU A 95 -9.23 6.88 4.25
CA LEU A 95 -8.25 7.36 5.20
C LEU A 95 -7.03 7.89 4.46
N TRP A 96 -6.72 7.23 3.36
CA TRP A 96 -5.51 7.48 2.61
C TRP A 96 -5.57 8.84 1.91
N ILE A 97 -4.58 9.70 2.19
CA ILE A 97 -4.59 11.06 1.64
C ILE A 97 -3.71 11.18 0.39
N VAL A 98 -4.15 10.56 -0.70
CA VAL A 98 -3.42 10.64 -1.97
C VAL A 98 -4.29 11.31 -3.03
N GLU A 99 -3.67 11.87 -4.05
CA GLU A 99 -4.38 12.48 -5.16
C GLU A 99 -3.87 11.90 -6.47
N LYS A 100 -4.67 12.02 -7.52
CA LYS A 100 -4.28 11.56 -8.85
C LYS A 100 -3.02 12.30 -9.34
N LYS A 5 5.30 24.12 -1.95
CA LYS A 5 4.22 23.18 -2.33
C LYS A 5 4.41 22.63 -3.74
N LYS A 6 5.61 22.17 -4.04
CA LYS A 6 5.87 21.58 -5.35
C LYS A 6 5.86 20.07 -5.24
N ILE A 7 6.98 19.49 -4.85
CA ILE A 7 7.07 18.05 -4.68
C ILE A 7 6.69 17.65 -3.26
N GLU A 8 6.47 18.67 -2.42
CA GLU A 8 6.15 18.45 -1.01
C GLU A 8 4.92 17.55 -0.86
N LYS A 9 4.05 17.59 -1.85
CA LYS A 9 2.82 16.81 -1.83
C LYS A 9 3.15 15.34 -1.99
N LEU A 10 4.07 15.04 -2.87
CA LEU A 10 4.49 13.68 -3.10
C LEU A 10 5.42 13.22 -1.98
N GLU A 11 6.15 14.18 -1.42
CA GLU A 11 6.89 13.96 -0.20
C GLU A 11 5.93 13.48 0.88
N GLU A 12 4.80 14.17 0.96
CA GLU A 12 3.69 13.76 1.79
C GLU A 12 3.24 12.35 1.50
N TYR A 13 3.21 11.96 0.24
CA TYR A 13 2.78 10.60 -0.15
C TYR A 13 3.60 9.54 0.58
N ARG A 14 4.92 9.71 0.52
CA ARG A 14 5.86 8.79 1.17
C ARG A 14 5.73 8.86 2.68
N LEU A 15 5.79 10.09 3.20
CA LEU A 15 5.66 10.35 4.62
C LEU A 15 4.35 9.79 5.17
N LEU A 16 3.33 9.82 4.33
CA LEU A 16 2.00 9.36 4.68
C LEU A 16 1.97 7.86 4.87
N LEU A 17 2.73 7.14 4.05
CA LEU A 17 2.80 5.69 4.17
C LEU A 17 3.33 5.36 5.54
N LYS A 18 4.27 6.18 5.99
CA LYS A 18 4.81 6.08 7.33
C LYS A 18 3.72 6.41 8.36
N ARG A 19 2.81 7.30 7.99
CA ARG A 19 1.74 7.73 8.87
C ARG A 19 0.69 6.66 9.10
N LEU A 20 0.10 6.13 8.03
CA LEU A 20 -1.00 5.18 8.20
C LEU A 20 -0.52 3.73 8.24
N GLN A 21 0.64 3.50 8.81
CA GLN A 21 1.12 2.13 9.03
C GLN A 21 0.10 1.28 9.80
N PRO A 22 -0.50 1.79 10.92
CA PRO A 22 -1.44 1.01 11.72
C PRO A 22 -2.75 0.73 10.96
N GLU A 23 -3.29 1.77 10.35
CA GLU A 23 -4.55 1.64 9.64
C GLU A 23 -4.34 0.80 8.39
N PHE A 24 -3.14 0.85 7.84
CA PHE A 24 -2.80 0.00 6.72
C PHE A 24 -2.78 -1.44 7.17
N LYS A 25 -2.05 -1.71 8.24
CA LYS A 25 -1.83 -3.08 8.67
C LYS A 25 -3.14 -3.73 9.10
N THR A 26 -4.14 -2.91 9.39
CA THR A 26 -5.40 -3.39 9.91
C THR A 26 -6.49 -3.47 8.84
N ARG A 27 -6.54 -2.47 7.97
CA ARG A 27 -7.60 -2.37 6.95
C ARG A 27 -7.21 -3.11 5.68
N ILE A 28 -5.92 -3.20 5.44
CA ILE A 28 -5.41 -3.70 4.17
C ILE A 28 -5.35 -5.21 4.11
N ILE A 29 -6.05 -5.75 3.14
CA ILE A 29 -5.83 -7.10 2.70
C ILE A 29 -4.72 -7.09 1.64
N PRO A 30 -3.53 -7.57 2.01
CA PRO A 30 -2.33 -7.52 1.15
C PRO A 30 -2.43 -8.43 -0.06
N THR A 31 -3.50 -9.21 -0.14
CA THR A 31 -3.76 -10.00 -1.31
C THR A 31 -4.57 -9.20 -2.33
N ASP A 32 -5.15 -8.10 -1.87
CA ASP A 32 -5.99 -7.28 -2.74
C ASP A 32 -5.24 -6.07 -3.29
N ILE A 33 -4.83 -5.14 -2.40
CA ILE A 33 -4.21 -3.89 -2.87
C ILE A 33 -2.93 -4.17 -3.68
N ILE A 34 -2.35 -5.34 -3.44
CA ILE A 34 -1.13 -5.78 -4.08
C ILE A 34 -1.26 -5.80 -5.60
N SER A 35 -2.48 -5.97 -6.09
CA SER A 35 -2.74 -6.04 -7.53
C SER A 35 -2.50 -4.70 -8.20
N ASP A 36 -2.90 -3.63 -7.54
CA ASP A 36 -2.80 -2.31 -8.09
C ASP A 36 -1.40 -1.83 -7.81
N LEU A 37 -0.95 -2.25 -6.65
CA LEU A 37 0.38 -2.00 -6.17
C LEU A 37 1.44 -2.67 -7.03
N SER A 38 1.16 -3.89 -7.45
CA SER A 38 2.05 -4.63 -8.35
C SER A 38 2.45 -3.81 -9.57
N GLU A 39 1.71 -2.76 -9.87
CA GLU A 39 2.10 -1.87 -10.96
C GLU A 39 3.31 -1.00 -10.59
N CYS A 40 3.57 -0.82 -9.30
CA CYS A 40 4.73 -0.06 -8.86
C CYS A 40 5.76 -0.98 -8.20
N LEU A 41 5.29 -2.07 -7.61
CA LEU A 41 6.18 -3.03 -6.96
C LEU A 41 6.40 -4.26 -7.80
N ILE A 42 7.54 -4.88 -7.56
CA ILE A 42 7.96 -6.03 -8.33
C ILE A 42 7.60 -7.35 -7.65
N ASN A 43 7.40 -8.35 -8.49
CA ASN A 43 6.86 -9.65 -8.10
C ASN A 43 7.59 -10.31 -6.93
N GLN A 44 8.89 -10.07 -6.82
CA GLN A 44 9.66 -10.67 -5.74
C GLN A 44 9.08 -10.32 -4.37
N GLU A 45 8.92 -9.03 -4.12
CA GLU A 45 8.33 -8.56 -2.86
C GLU A 45 6.83 -8.79 -2.86
N CYS A 46 6.19 -8.61 -4.01
CA CYS A 46 4.75 -8.80 -4.14
C CYS A 46 4.35 -10.20 -3.68
N GLU A 47 5.06 -11.20 -4.20
CA GLU A 47 4.76 -12.58 -3.90
C GLU A 47 5.20 -12.93 -2.50
N GLU A 48 6.21 -12.21 -1.99
CA GLU A 48 6.63 -12.37 -0.61
C GLU A 48 5.48 -12.03 0.33
N ILE A 49 4.84 -10.90 0.08
CA ILE A 49 3.70 -10.46 0.86
C ILE A 49 2.57 -11.49 0.81
N LEU A 50 2.34 -12.05 -0.36
CA LEU A 50 1.31 -13.04 -0.56
C LEU A 50 1.62 -14.28 0.25
N GLN A 51 2.91 -14.50 0.50
CA GLN A 51 3.35 -15.63 1.27
C GLN A 51 3.10 -15.43 2.75
N ILE A 52 3.27 -14.19 3.20
CA ILE A 52 3.15 -13.90 4.63
C ILE A 52 1.70 -13.65 5.03
N CYS A 53 0.87 -13.21 4.10
CA CYS A 53 -0.57 -13.12 4.33
C CYS A 53 -1.08 -14.52 4.68
N SER A 54 -0.33 -15.49 4.20
CA SER A 54 -0.61 -16.89 4.43
C SER A 54 0.01 -17.37 5.73
N THR A 55 1.33 -17.28 5.80
CA THR A 55 2.08 -17.80 6.92
C THR A 55 1.79 -17.06 8.21
N LYS A 56 1.90 -15.74 8.12
CA LYS A 56 1.81 -14.86 9.26
C LYS A 56 0.42 -14.27 9.43
N GLY A 57 -0.25 -14.06 8.31
CA GLY A 57 -1.57 -13.48 8.35
C GLY A 57 -1.66 -12.28 7.45
N MET A 58 -2.87 -11.94 7.03
CA MET A 58 -3.11 -10.79 6.15
C MET A 58 -2.44 -9.55 6.70
N MET A 59 -2.64 -9.30 7.99
CA MET A 59 -2.06 -8.13 8.65
C MET A 59 -0.54 -8.13 8.52
N ALA A 60 0.08 -9.29 8.70
CA ALA A 60 1.53 -9.39 8.64
C ALA A 60 2.01 -9.25 7.20
N GLY A 61 1.24 -9.79 6.27
CA GLY A 61 1.51 -9.59 4.87
C GLY A 61 1.41 -8.13 4.50
N ALA A 62 0.44 -7.43 5.09
CA ALA A 62 0.28 -6.00 4.88
C ALA A 62 1.43 -5.25 5.51
N GLU A 63 1.91 -5.76 6.64
CA GLU A 63 3.04 -5.16 7.32
C GLU A 63 4.25 -5.15 6.39
N LYS A 64 4.43 -6.28 5.72
CA LYS A 64 5.52 -6.44 4.75
C LYS A 64 5.27 -5.55 3.54
N LEU A 65 4.02 -5.47 3.16
CA LEU A 65 3.64 -4.76 1.95
C LEU A 65 3.84 -3.25 2.11
N VAL A 66 3.85 -2.79 3.36
CA VAL A 66 4.10 -1.38 3.66
C VAL A 66 5.50 -0.97 3.22
N GLU A 67 6.47 -1.70 3.71
CA GLU A 67 7.87 -1.41 3.41
C GLU A 67 8.11 -1.59 1.92
N CYS A 68 7.35 -2.50 1.34
CA CYS A 68 7.45 -2.84 -0.05
C CYS A 68 6.96 -1.69 -0.93
N LEU A 69 5.94 -0.98 -0.45
CA LEU A 69 5.46 0.21 -1.13
C LEU A 69 6.49 1.34 -1.01
N LEU A 70 6.97 1.58 0.21
CA LEU A 70 7.90 2.66 0.51
C LEU A 70 9.21 2.51 -0.26
N ARG A 71 9.51 1.30 -0.71
CA ARG A 71 10.71 1.04 -1.50
C ARG A 71 10.56 1.58 -2.92
N SER A 72 9.32 1.65 -3.39
CA SER A 72 9.04 2.03 -4.76
C SER A 72 9.27 3.53 -4.97
N ASP A 73 9.92 3.88 -6.07
CA ASP A 73 10.15 5.29 -6.42
C ASP A 73 9.15 5.72 -7.49
N LYS A 74 7.90 5.32 -7.30
CA LYS A 74 6.86 5.58 -8.28
C LYS A 74 5.85 6.61 -7.77
N GLU A 75 5.29 7.37 -8.69
CA GLU A 75 4.11 8.17 -8.41
C GLU A 75 2.93 7.24 -8.26
N ASN A 76 3.07 6.05 -8.82
CA ASN A 76 2.08 5.00 -8.72
C ASN A 76 1.79 4.61 -7.28
N TRP A 77 2.80 4.08 -6.58
CA TRP A 77 2.58 3.29 -5.36
C TRP A 77 1.54 3.88 -4.39
N PRO A 78 1.59 5.17 -4.03
CA PRO A 78 0.69 5.67 -3.02
C PRO A 78 -0.75 5.77 -3.51
N LYS A 79 -0.90 6.13 -4.77
CA LYS A 79 -2.17 6.10 -5.45
C LYS A 79 -2.70 4.68 -5.52
N GLU A 80 -1.82 3.71 -5.73
CA GLU A 80 -2.21 2.30 -5.83
C GLU A 80 -2.96 1.87 -4.58
N LEU A 81 -2.61 2.41 -3.41
CA LEU A 81 -3.38 2.11 -2.19
C LEU A 81 -4.83 2.57 -2.36
N LYS A 82 -5.02 3.88 -2.37
CA LYS A 82 -6.34 4.50 -2.47
C LYS A 82 -7.12 3.90 -3.64
N LEU A 83 -6.41 3.76 -4.73
CA LEU A 83 -6.95 3.25 -5.97
C LEU A 83 -7.41 1.80 -5.80
N ALA A 84 -6.57 0.97 -5.20
CA ALA A 84 -6.92 -0.42 -4.96
C ALA A 84 -8.16 -0.52 -4.09
N LEU A 85 -8.19 0.27 -3.03
CA LEU A 85 -9.32 0.28 -2.11
C LEU A 85 -10.54 0.96 -2.72
N GLU A 86 -10.36 1.57 -3.88
CA GLU A 86 -11.48 2.07 -4.66
C GLU A 86 -12.14 0.90 -5.40
N LYS A 87 -11.33 -0.01 -5.91
CA LYS A 87 -11.83 -1.22 -6.54
C LYS A 87 -12.38 -2.17 -5.49
N GLU A 88 -11.65 -2.31 -4.41
CA GLU A 88 -12.06 -3.10 -3.28
C GLU A 88 -13.16 -2.37 -2.50
N ARG A 89 -13.20 -1.05 -2.65
CA ARG A 89 -14.19 -0.21 -1.95
C ARG A 89 -14.10 -0.40 -0.44
N ASN A 90 -12.88 -0.27 0.08
CA ASN A 90 -12.60 -0.50 1.49
C ASN A 90 -12.56 0.83 2.22
N LYS A 91 -12.70 0.80 3.54
CA LYS A 91 -12.70 2.00 4.36
C LYS A 91 -11.35 2.72 4.27
N PHE A 92 -10.27 1.95 4.07
CA PHE A 92 -8.92 2.53 4.02
C PHE A 92 -8.83 3.62 2.96
N SER A 93 -9.63 3.49 1.90
CA SER A 93 -9.66 4.46 0.82
C SER A 93 -9.98 5.86 1.36
N GLU A 94 -10.74 5.90 2.43
CA GLU A 94 -11.18 7.15 3.03
C GLU A 94 -10.08 7.74 3.90
N LEU A 95 -9.18 6.90 4.39
CA LEU A 95 -8.14 7.32 5.31
C LEU A 95 -6.90 7.77 4.57
N TRP A 96 -6.67 7.18 3.42
CA TRP A 96 -5.46 7.42 2.65
C TRP A 96 -5.59 8.69 1.82
N ILE A 97 -4.51 9.48 1.76
CA ILE A 97 -4.55 10.77 1.07
C ILE A 97 -3.58 10.84 -0.11
N VAL A 98 -4.06 10.56 -1.32
CA VAL A 98 -3.28 10.78 -2.53
C VAL A 98 -4.12 11.51 -3.57
N GLU A 99 -3.53 11.69 -4.75
CA GLU A 99 -4.23 12.14 -5.94
C GLU A 99 -5.46 11.25 -6.20
N LYS A 100 -6.36 11.74 -7.05
CA LYS A 100 -7.65 11.09 -7.36
C LYS A 100 -8.32 10.53 -6.08
N LYS A 5 6.55 23.75 -1.83
CA LYS A 5 5.35 22.93 -1.80
C LYS A 5 5.07 22.30 -3.16
N LYS A 6 6.12 22.03 -3.92
CA LYS A 6 5.96 21.41 -5.22
C LYS A 6 5.98 19.90 -5.10
N ILE A 7 7.13 19.35 -4.71
CA ILE A 7 7.26 17.91 -4.60
C ILE A 7 7.02 17.45 -3.17
N GLU A 8 6.88 18.40 -2.26
CA GLU A 8 6.60 18.10 -0.85
C GLU A 8 5.30 17.30 -0.74
N LYS A 9 4.45 17.47 -1.74
CA LYS A 9 3.16 16.78 -1.77
C LYS A 9 3.39 15.28 -1.94
N LEU A 10 4.23 14.93 -2.89
CA LEU A 10 4.61 13.54 -3.12
C LEU A 10 5.48 13.06 -1.96
N GLU A 11 6.27 13.99 -1.42
CA GLU A 11 7.04 13.72 -0.21
C GLU A 11 6.10 13.26 0.90
N GLU A 12 4.92 13.86 0.95
CA GLU A 12 3.91 13.47 1.91
C GLU A 12 3.24 12.16 1.53
N TYR A 13 3.33 11.78 0.25
CA TYR A 13 2.85 10.45 -0.16
C TYR A 13 3.62 9.38 0.61
N ARG A 14 4.93 9.59 0.74
CA ARG A 14 5.77 8.70 1.55
C ARG A 14 5.51 8.90 3.03
N LEU A 15 5.28 10.15 3.42
CA LEU A 15 5.07 10.52 4.82
C LEU A 15 3.81 9.82 5.33
N LEU A 16 2.78 9.90 4.53
CA LEU A 16 1.49 9.34 4.85
C LEU A 16 1.54 7.83 4.94
N LEU A 17 2.31 7.21 4.06
CA LEU A 17 2.49 5.76 4.05
C LEU A 17 2.99 5.30 5.42
N LYS A 18 3.91 6.07 5.98
CA LYS A 18 4.41 5.82 7.32
C LYS A 18 3.33 6.14 8.36
N ARG A 19 2.48 7.11 8.05
CA ARG A 19 1.47 7.59 8.97
C ARG A 19 0.31 6.61 9.14
N LEU A 20 -0.33 6.20 8.05
CA LEU A 20 -1.51 5.35 8.16
C LEU A 20 -1.15 3.86 8.23
N GLN A 21 0.01 3.54 8.79
CA GLN A 21 0.43 2.14 8.93
C GLN A 21 -0.53 1.30 9.78
N PRO A 22 -1.07 1.81 10.91
CA PRO A 22 -1.97 1.04 11.77
C PRO A 22 -3.28 0.74 11.06
N GLU A 23 -3.83 1.75 10.40
CA GLU A 23 -5.06 1.58 9.65
C GLU A 23 -4.80 0.68 8.45
N PHE A 24 -3.54 0.68 8.01
CA PHE A 24 -3.15 -0.16 6.90
C PHE A 24 -3.11 -1.61 7.33
N LYS A 25 -2.37 -1.88 8.40
CA LYS A 25 -2.10 -3.24 8.79
C LYS A 25 -3.37 -3.95 9.24
N THR A 26 -4.38 -3.18 9.60
CA THR A 26 -5.61 -3.74 10.13
C THR A 26 -6.66 -3.98 9.06
N ARG A 27 -6.86 -3.00 8.19
CA ARG A 27 -7.96 -3.07 7.22
C ARG A 27 -7.49 -3.53 5.86
N ILE A 28 -6.19 -3.43 5.63
CA ILE A 28 -5.63 -3.85 4.36
C ILE A 28 -5.48 -5.36 4.30
N ILE A 29 -6.17 -5.96 3.35
CA ILE A 29 -5.89 -7.30 2.96
C ILE A 29 -4.82 -7.27 1.87
N PRO A 30 -3.61 -7.74 2.21
CA PRO A 30 -2.45 -7.71 1.31
C PRO A 30 -2.58 -8.62 0.10
N THR A 31 -3.67 -9.37 0.02
CA THR A 31 -3.96 -10.10 -1.18
C THR A 31 -4.89 -9.28 -2.07
N ASP A 32 -5.47 -8.22 -1.49
CA ASP A 32 -6.40 -7.36 -2.20
C ASP A 32 -5.69 -6.18 -2.88
N ILE A 33 -5.12 -5.27 -2.09
CA ILE A 33 -4.49 -4.04 -2.65
C ILE A 33 -3.28 -4.39 -3.52
N ILE A 34 -2.69 -5.54 -3.24
CA ILE A 34 -1.46 -5.98 -3.87
C ILE A 34 -1.58 -6.05 -5.41
N SER A 35 -2.76 -6.38 -5.91
CA SER A 35 -2.97 -6.50 -7.35
C SER A 35 -2.86 -5.14 -8.03
N ASP A 36 -3.48 -4.14 -7.41
CA ASP A 36 -3.47 -2.81 -7.98
C ASP A 36 -2.09 -2.21 -7.78
N LEU A 37 -1.55 -2.47 -6.60
CA LEU A 37 -0.19 -2.11 -6.25
C LEU A 37 0.82 -2.77 -7.18
N SER A 38 0.57 -4.04 -7.52
CA SER A 38 1.47 -4.82 -8.36
C SER A 38 1.80 -4.10 -9.68
N GLU A 39 1.00 -3.13 -10.07
CA GLU A 39 1.30 -2.37 -11.28
C GLU A 39 2.46 -1.40 -11.06
N CYS A 40 2.82 -1.16 -9.81
CA CYS A 40 3.99 -0.37 -9.47
C CYS A 40 5.02 -1.21 -8.71
N LEU A 41 4.55 -2.21 -8.00
CA LEU A 41 5.43 -3.03 -7.21
C LEU A 41 6.03 -4.15 -8.03
N ILE A 42 7.24 -4.49 -7.68
CA ILE A 42 7.96 -5.51 -8.37
C ILE A 42 7.65 -6.89 -7.82
N ASN A 43 7.75 -7.90 -8.68
CA ASN A 43 7.34 -9.28 -8.35
C ASN A 43 7.94 -9.76 -7.04
N GLN A 44 9.25 -9.59 -6.86
CA GLN A 44 9.93 -10.18 -5.71
C GLN A 44 9.26 -9.81 -4.39
N GLU A 45 9.06 -8.52 -4.13
CA GLU A 45 8.40 -8.08 -2.92
C GLU A 45 6.88 -8.25 -2.98
N CYS A 46 6.32 -8.27 -4.17
CA CYS A 46 4.89 -8.52 -4.33
C CYS A 46 4.56 -9.94 -3.87
N GLU A 47 5.37 -10.87 -4.30
CA GLU A 47 5.24 -12.27 -3.93
C GLU A 47 5.61 -12.45 -2.46
N GLU A 48 6.50 -11.59 -1.97
CA GLU A 48 6.86 -11.56 -0.56
C GLU A 48 5.63 -11.36 0.29
N ILE A 49 4.91 -10.29 -0.02
CA ILE A 49 3.75 -9.90 0.74
C ILE A 49 2.69 -11.00 0.69
N LEU A 50 2.38 -11.47 -0.52
CA LEU A 50 1.32 -12.46 -0.71
C LEU A 50 1.65 -13.72 0.07
N GLN A 51 2.94 -14.06 0.09
CA GLN A 51 3.40 -15.23 0.80
C GLN A 51 3.13 -15.09 2.29
N ILE A 52 3.29 -13.88 2.79
CA ILE A 52 3.20 -13.64 4.20
C ILE A 52 1.76 -13.41 4.65
N CYS A 53 0.89 -12.94 3.76
CA CYS A 53 -0.56 -12.92 4.04
C CYS A 53 -1.01 -14.34 4.34
N SER A 54 -0.23 -15.28 3.83
CA SER A 54 -0.50 -16.70 3.92
C SER A 54 0.16 -17.28 5.15
N THR A 55 1.46 -17.04 5.26
CA THR A 55 2.26 -17.62 6.30
C THR A 55 2.06 -16.90 7.64
N LYS A 56 2.44 -15.65 7.66
CA LYS A 56 2.39 -14.81 8.84
C LYS A 56 0.97 -14.34 9.16
N GLY A 57 0.26 -13.95 8.12
CA GLY A 57 -1.07 -13.42 8.27
C GLY A 57 -1.27 -12.19 7.42
N MET A 58 -2.52 -11.88 7.12
CA MET A 58 -2.86 -10.70 6.32
C MET A 58 -2.20 -9.44 6.88
N MET A 59 -2.31 -9.24 8.18
CA MET A 59 -1.75 -8.05 8.82
C MET A 59 -0.23 -8.01 8.64
N ALA A 60 0.40 -9.16 8.64
CA ALA A 60 1.85 -9.24 8.46
C ALA A 60 2.22 -8.95 7.02
N GLY A 61 1.43 -9.50 6.10
CA GLY A 61 1.61 -9.23 4.69
C GLY A 61 1.41 -7.76 4.39
N ALA A 62 0.43 -7.15 5.05
CA ALA A 62 0.15 -5.74 4.89
C ALA A 62 1.31 -4.91 5.43
N GLU A 63 1.78 -5.27 6.62
CA GLU A 63 2.90 -4.58 7.23
C GLU A 63 4.12 -4.63 6.32
N LYS A 64 4.30 -5.78 5.67
CA LYS A 64 5.41 -6.00 4.76
C LYS A 64 5.24 -5.16 3.50
N LEU A 65 4.01 -4.90 3.16
CA LEU A 65 3.68 -4.19 1.94
C LEU A 65 4.07 -2.73 2.05
N VAL A 66 3.85 -2.12 3.21
CA VAL A 66 4.08 -0.69 3.34
C VAL A 66 5.57 -0.38 3.16
N GLU A 67 6.41 -1.23 3.75
CA GLU A 67 7.86 -1.08 3.60
C GLU A 67 8.28 -1.38 2.18
N CYS A 68 7.56 -2.30 1.56
CA CYS A 68 7.81 -2.69 0.18
C CYS A 68 7.56 -1.52 -0.76
N LEU A 69 6.47 -0.81 -0.52
CA LEU A 69 6.13 0.37 -1.30
C LEU A 69 7.03 1.54 -0.98
N LEU A 70 7.36 1.71 0.30
CA LEU A 70 8.21 2.82 0.73
C LEU A 70 9.51 2.88 -0.07
N ARG A 71 10.05 1.73 -0.43
CA ARG A 71 11.32 1.70 -1.16
C ARG A 71 11.10 1.44 -2.64
N SER A 72 9.85 1.41 -3.06
CA SER A 72 9.52 1.33 -4.47
C SER A 72 9.76 2.69 -5.13
N ASP A 73 10.40 2.69 -6.28
CA ASP A 73 10.73 3.94 -6.97
C ASP A 73 9.69 4.27 -8.01
N LYS A 74 8.42 4.13 -7.64
CA LYS A 74 7.32 4.50 -8.51
C LYS A 74 6.67 5.80 -8.04
N GLU A 75 6.00 6.47 -8.94
CA GLU A 75 5.15 7.60 -8.59
C GLU A 75 3.83 7.07 -8.09
N ASN A 76 3.29 6.10 -8.80
CA ASN A 76 1.91 5.73 -8.63
C ASN A 76 1.68 4.82 -7.42
N TRP A 77 2.74 4.26 -6.83
CA TRP A 77 2.57 3.27 -5.75
C TRP A 77 1.66 3.77 -4.59
N PRO A 78 1.79 5.03 -4.11
CA PRO A 78 0.95 5.50 -3.04
C PRO A 78 -0.47 5.73 -3.50
N LYS A 79 -0.63 5.90 -4.80
CA LYS A 79 -1.96 6.05 -5.37
C LYS A 79 -2.64 4.69 -5.41
N GLU A 80 -1.86 3.66 -5.71
CA GLU A 80 -2.34 2.27 -5.78
C GLU A 80 -3.00 1.89 -4.46
N LEU A 81 -2.50 2.47 -3.37
CA LEU A 81 -3.12 2.31 -2.06
C LEU A 81 -4.60 2.70 -2.07
N LYS A 82 -4.90 4.00 -2.19
CA LYS A 82 -6.30 4.45 -2.17
C LYS A 82 -7.06 3.85 -3.33
N LEU A 83 -6.39 3.76 -4.46
CA LEU A 83 -6.98 3.28 -5.69
C LEU A 83 -7.50 1.86 -5.51
N ALA A 84 -6.67 0.98 -4.97
CA ALA A 84 -7.08 -0.41 -4.77
C ALA A 84 -8.30 -0.49 -3.88
N LEU A 85 -8.28 0.25 -2.78
CA LEU A 85 -9.40 0.22 -1.85
C LEU A 85 -10.62 0.96 -2.41
N GLU A 86 -10.45 1.61 -3.54
CA GLU A 86 -11.59 2.20 -4.24
C GLU A 86 -12.31 1.11 -5.03
N LYS A 87 -11.55 0.21 -5.64
CA LYS A 87 -12.11 -0.93 -6.36
C LYS A 87 -12.58 -2.00 -5.39
N GLU A 88 -11.73 -2.31 -4.44
CA GLU A 88 -12.03 -3.26 -3.38
C GLU A 88 -12.95 -2.61 -2.35
N ARG A 89 -13.09 -1.28 -2.48
CA ARG A 89 -14.09 -0.50 -1.73
C ARG A 89 -13.95 -0.64 -0.22
N ASN A 90 -12.72 -0.64 0.27
CA ASN A 90 -12.46 -0.73 1.70
C ASN A 90 -12.40 0.66 2.33
N LYS A 91 -12.57 0.73 3.65
CA LYS A 91 -12.57 2.01 4.35
C LYS A 91 -11.30 2.81 4.10
N PHE A 92 -10.17 2.10 3.97
CA PHE A 92 -8.86 2.74 3.92
C PHE A 92 -8.78 3.80 2.81
N SER A 93 -9.56 3.62 1.75
CA SER A 93 -9.56 4.53 0.61
C SER A 93 -9.95 5.94 1.04
N GLU A 94 -10.78 6.03 2.07
CA GLU A 94 -11.30 7.31 2.52
C GLU A 94 -10.33 8.00 3.47
N LEU A 95 -9.41 7.22 4.02
CA LEU A 95 -8.46 7.73 4.99
C LEU A 95 -7.17 8.15 4.31
N TRP A 96 -6.90 7.54 3.17
CA TRP A 96 -5.66 7.72 2.46
C TRP A 96 -5.70 9.01 1.63
N ILE A 97 -4.76 9.91 1.90
CA ILE A 97 -4.73 11.19 1.20
C ILE A 97 -3.71 11.16 0.06
N VAL A 98 -4.10 10.60 -1.07
CA VAL A 98 -3.21 10.49 -2.21
C VAL A 98 -3.91 11.01 -3.47
N GLU A 99 -3.25 10.93 -4.61
CA GLU A 99 -3.83 11.30 -5.90
C GLU A 99 -5.07 10.44 -6.20
N LYS A 100 -5.84 10.85 -7.22
CA LYS A 100 -7.04 10.12 -7.63
C LYS A 100 -8.12 10.20 -6.56
N LYS A 5 7.90 24.13 -2.21
CA LYS A 5 6.63 23.44 -2.04
C LYS A 5 6.25 22.71 -3.33
N LYS A 6 7.23 22.07 -3.94
CA LYS A 6 7.03 21.42 -5.22
C LYS A 6 6.62 19.95 -5.05
N ILE A 7 7.55 19.15 -4.56
CA ILE A 7 7.33 17.71 -4.46
C ILE A 7 6.99 17.28 -3.03
N GLU A 8 6.76 18.26 -2.16
CA GLU A 8 6.48 17.98 -0.76
C GLU A 8 5.18 17.19 -0.60
N LYS A 9 4.28 17.35 -1.57
CA LYS A 9 3.00 16.65 -1.55
C LYS A 9 3.23 15.16 -1.75
N LEU A 10 4.03 14.84 -2.76
CA LEU A 10 4.41 13.45 -3.01
C LEU A 10 5.28 12.94 -1.85
N GLU A 11 6.06 13.85 -1.28
CA GLU A 11 6.81 13.56 -0.08
C GLU A 11 5.86 13.18 1.06
N GLU A 12 4.69 13.81 1.05
CA GLU A 12 3.64 13.46 2.00
C GLU A 12 3.07 12.10 1.68
N TYR A 13 3.05 11.72 0.39
CA TYR A 13 2.58 10.39 -0.01
C TYR A 13 3.38 9.33 0.74
N ARG A 14 4.69 9.55 0.77
CA ARG A 14 5.63 8.65 1.41
C ARG A 14 5.47 8.64 2.93
N LEU A 15 5.51 9.83 3.55
CA LEU A 15 5.42 9.91 5.00
C LEU A 15 4.04 9.43 5.47
N LEU A 16 3.07 9.55 4.58
CA LEU A 16 1.73 9.09 4.84
C LEU A 16 1.67 7.58 4.89
N LEU A 17 2.47 6.93 4.07
CA LEU A 17 2.57 5.47 4.06
C LEU A 17 2.93 5.04 5.47
N LYS A 18 3.90 5.76 6.02
CA LYS A 18 4.35 5.55 7.39
C LYS A 18 3.23 5.89 8.37
N ARG A 19 2.43 6.88 8.01
CA ARG A 19 1.34 7.36 8.86
C ARG A 19 0.22 6.35 9.01
N LEU A 20 -0.33 5.89 7.89
CA LEU A 20 -1.47 4.99 7.93
C LEU A 20 -1.06 3.53 8.05
N GLN A 21 0.15 3.27 8.51
CA GLN A 21 0.63 1.91 8.72
C GLN A 21 -0.32 1.05 9.59
N PRO A 22 -0.88 1.57 10.70
CA PRO A 22 -1.72 0.76 11.59
C PRO A 22 -3.02 0.33 10.92
N GLU A 23 -3.70 1.27 10.29
CA GLU A 23 -4.95 0.96 9.61
C GLU A 23 -4.67 0.29 8.27
N PHE A 24 -3.44 0.42 7.80
CA PHE A 24 -2.99 -0.36 6.66
C PHE A 24 -2.88 -1.80 7.08
N LYS A 25 -2.17 -2.04 8.16
CA LYS A 25 -1.88 -3.39 8.60
C LYS A 25 -3.18 -4.11 8.96
N THR A 26 -4.18 -3.35 9.40
CA THR A 26 -5.38 -3.95 9.95
C THR A 26 -6.51 -4.06 8.94
N ARG A 27 -6.64 -3.07 8.07
CA ARG A 27 -7.74 -3.04 7.11
C ARG A 27 -7.30 -3.54 5.74
N ILE A 28 -6.01 -3.41 5.46
CA ILE A 28 -5.47 -3.80 4.18
C ILE A 28 -5.22 -5.29 4.10
N ILE A 29 -5.88 -5.92 3.15
CA ILE A 29 -5.54 -7.25 2.78
C ILE A 29 -4.46 -7.21 1.70
N PRO A 30 -3.26 -7.68 2.03
CA PRO A 30 -2.12 -7.69 1.12
C PRO A 30 -2.32 -8.56 -0.11
N THR A 31 -3.45 -9.25 -0.19
CA THR A 31 -3.83 -9.94 -1.41
C THR A 31 -4.74 -9.03 -2.25
N ASP A 32 -5.40 -8.08 -1.59
CA ASP A 32 -6.37 -7.21 -2.23
C ASP A 32 -5.72 -6.02 -2.95
N ILE A 33 -5.16 -5.08 -2.19
CA ILE A 33 -4.65 -3.83 -2.77
C ILE A 33 -3.41 -4.07 -3.62
N ILE A 34 -2.76 -5.18 -3.34
CA ILE A 34 -1.49 -5.51 -3.93
C ILE A 34 -1.62 -5.71 -5.44
N SER A 35 -2.83 -6.01 -5.89
CA SER A 35 -3.10 -6.19 -7.31
C SER A 35 -2.95 -4.88 -8.07
N ASP A 36 -3.63 -3.84 -7.61
CA ASP A 36 -3.53 -2.54 -8.23
C ASP A 36 -2.14 -2.00 -8.01
N LEU A 37 -1.64 -2.23 -6.82
CA LEU A 37 -0.30 -1.86 -6.44
C LEU A 37 0.75 -2.54 -7.34
N SER A 38 0.61 -3.84 -7.52
CA SER A 38 1.54 -4.62 -8.34
C SER A 38 1.81 -3.99 -9.72
N GLU A 39 0.94 -3.08 -10.15
CA GLU A 39 1.17 -2.34 -11.38
C GLU A 39 2.40 -1.44 -11.27
N CYS A 40 2.80 -1.13 -10.05
CA CYS A 40 3.99 -0.32 -9.81
C CYS A 40 5.04 -1.13 -9.08
N LEU A 41 4.60 -2.11 -8.31
CA LEU A 41 5.48 -2.87 -7.44
C LEU A 41 6.14 -4.02 -8.16
N ILE A 42 7.22 -4.49 -7.57
CA ILE A 42 7.98 -5.59 -8.10
C ILE A 42 7.59 -6.91 -7.44
N ASN A 43 7.53 -7.92 -8.28
CA ASN A 43 7.05 -9.27 -7.92
C ASN A 43 7.82 -9.89 -6.77
N GLN A 44 9.10 -9.58 -6.64
CA GLN A 44 9.92 -10.21 -5.60
C GLN A 44 9.36 -9.93 -4.21
N GLU A 45 9.18 -8.66 -3.87
CA GLU A 45 8.61 -8.30 -2.59
C GLU A 45 7.10 -8.50 -2.59
N CYS A 46 6.46 -8.29 -3.74
CA CYS A 46 5.02 -8.50 -3.87
C CYS A 46 4.66 -9.93 -3.46
N GLU A 47 5.40 -10.89 -3.98
CA GLU A 47 5.19 -12.29 -3.64
C GLU A 47 5.57 -12.54 -2.19
N GLU A 48 6.56 -11.79 -1.71
CA GLU A 48 7.01 -11.91 -0.33
C GLU A 48 5.87 -11.48 0.61
N ILE A 49 5.13 -10.46 0.19
CA ILE A 49 4.00 -9.97 0.95
C ILE A 49 2.87 -11.01 0.99
N LEU A 50 2.62 -11.61 -0.15
CA LEU A 50 1.60 -12.63 -0.28
C LEU A 50 1.99 -13.88 0.51
N GLN A 51 3.28 -14.12 0.61
CA GLN A 51 3.80 -15.26 1.31
C GLN A 51 3.53 -15.13 2.79
N ILE A 52 3.67 -13.93 3.30
CA ILE A 52 3.49 -13.69 4.71
C ILE A 52 2.02 -13.49 5.04
N CYS A 53 1.24 -13.05 4.04
CA CYS A 53 -0.21 -13.06 4.15
C CYS A 53 -0.69 -14.48 4.47
N SER A 54 0.15 -15.41 4.08
CA SER A 54 -0.11 -16.83 4.23
C SER A 54 0.48 -17.35 5.54
N THR A 55 1.77 -17.14 5.68
CA THR A 55 2.53 -17.69 6.78
C THR A 55 2.24 -16.99 8.11
N LYS A 56 2.30 -15.68 8.07
CA LYS A 56 2.13 -14.86 9.25
C LYS A 56 0.69 -14.39 9.41
N GLY A 57 0.12 -13.98 8.31
CA GLY A 57 -1.22 -13.44 8.30
C GLY A 57 -1.29 -12.19 7.44
N MET A 58 -2.49 -11.84 7.01
CA MET A 58 -2.71 -10.66 6.20
C MET A 58 -2.10 -9.42 6.81
N MET A 59 -2.35 -9.19 8.09
CA MET A 59 -1.81 -7.99 8.74
C MET A 59 -0.28 -7.98 8.73
N ALA A 60 0.32 -9.16 8.85
CA ALA A 60 1.77 -9.26 8.84
C ALA A 60 2.30 -9.05 7.43
N GLY A 61 1.59 -9.60 6.46
CA GLY A 61 1.91 -9.35 5.08
C GLY A 61 1.77 -7.89 4.73
N ALA A 62 0.71 -7.28 5.24
CA ALA A 62 0.45 -5.88 5.00
C ALA A 62 1.52 -5.02 5.67
N GLU A 63 2.01 -5.47 6.80
CA GLU A 63 3.11 -4.81 7.47
C GLU A 63 4.33 -4.76 6.56
N LYS A 64 4.57 -5.89 5.89
CA LYS A 64 5.66 -6.03 4.92
C LYS A 64 5.34 -5.23 3.67
N LEU A 65 4.07 -5.03 3.46
CA LEU A 65 3.56 -4.33 2.31
C LEU A 65 3.91 -2.84 2.38
N VAL A 66 3.82 -2.24 3.57
CA VAL A 66 4.02 -0.79 3.70
C VAL A 66 5.46 -0.41 3.37
N GLU A 67 6.40 -1.22 3.83
CA GLU A 67 7.81 -0.96 3.60
C GLU A 67 8.15 -1.12 2.13
N CYS A 68 7.51 -2.08 1.50
CA CYS A 68 7.73 -2.36 0.10
C CYS A 68 7.28 -1.18 -0.75
N LEU A 69 6.12 -0.65 -0.39
CA LEU A 69 5.57 0.55 -1.03
C LEU A 69 6.54 1.70 -0.84
N LEU A 70 6.91 1.92 0.40
CA LEU A 70 7.81 2.98 0.80
C LEU A 70 9.17 2.95 0.07
N ARG A 71 9.60 1.78 -0.38
CA ARG A 71 10.86 1.68 -1.09
C ARG A 71 10.65 1.62 -2.60
N SER A 72 9.41 1.75 -3.02
CA SER A 72 9.08 1.82 -4.43
C SER A 72 9.40 3.22 -4.95
N ASP A 73 9.47 3.36 -6.27
CA ASP A 73 9.82 4.62 -6.89
C ASP A 73 8.98 4.85 -8.14
N LYS A 74 7.68 4.56 -8.02
CA LYS A 74 6.75 4.73 -9.11
C LYS A 74 5.89 6.00 -8.92
N GLU A 75 5.39 6.53 -10.01
CA GLU A 75 4.48 7.68 -9.98
C GLU A 75 3.06 7.26 -9.69
N ASN A 76 2.86 5.98 -9.48
CA ASN A 76 1.52 5.49 -9.20
C ASN A 76 1.36 4.82 -7.82
N TRP A 77 2.46 4.32 -7.21
CA TRP A 77 2.33 3.42 -6.04
C TRP A 77 1.38 3.93 -4.93
N PRO A 78 1.49 5.18 -4.45
CA PRO A 78 0.66 5.61 -3.33
C PRO A 78 -0.78 5.87 -3.76
N LYS A 79 -1.00 5.99 -5.05
CA LYS A 79 -2.34 6.12 -5.58
C LYS A 79 -2.97 4.75 -5.66
N GLU A 80 -2.15 3.75 -5.99
CA GLU A 80 -2.60 2.37 -6.11
C GLU A 80 -3.27 1.93 -4.82
N LEU A 81 -2.80 2.45 -3.69
CA LEU A 81 -3.46 2.18 -2.40
C LEU A 81 -4.94 2.59 -2.42
N LYS A 82 -5.22 3.90 -2.40
CA LYS A 82 -6.61 4.37 -2.35
C LYS A 82 -7.38 3.83 -3.53
N LEU A 83 -6.71 3.81 -4.66
CA LEU A 83 -7.26 3.34 -5.91
C LEU A 83 -7.78 1.92 -5.76
N ALA A 84 -6.96 1.06 -5.16
CA ALA A 84 -7.34 -0.34 -4.99
C ALA A 84 -8.56 -0.46 -4.10
N LEU A 85 -8.56 0.29 -3.00
CA LEU A 85 -9.66 0.23 -2.04
C LEU A 85 -10.91 0.90 -2.58
N GLU A 86 -10.78 1.58 -3.71
CA GLU A 86 -11.95 2.15 -4.35
C GLU A 86 -12.65 1.07 -5.17
N LYS A 87 -11.85 0.22 -5.82
CA LYS A 87 -12.39 -0.93 -6.54
C LYS A 87 -12.84 -1.99 -5.56
N GLU A 88 -11.99 -2.26 -4.60
CA GLU A 88 -12.28 -3.24 -3.55
C GLU A 88 -13.24 -2.66 -2.52
N ARG A 89 -13.44 -1.33 -2.64
CA ARG A 89 -14.45 -0.61 -1.85
C ARG A 89 -14.24 -0.73 -0.36
N ASN A 90 -12.99 -0.63 0.06
CA ASN A 90 -12.63 -0.81 1.47
C ASN A 90 -12.57 0.54 2.17
N LYS A 91 -12.80 0.51 3.48
CA LYS A 91 -12.85 1.70 4.32
C LYS A 91 -11.55 2.51 4.25
N PHE A 92 -10.44 1.82 4.00
CA PHE A 92 -9.12 2.47 4.02
C PHE A 92 -9.03 3.59 2.98
N SER A 93 -9.84 3.51 1.94
CA SER A 93 -9.80 4.48 0.85
C SER A 93 -10.06 5.91 1.35
N GLU A 94 -10.83 6.03 2.42
CA GLU A 94 -11.17 7.33 2.98
C GLU A 94 -10.01 7.87 3.81
N LEU A 95 -9.34 6.97 4.50
CA LEU A 95 -8.27 7.34 5.42
C LEU A 95 -7.02 7.74 4.66
N TRP A 96 -6.83 7.11 3.51
CA TRP A 96 -5.64 7.35 2.70
C TRP A 96 -5.76 8.67 1.95
N ILE A 97 -4.77 9.54 2.10
CA ILE A 97 -4.83 10.87 1.52
C ILE A 97 -3.87 11.00 0.34
N VAL A 98 -4.20 10.35 -0.76
CA VAL A 98 -3.41 10.45 -1.98
C VAL A 98 -4.26 11.13 -3.06
N GLU A 99 -3.62 11.85 -3.96
CA GLU A 99 -4.32 12.57 -5.00
C GLU A 99 -3.70 12.30 -6.36
N LYS A 100 -4.48 12.54 -7.41
CA LYS A 100 -4.09 12.26 -8.79
C LYS A 100 -3.58 10.83 -8.94
N LYS A 5 5.41 22.80 -3.63
CA LYS A 5 5.89 21.47 -3.29
C LYS A 5 5.45 20.46 -4.34
N LYS A 6 6.35 20.17 -5.27
CA LYS A 6 6.06 19.22 -6.33
C LYS A 6 6.35 17.80 -5.87
N ILE A 7 7.61 17.50 -5.65
CA ILE A 7 8.00 16.17 -5.23
C ILE A 7 7.64 15.95 -3.77
N GLU A 8 7.81 16.98 -2.96
CA GLU A 8 7.57 16.90 -1.53
C GLU A 8 6.12 16.50 -1.24
N LYS A 9 5.27 16.72 -2.23
CA LYS A 9 3.85 16.37 -2.15
C LYS A 9 3.71 14.84 -2.17
N LEU A 10 4.47 14.21 -3.05
CA LEU A 10 4.51 12.76 -3.13
C LEU A 10 5.35 12.22 -1.97
N GLU A 11 6.29 13.03 -1.54
CA GLU A 11 7.06 12.75 -0.33
C GLU A 11 6.11 12.67 0.86
N GLU A 12 5.05 13.47 0.82
CA GLU A 12 3.99 13.38 1.80
C GLU A 12 3.29 12.04 1.68
N TYR A 13 3.13 11.55 0.45
CA TYR A 13 2.54 10.22 0.21
C TYR A 13 3.34 9.15 0.95
N ARG A 14 4.66 9.30 0.92
CA ARG A 14 5.59 8.39 1.59
C ARG A 14 5.50 8.52 3.11
N LEU A 15 5.57 9.74 3.63
CA LEU A 15 5.50 9.94 5.07
C LEU A 15 4.12 9.53 5.57
N LEU A 16 3.16 9.57 4.66
CA LEU A 16 1.80 9.14 4.93
C LEU A 16 1.73 7.62 5.04
N LEU A 17 2.53 6.94 4.22
CA LEU A 17 2.62 5.49 4.27
C LEU A 17 3.02 5.10 5.69
N LYS A 18 3.92 5.91 6.24
CA LYS A 18 4.36 5.78 7.61
C LYS A 18 3.27 6.21 8.58
N ARG A 19 2.45 7.17 8.15
CA ARG A 19 1.38 7.72 9.00
C ARG A 19 0.29 6.70 9.27
N LEU A 20 -0.28 6.13 8.22
CA LEU A 20 -1.40 5.21 8.41
C LEU A 20 -0.95 3.78 8.49
N GLN A 21 0.23 3.54 9.04
CA GLN A 21 0.71 2.18 9.27
C GLN A 21 -0.29 1.33 10.06
N PRO A 22 -0.95 1.84 11.13
CA PRO A 22 -1.91 1.06 11.91
C PRO A 22 -3.16 0.70 11.13
N GLU A 23 -3.74 1.68 10.45
CA GLU A 23 -4.92 1.44 9.63
C GLU A 23 -4.54 0.57 8.45
N PHE A 24 -3.32 0.71 8.03
CA PHE A 24 -2.77 -0.10 6.97
C PHE A 24 -2.75 -1.56 7.39
N LYS A 25 -2.18 -1.80 8.55
CA LYS A 25 -1.95 -3.15 9.00
C LYS A 25 -3.26 -3.83 9.40
N THR A 26 -4.31 -3.05 9.60
CA THR A 26 -5.58 -3.58 10.05
C THR A 26 -6.65 -3.63 8.95
N ARG A 27 -6.66 -2.64 8.06
CA ARG A 27 -7.68 -2.56 7.02
C ARG A 27 -7.17 -3.14 5.72
N ILE A 28 -5.87 -3.05 5.49
CA ILE A 28 -5.27 -3.51 4.25
C ILE A 28 -5.17 -5.02 4.18
N ILE A 29 -5.82 -5.58 3.18
CA ILE A 29 -5.58 -6.94 2.81
C ILE A 29 -4.55 -6.98 1.68
N PRO A 30 -3.35 -7.48 1.98
CA PRO A 30 -2.22 -7.55 1.02
C PRO A 30 -2.48 -8.45 -0.17
N THR A 31 -3.60 -9.14 -0.17
CA THR A 31 -4.01 -9.90 -1.32
C THR A 31 -4.94 -9.06 -2.20
N ASP A 32 -5.44 -7.96 -1.64
CA ASP A 32 -6.36 -7.08 -2.32
C ASP A 32 -5.65 -5.90 -2.99
N ILE A 33 -5.07 -5.00 -2.18
CA ILE A 33 -4.50 -3.76 -2.73
C ILE A 33 -3.31 -4.03 -3.64
N ILE A 34 -2.73 -5.21 -3.46
CA ILE A 34 -1.57 -5.63 -4.20
C ILE A 34 -1.84 -5.67 -5.71
N SER A 35 -3.10 -5.82 -6.10
CA SER A 35 -3.46 -5.88 -7.52
C SER A 35 -3.18 -4.55 -8.19
N ASP A 36 -3.66 -3.47 -7.59
CA ASP A 36 -3.47 -2.15 -8.14
C ASP A 36 -2.05 -1.70 -7.88
N LEU A 37 -1.55 -2.09 -6.73
CA LEU A 37 -0.20 -1.75 -6.32
C LEU A 37 0.86 -2.47 -7.15
N SER A 38 0.62 -3.73 -7.48
CA SER A 38 1.60 -4.51 -8.25
C SER A 38 1.91 -3.85 -9.59
N GLU A 39 1.08 -2.90 -10.01
CA GLU A 39 1.39 -2.13 -11.21
C GLU A 39 2.58 -1.19 -10.97
N CYS A 40 2.87 -0.91 -9.71
CA CYS A 40 4.00 -0.08 -9.32
C CYS A 40 5.06 -0.90 -8.61
N LEU A 41 4.63 -1.97 -7.95
CA LEU A 41 5.52 -2.73 -7.10
C LEU A 41 6.28 -3.78 -7.86
N ILE A 42 7.39 -4.19 -7.27
CA ILE A 42 8.27 -5.17 -7.86
C ILE A 42 7.97 -6.58 -7.34
N ASN A 43 8.03 -7.52 -8.28
CA ASN A 43 7.62 -8.92 -8.06
C ASN A 43 8.28 -9.59 -6.88
N GLN A 44 9.56 -9.32 -6.65
CA GLN A 44 10.29 -10.02 -5.60
C GLN A 44 9.63 -9.83 -4.23
N GLU A 45 9.47 -8.59 -3.83
CA GLU A 45 8.81 -8.27 -2.59
C GLU A 45 7.30 -8.40 -2.70
N CYS A 46 6.76 -8.22 -3.90
CA CYS A 46 5.34 -8.38 -4.14
C CYS A 46 4.90 -9.80 -3.80
N GLU A 47 5.66 -10.77 -4.29
CA GLU A 47 5.38 -12.17 -4.04
C GLU A 47 5.65 -12.50 -2.58
N GLU A 48 6.60 -11.78 -1.99
CA GLU A 48 6.89 -11.88 -0.56
C GLU A 48 5.67 -11.52 0.28
N ILE A 49 5.05 -10.41 -0.05
CA ILE A 49 3.89 -9.91 0.68
C ILE A 49 2.73 -10.91 0.61
N LEU A 50 2.56 -11.51 -0.57
CA LEU A 50 1.53 -12.50 -0.77
C LEU A 50 1.84 -13.77 0.00
N GLN A 51 3.13 -14.02 0.21
CA GLN A 51 3.57 -15.20 0.93
C GLN A 51 3.28 -15.07 2.41
N ILE A 52 3.50 -13.88 2.93
CA ILE A 52 3.37 -13.66 4.37
C ILE A 52 1.93 -13.42 4.78
N CYS A 53 1.10 -12.92 3.87
CA CYS A 53 -0.33 -12.81 4.13
C CYS A 53 -0.87 -14.20 4.44
N SER A 54 -0.16 -15.17 3.93
CA SER A 54 -0.44 -16.57 4.12
C SER A 54 0.22 -17.10 5.39
N THR A 55 1.54 -17.05 5.40
CA THR A 55 2.35 -17.66 6.45
C THR A 55 2.14 -16.98 7.80
N LYS A 56 2.13 -15.66 7.75
CA LYS A 56 2.04 -14.83 8.94
C LYS A 56 0.63 -14.30 9.15
N GLY A 57 -0.03 -13.99 8.06
CA GLY A 57 -1.33 -13.37 8.12
C GLY A 57 -1.34 -12.11 7.29
N MET A 58 -2.50 -11.73 6.79
CA MET A 58 -2.62 -10.55 5.94
C MET A 58 -2.18 -9.28 6.67
N MET A 59 -2.22 -9.27 7.99
CA MET A 59 -1.71 -8.14 8.75
C MET A 59 -0.20 -8.06 8.61
N ALA A 60 0.47 -9.21 8.74
CA ALA A 60 1.92 -9.25 8.61
C ALA A 60 2.34 -9.02 7.17
N GLY A 61 1.55 -9.58 6.26
CA GLY A 61 1.78 -9.34 4.85
C GLY A 61 1.59 -7.89 4.49
N ALA A 62 0.62 -7.24 5.13
CA ALA A 62 0.38 -5.82 4.92
C ALA A 62 1.49 -5.00 5.55
N GLU A 63 1.97 -5.45 6.70
CA GLU A 63 3.06 -4.78 7.38
C GLU A 63 4.32 -4.80 6.49
N LYS A 64 4.51 -5.92 5.80
CA LYS A 64 5.60 -6.09 4.83
C LYS A 64 5.36 -5.21 3.60
N LEU A 65 4.11 -4.96 3.32
CA LEU A 65 3.72 -4.19 2.16
C LEU A 65 4.10 -2.73 2.34
N VAL A 66 4.08 -2.27 3.58
CA VAL A 66 4.42 -0.89 3.93
C VAL A 66 5.81 -0.54 3.46
N GLU A 67 6.75 -1.33 3.91
CA GLU A 67 8.16 -1.13 3.62
C GLU A 67 8.41 -1.23 2.12
N CYS A 68 7.70 -2.14 1.49
CA CYS A 68 7.88 -2.41 0.08
C CYS A 68 7.48 -1.19 -0.75
N LEU A 69 6.36 -0.60 -0.40
CA LEU A 69 5.89 0.61 -1.04
C LEU A 69 6.74 1.81 -0.62
N LEU A 70 7.24 1.78 0.61
CA LEU A 70 8.05 2.87 1.12
C LEU A 70 9.38 2.96 0.38
N ARG A 71 9.87 1.84 -0.12
CA ARG A 71 11.09 1.85 -0.93
C ARG A 71 10.76 2.09 -2.40
N SER A 72 9.48 1.99 -2.73
CA SER A 72 9.00 2.15 -4.09
C SER A 72 9.16 3.59 -4.57
N ASP A 73 9.73 3.77 -5.75
CA ASP A 73 9.89 5.10 -6.33
C ASP A 73 8.99 5.26 -7.54
N LYS A 74 7.70 5.14 -7.30
CA LYS A 74 6.70 5.37 -8.32
C LYS A 74 5.87 6.60 -7.95
N GLU A 75 5.19 7.17 -8.93
CA GLU A 75 4.26 8.24 -8.69
C GLU A 75 2.95 7.70 -8.20
N ASN A 76 2.41 6.75 -8.93
CA ASN A 76 1.08 6.28 -8.67
C ASN A 76 0.98 5.31 -7.49
N TRP A 77 2.10 4.73 -7.02
CA TRP A 77 2.04 3.66 -6.01
C TRP A 77 1.15 4.02 -4.80
N PRO A 78 1.25 5.23 -4.20
CA PRO A 78 0.47 5.55 -3.02
C PRO A 78 -0.99 5.77 -3.37
N LYS A 79 -1.24 6.06 -4.62
CA LYS A 79 -2.59 6.20 -5.12
C LYS A 79 -3.16 4.83 -5.44
N GLU A 80 -2.29 3.88 -5.80
CA GLU A 80 -2.70 2.50 -6.07
C GLU A 80 -3.39 1.93 -4.85
N LEU A 81 -2.96 2.40 -3.69
CA LEU A 81 -3.65 2.10 -2.45
C LEU A 81 -5.11 2.50 -2.54
N LYS A 82 -5.36 3.81 -2.63
CA LYS A 82 -6.73 4.32 -2.66
C LYS A 82 -7.51 3.73 -3.82
N LEU A 83 -6.84 3.60 -4.95
CA LEU A 83 -7.41 2.99 -6.12
C LEU A 83 -7.86 1.58 -5.83
N ALA A 84 -7.00 0.81 -5.19
CA ALA A 84 -7.30 -0.57 -4.91
C ALA A 84 -8.57 -0.68 -4.07
N LEU A 85 -8.62 0.09 -3.00
CA LEU A 85 -9.77 0.08 -2.11
C LEU A 85 -10.96 0.83 -2.71
N GLU A 86 -10.76 1.49 -3.82
CA GLU A 86 -11.88 2.09 -4.54
C GLU A 86 -12.54 1.03 -5.43
N LYS A 87 -11.73 0.16 -6.02
CA LYS A 87 -12.24 -0.96 -6.79
C LYS A 87 -12.78 -2.03 -5.85
N GLU A 88 -12.00 -2.34 -4.83
CA GLU A 88 -12.38 -3.31 -3.82
C GLU A 88 -13.32 -2.68 -2.78
N ARG A 89 -13.47 -1.36 -2.86
CA ARG A 89 -14.44 -0.61 -2.05
C ARG A 89 -14.22 -0.78 -0.55
N ASN A 90 -12.95 -0.84 -0.16
CA ASN A 90 -12.58 -1.04 1.24
C ASN A 90 -12.46 0.30 1.96
N LYS A 91 -12.64 0.27 3.27
CA LYS A 91 -12.72 1.48 4.10
C LYS A 91 -11.38 2.21 4.23
N PHE A 92 -10.30 1.62 3.76
CA PHE A 92 -8.99 2.23 3.91
C PHE A 92 -8.87 3.50 3.07
N SER A 93 -9.51 3.51 1.90
CA SER A 93 -9.46 4.65 0.99
C SER A 93 -10.03 5.91 1.64
N GLU A 94 -10.95 5.73 2.57
CA GLU A 94 -11.60 6.85 3.24
C GLU A 94 -10.64 7.51 4.23
N LEU A 95 -9.65 6.73 4.65
CA LEU A 95 -8.65 7.21 5.61
C LEU A 95 -7.43 7.77 4.88
N TRP A 96 -7.04 7.06 3.83
CA TRP A 96 -5.83 7.36 3.07
C TRP A 96 -5.94 8.71 2.36
N ILE A 97 -4.89 9.53 2.41
CA ILE A 97 -4.95 10.88 1.86
C ILE A 97 -3.95 11.09 0.71
N VAL A 98 -4.24 10.47 -0.43
CA VAL A 98 -3.49 10.71 -1.65
C VAL A 98 -4.42 11.36 -2.67
N GLU A 99 -3.84 11.95 -3.71
CA GLU A 99 -4.60 12.60 -4.76
C GLU A 99 -4.37 11.87 -6.07
N LYS A 100 -5.15 12.21 -7.07
CA LYS A 100 -4.99 11.60 -8.39
C LYS A 100 -3.65 11.99 -9.02
N LYS A 5 4.75 24.60 -3.02
CA LYS A 5 4.71 23.15 -2.83
C LYS A 5 4.69 22.43 -4.15
N LYS A 6 5.80 21.77 -4.46
CA LYS A 6 5.91 21.00 -5.68
C LYS A 6 6.05 19.51 -5.34
N ILE A 7 7.18 19.17 -4.75
CA ILE A 7 7.48 17.79 -4.42
C ILE A 7 7.03 17.44 -3.01
N GLU A 8 6.74 18.48 -2.22
CA GLU A 8 6.34 18.30 -0.82
C GLU A 8 5.18 17.32 -0.69
N LYS A 9 4.34 17.30 -1.71
CA LYS A 9 3.16 16.45 -1.73
C LYS A 9 3.56 14.98 -1.88
N LEU A 10 4.54 14.72 -2.73
CA LEU A 10 5.03 13.36 -2.91
C LEU A 10 5.87 12.98 -1.69
N GLU A 11 6.53 13.98 -1.13
CA GLU A 11 7.20 13.83 0.14
C GLU A 11 6.20 13.34 1.18
N GLU A 12 5.01 13.92 1.13
CA GLU A 12 3.88 13.49 1.90
C GLU A 12 3.48 12.05 1.61
N TYR A 13 3.51 11.67 0.34
CA TYR A 13 3.09 10.31 -0.06
C TYR A 13 3.84 9.25 0.73
N ARG A 14 5.14 9.43 0.86
CA ARG A 14 5.98 8.50 1.62
C ARG A 14 5.72 8.59 3.12
N LEU A 15 5.76 9.80 3.67
CA LEU A 15 5.61 9.97 5.12
C LEU A 15 4.21 9.52 5.55
N LEU A 16 3.26 9.65 4.62
CA LEU A 16 1.90 9.25 4.86
C LEU A 16 1.80 7.75 5.00
N LEU A 17 2.58 7.01 4.22
CA LEU A 17 2.61 5.56 4.31
C LEU A 17 3.00 5.17 5.71
N LYS A 18 3.93 5.92 6.26
CA LYS A 18 4.38 5.74 7.64
C LYS A 18 3.27 6.15 8.60
N ARG A 19 2.49 7.15 8.20
CA ARG A 19 1.41 7.68 9.00
C ARG A 19 0.26 6.70 9.20
N LEU A 20 -0.29 6.18 8.11
CA LEU A 20 -1.42 5.25 8.26
C LEU A 20 -0.96 3.80 8.15
N GLN A 21 0.25 3.52 8.63
CA GLN A 21 0.73 2.15 8.73
C GLN A 21 -0.20 1.25 9.58
N PRO A 22 -0.66 1.72 10.77
CA PRO A 22 -1.52 0.90 11.63
C PRO A 22 -2.88 0.64 10.99
N GLU A 23 -3.41 1.67 10.36
CA GLU A 23 -4.67 1.55 9.66
C GLU A 23 -4.49 0.68 8.44
N PHE A 24 -3.29 0.73 7.87
CA PHE A 24 -2.95 -0.14 6.77
C PHE A 24 -2.96 -1.58 7.23
N LYS A 25 -2.26 -1.85 8.30
CA LYS A 25 -2.07 -3.22 8.76
C LYS A 25 -3.40 -3.84 9.21
N THR A 26 -4.39 -2.99 9.48
CA THR A 26 -5.68 -3.45 9.98
C THR A 26 -6.77 -3.47 8.90
N ARG A 27 -6.69 -2.53 7.96
CA ARG A 27 -7.71 -2.40 6.92
C ARG A 27 -7.32 -3.16 5.67
N ILE A 28 -6.03 -3.26 5.46
CA ILE A 28 -5.48 -3.76 4.22
C ILE A 28 -5.36 -5.27 4.18
N ILE A 29 -5.97 -5.85 3.17
CA ILE A 29 -5.66 -7.17 2.75
C ILE A 29 -4.55 -7.08 1.71
N PRO A 30 -3.36 -7.56 2.03
CA PRO A 30 -2.18 -7.49 1.15
C PRO A 30 -2.32 -8.34 -0.09
N THR A 31 -3.42 -9.08 -0.18
CA THR A 31 -3.75 -9.81 -1.40
C THR A 31 -4.71 -8.97 -2.25
N ASP A 32 -5.28 -7.94 -1.64
CA ASP A 32 -6.23 -7.06 -2.31
C ASP A 32 -5.52 -5.90 -2.98
N ILE A 33 -4.85 -5.05 -2.20
CA ILE A 33 -4.24 -3.83 -2.75
C ILE A 33 -3.00 -4.15 -3.58
N ILE A 34 -2.46 -5.34 -3.37
CA ILE A 34 -1.26 -5.79 -4.06
C ILE A 34 -1.46 -5.84 -5.57
N SER A 35 -2.69 -6.00 -6.03
CA SER A 35 -2.99 -6.03 -7.46
C SER A 35 -2.73 -4.69 -8.10
N ASP A 36 -3.27 -3.64 -7.50
CA ASP A 36 -3.06 -2.30 -8.00
C ASP A 36 -1.62 -1.87 -7.77
N LEU A 37 -1.12 -2.21 -6.58
CA LEU A 37 0.26 -1.93 -6.21
C LEU A 37 1.24 -2.68 -7.13
N SER A 38 0.91 -3.91 -7.47
CA SER A 38 1.74 -4.72 -8.39
C SER A 38 2.13 -3.94 -9.64
N GLU A 39 1.36 -2.92 -9.99
CA GLU A 39 1.69 -2.07 -11.12
C GLU A 39 2.92 -1.19 -10.85
N CYS A 40 3.31 -1.10 -9.59
CA CYS A 40 4.51 -0.37 -9.19
C CYS A 40 5.56 -1.31 -8.64
N LEU A 41 5.10 -2.41 -8.05
CA LEU A 41 5.98 -3.33 -7.37
C LEU A 41 6.43 -4.46 -8.26
N ILE A 42 7.49 -5.11 -7.82
CA ILE A 42 8.03 -6.25 -8.52
C ILE A 42 7.57 -7.55 -7.86
N ASN A 43 7.47 -8.57 -8.71
CA ASN A 43 6.95 -9.91 -8.37
C ASN A 43 7.61 -10.50 -7.14
N GLN A 44 8.91 -10.29 -7.00
CA GLN A 44 9.66 -10.91 -5.91
C GLN A 44 9.06 -10.54 -4.54
N GLU A 45 8.93 -9.25 -4.28
CA GLU A 45 8.36 -8.78 -3.02
C GLU A 45 6.84 -8.92 -3.03
N CYS A 46 6.24 -8.84 -4.21
CA CYS A 46 4.80 -9.02 -4.35
C CYS A 46 4.38 -10.40 -3.86
N GLU A 47 5.09 -11.41 -4.31
CA GLU A 47 4.81 -12.79 -3.92
C GLU A 47 5.23 -13.02 -2.47
N GLU A 48 6.26 -12.30 -2.05
CA GLU A 48 6.77 -12.38 -0.69
C GLU A 48 5.69 -11.94 0.30
N ILE A 49 5.07 -10.81 0.02
CA ILE A 49 3.98 -10.30 0.85
C ILE A 49 2.82 -11.30 0.90
N LEU A 50 2.51 -11.89 -0.25
CA LEU A 50 1.42 -12.86 -0.34
C LEU A 50 1.78 -14.11 0.48
N GLN A 51 3.07 -14.37 0.57
CA GLN A 51 3.57 -15.50 1.34
C GLN A 51 3.33 -15.28 2.83
N ILE A 52 3.48 -14.04 3.27
CA ILE A 52 3.37 -13.74 4.68
C ILE A 52 1.91 -13.54 5.08
N CYS A 53 1.07 -13.14 4.14
CA CYS A 53 -0.38 -13.11 4.37
C CYS A 53 -0.84 -14.52 4.75
N SER A 54 -0.05 -15.47 4.29
CA SER A 54 -0.27 -16.88 4.55
C SER A 54 0.35 -17.29 5.87
N THR A 55 1.67 -17.13 5.95
CA THR A 55 2.44 -17.60 7.07
C THR A 55 2.13 -16.82 8.34
N LYS A 56 2.32 -15.52 8.24
CA LYS A 56 2.14 -14.62 9.36
C LYS A 56 0.69 -14.18 9.50
N GLY A 57 0.05 -13.89 8.38
CA GLY A 57 -1.28 -13.35 8.40
C GLY A 57 -1.37 -12.15 7.49
N MET A 58 -2.58 -11.82 7.10
CA MET A 58 -2.85 -10.69 6.22
C MET A 58 -2.19 -9.42 6.76
N MET A 59 -2.36 -9.18 8.05
CA MET A 59 -1.80 -8.00 8.69
C MET A 59 -0.27 -7.93 8.51
N ALA A 60 0.41 -9.05 8.73
CA ALA A 60 1.87 -9.07 8.61
C ALA A 60 2.29 -8.96 7.16
N GLY A 61 1.49 -9.56 6.28
CA GLY A 61 1.70 -9.39 4.84
C GLY A 61 1.53 -7.94 4.43
N ALA A 62 0.57 -7.27 5.05
CA ALA A 62 0.34 -5.85 4.80
C ALA A 62 1.49 -5.04 5.37
N GLU A 63 2.00 -5.48 6.52
CA GLU A 63 3.13 -4.82 7.13
C GLU A 63 4.36 -4.95 6.24
N LYS A 64 4.48 -6.10 5.58
CA LYS A 64 5.55 -6.34 4.60
C LYS A 64 5.33 -5.48 3.37
N LEU A 65 4.08 -5.17 3.13
CA LEU A 65 3.68 -4.52 1.91
C LEU A 65 3.85 -3.01 2.00
N VAL A 66 3.89 -2.47 3.22
CA VAL A 66 4.12 -1.04 3.37
C VAL A 66 5.58 -0.71 3.11
N GLU A 67 6.47 -1.55 3.61
CA GLU A 67 7.88 -1.36 3.34
C GLU A 67 8.17 -1.60 1.87
N CYS A 68 7.37 -2.47 1.26
CA CYS A 68 7.44 -2.73 -0.18
C CYS A 68 7.15 -1.43 -0.93
N LEU A 69 6.14 -0.72 -0.48
CA LEU A 69 5.71 0.52 -1.10
C LEU A 69 6.71 1.63 -0.84
N LEU A 70 7.13 1.74 0.42
CA LEU A 70 8.02 2.80 0.85
C LEU A 70 9.34 2.79 0.09
N ARG A 71 9.80 1.60 -0.32
CA ARG A 71 11.03 1.51 -1.10
C ARG A 71 10.74 1.65 -2.59
N SER A 72 9.47 1.60 -2.93
CA SER A 72 9.03 1.83 -4.29
C SER A 72 9.03 3.33 -4.59
N ASP A 73 9.68 3.72 -5.67
CA ASP A 73 9.80 5.15 -5.99
C ASP A 73 9.03 5.47 -7.26
N LYS A 74 7.83 4.93 -7.36
CA LYS A 74 6.94 5.22 -8.46
C LYS A 74 6.11 6.47 -8.15
N GLU A 75 5.42 7.00 -9.13
CA GLU A 75 4.43 8.03 -8.87
C GLU A 75 3.15 7.39 -8.40
N ASN A 76 2.72 6.38 -9.14
CA ASN A 76 1.44 5.75 -8.91
C ASN A 76 1.34 4.99 -7.60
N TRP A 77 2.46 4.47 -7.07
CA TRP A 77 2.40 3.51 -5.93
C TRP A 77 1.48 3.97 -4.77
N PRO A 78 1.58 5.23 -4.28
CA PRO A 78 0.79 5.63 -3.13
C PRO A 78 -0.66 5.87 -3.51
N LYS A 79 -0.89 6.01 -4.80
CA LYS A 79 -2.23 6.15 -5.31
C LYS A 79 -2.83 4.78 -5.62
N GLU A 80 -1.96 3.81 -5.88
CA GLU A 80 -2.37 2.40 -6.05
C GLU A 80 -3.09 1.95 -4.81
N LEU A 81 -2.66 2.48 -3.67
CA LEU A 81 -3.36 2.25 -2.41
C LEU A 81 -4.83 2.65 -2.50
N LYS A 82 -5.07 3.96 -2.62
CA LYS A 82 -6.43 4.48 -2.65
C LYS A 82 -7.22 3.84 -3.78
N LEU A 83 -6.56 3.69 -4.91
CA LEU A 83 -7.14 3.05 -6.07
C LEU A 83 -7.58 1.64 -5.74
N ALA A 84 -6.73 0.89 -5.09
CA ALA A 84 -7.01 -0.51 -4.82
C ALA A 84 -8.29 -0.63 -4.01
N LEU A 85 -8.36 0.14 -2.95
CA LEU A 85 -9.50 0.09 -2.05
C LEU A 85 -10.72 0.78 -2.64
N GLU A 86 -10.58 1.48 -3.76
CA GLU A 86 -11.75 2.00 -4.43
C GLU A 86 -12.36 0.91 -5.31
N LYS A 87 -11.52 0.05 -5.87
CA LYS A 87 -11.98 -1.13 -6.59
C LYS A 87 -12.50 -2.16 -5.61
N GLU A 88 -11.73 -2.38 -4.57
CA GLU A 88 -12.09 -3.32 -3.52
C GLU A 88 -13.14 -2.72 -2.58
N ARG A 89 -13.31 -1.40 -2.68
CA ARG A 89 -14.34 -0.66 -1.93
C ARG A 89 -14.14 -0.76 -0.42
N ASN A 90 -12.89 -0.69 0.00
CA ASN A 90 -12.54 -0.75 1.41
C ASN A 90 -12.38 0.66 1.98
N LYS A 91 -12.66 0.79 3.26
CA LYS A 91 -12.66 2.08 3.97
C LYS A 91 -11.30 2.78 3.86
N PHE A 92 -10.25 1.99 3.62
CA PHE A 92 -8.90 2.55 3.56
C PHE A 92 -8.78 3.57 2.41
N SER A 93 -9.65 3.47 1.44
CA SER A 93 -9.65 4.40 0.31
C SER A 93 -9.93 5.83 0.80
N GLU A 94 -10.69 5.94 1.88
CA GLU A 94 -11.17 7.23 2.36
C GLU A 94 -10.18 7.89 3.33
N LEU A 95 -9.48 7.09 4.14
CA LEU A 95 -8.53 7.63 5.12
C LEU A 95 -7.20 8.02 4.47
N TRP A 96 -6.89 7.36 3.37
CA TRP A 96 -5.63 7.58 2.66
C TRP A 96 -5.70 8.89 1.88
N ILE A 97 -4.69 9.73 2.01
CA ILE A 97 -4.74 11.07 1.44
C ILE A 97 -3.73 11.26 0.31
N VAL A 98 -4.05 10.73 -0.85
CA VAL A 98 -3.24 10.92 -2.05
C VAL A 98 -4.02 11.71 -3.09
N GLU A 99 -3.42 11.90 -4.26
CA GLU A 99 -4.07 12.58 -5.38
C GLU A 99 -5.45 12.00 -5.71
N LYS A 100 -6.35 12.88 -6.17
CA LYS A 100 -7.70 12.50 -6.58
C LYS A 100 -8.45 11.80 -5.44
N LYS A 5 7.05 23.63 -2.97
CA LYS A 5 5.70 23.19 -3.32
C LYS A 5 5.74 22.15 -4.43
N LYS A 6 4.58 21.57 -4.73
CA LYS A 6 4.45 20.49 -5.72
C LYS A 6 5.08 19.20 -5.22
N ILE A 7 6.40 19.23 -5.00
CA ILE A 7 7.10 18.06 -4.51
C ILE A 7 6.57 17.67 -3.14
N GLU A 8 6.34 18.69 -2.32
CA GLU A 8 5.83 18.51 -0.95
C GLU A 8 4.60 17.61 -0.92
N LYS A 9 3.87 17.59 -2.02
CA LYS A 9 2.64 16.82 -2.12
C LYS A 9 2.96 15.33 -2.13
N LEU A 10 3.92 14.96 -2.94
CA LEU A 10 4.36 13.59 -3.04
C LEU A 10 5.26 13.25 -1.85
N GLU A 11 5.95 14.26 -1.35
CA GLU A 11 6.71 14.14 -0.12
C GLU A 11 5.76 13.68 0.98
N GLU A 12 4.58 14.25 0.97
CA GLU A 12 3.50 13.83 1.81
C GLU A 12 3.11 12.38 1.56
N TYR A 13 3.06 11.98 0.29
CA TYR A 13 2.66 10.61 -0.07
C TYR A 13 3.53 9.59 0.65
N ARG A 14 4.82 9.88 0.71
CA ARG A 14 5.79 9.00 1.33
C ARG A 14 5.67 9.03 2.86
N LEU A 15 5.68 10.24 3.43
CA LEU A 15 5.62 10.41 4.87
C LEU A 15 4.27 9.94 5.40
N LEU A 16 3.27 10.01 4.54
CA LEU A 16 1.93 9.58 4.88
C LEU A 16 1.87 8.07 5.01
N LEU A 17 2.63 7.37 4.17
CA LEU A 17 2.68 5.93 4.26
C LEU A 17 3.19 5.55 5.64
N LYS A 18 4.15 6.33 6.11
CA LYS A 18 4.67 6.20 7.47
C LYS A 18 3.59 6.55 8.48
N ARG A 19 2.72 7.49 8.12
CA ARG A 19 1.65 7.95 8.99
C ARG A 19 0.61 6.88 9.24
N LEU A 20 0.02 6.32 8.18
CA LEU A 20 -1.06 5.37 8.37
C LEU A 20 -0.60 3.91 8.26
N GLN A 21 0.61 3.64 8.71
CA GLN A 21 1.09 2.27 8.81
C GLN A 21 0.14 1.36 9.61
N PRO A 22 -0.39 1.82 10.77
CA PRO A 22 -1.30 1.00 11.59
C PRO A 22 -2.62 0.71 10.88
N GLU A 23 -3.18 1.72 10.22
CA GLU A 23 -4.43 1.53 9.51
C GLU A 23 -4.20 0.72 8.27
N PHE A 24 -2.97 0.76 7.77
CA PHE A 24 -2.57 -0.09 6.69
C PHE A 24 -2.55 -1.53 7.15
N LYS A 25 -1.86 -1.77 8.25
CA LYS A 25 -1.66 -3.12 8.72
C LYS A 25 -2.98 -3.75 9.19
N THR A 26 -3.97 -2.91 9.46
CA THR A 26 -5.22 -3.39 10.05
C THR A 26 -6.37 -3.50 9.04
N ARG A 27 -6.42 -2.59 8.08
CA ARG A 27 -7.51 -2.58 7.11
C ARG A 27 -7.10 -3.28 5.81
N ILE A 28 -5.82 -3.19 5.50
CA ILE A 28 -5.32 -3.67 4.22
C ILE A 28 -5.21 -5.17 4.15
N ILE A 29 -5.94 -5.74 3.23
CA ILE A 29 -5.67 -7.07 2.78
C ILE A 29 -4.59 -7.01 1.71
N PRO A 30 -3.39 -7.53 2.03
CA PRO A 30 -2.23 -7.45 1.14
C PRO A 30 -2.36 -8.31 -0.10
N THR A 31 -3.44 -9.07 -0.18
CA THR A 31 -3.76 -9.80 -1.39
C THR A 31 -4.72 -8.97 -2.24
N ASP A 32 -5.28 -7.94 -1.63
CA ASP A 32 -6.26 -7.08 -2.29
C ASP A 32 -5.55 -5.93 -3.02
N ILE A 33 -4.91 -5.04 -2.26
CA ILE A 33 -4.28 -3.85 -2.85
C ILE A 33 -3.05 -4.23 -3.67
N ILE A 34 -2.51 -5.41 -3.42
CA ILE A 34 -1.28 -5.87 -4.07
C ILE A 34 -1.41 -5.90 -5.59
N SER A 35 -2.60 -6.17 -6.10
CA SER A 35 -2.81 -6.23 -7.55
C SER A 35 -2.62 -4.86 -8.16
N ASP A 36 -3.25 -3.87 -7.55
CA ASP A 36 -3.19 -2.51 -8.04
C ASP A 36 -1.82 -1.93 -7.75
N LEU A 37 -1.25 -2.37 -6.64
CA LEU A 37 0.10 -1.99 -6.25
C LEU A 37 1.14 -2.64 -7.17
N SER A 38 0.95 -3.91 -7.48
CA SER A 38 1.86 -4.66 -8.34
C SER A 38 2.14 -3.94 -9.66
N GLU A 39 1.31 -2.94 -9.97
CA GLU A 39 1.54 -2.10 -11.13
C GLU A 39 2.82 -1.28 -10.97
N CYS A 40 3.18 -0.96 -9.73
CA CYS A 40 4.38 -0.19 -9.44
C CYS A 40 5.42 -1.06 -8.75
N LEU A 41 4.95 -2.14 -8.12
CA LEU A 41 5.81 -3.02 -7.33
C LEU A 41 6.50 -4.07 -8.17
N ILE A 42 7.59 -4.57 -7.62
CA ILE A 42 8.34 -5.68 -8.20
C ILE A 42 7.86 -7.01 -7.61
N ASN A 43 7.87 -8.01 -8.48
CA ASN A 43 7.36 -9.36 -8.20
C ASN A 43 7.94 -9.97 -6.94
N GLN A 44 9.20 -9.75 -6.67
CA GLN A 44 9.87 -10.42 -5.56
C GLN A 44 9.14 -10.20 -4.24
N GLU A 45 8.91 -8.94 -3.87
CA GLU A 45 8.19 -8.64 -2.64
C GLU A 45 6.70 -8.86 -2.82
N CYS A 46 6.20 -8.64 -4.03
CA CYS A 46 4.79 -8.89 -4.32
C CYS A 46 4.41 -10.32 -3.96
N GLU A 47 5.21 -11.25 -4.45
CA GLU A 47 4.98 -12.66 -4.20
C GLU A 47 5.26 -12.99 -2.74
N GLU A 48 6.21 -12.26 -2.14
CA GLU A 48 6.59 -12.47 -0.75
C GLU A 48 5.43 -12.10 0.17
N ILE A 49 4.91 -10.90 0.01
CA ILE A 49 3.79 -10.41 0.81
C ILE A 49 2.60 -11.38 0.74
N LEU A 50 2.33 -11.89 -0.47
CA LEU A 50 1.22 -12.81 -0.67
C LEU A 50 1.49 -14.11 0.09
N GLN A 51 2.75 -14.43 0.26
CA GLN A 51 3.14 -15.61 1.02
C GLN A 51 2.87 -15.41 2.51
N ILE A 52 3.08 -14.20 2.99
CA ILE A 52 2.98 -13.93 4.41
C ILE A 52 1.53 -13.76 4.85
N CYS A 53 0.66 -13.39 3.92
CA CYS A 53 -0.78 -13.38 4.19
C CYS A 53 -1.22 -14.77 4.64
N SER A 54 -0.43 -15.73 4.22
CA SER A 54 -0.63 -17.13 4.54
C SER A 54 0.05 -17.48 5.86
N THR A 55 1.36 -17.33 5.83
CA THR A 55 2.25 -17.84 6.83
C THR A 55 2.17 -17.07 8.13
N LYS A 56 1.91 -15.78 8.01
CA LYS A 56 1.89 -14.89 9.14
C LYS A 56 0.52 -14.29 9.36
N GLY A 57 -0.21 -14.05 8.27
CA GLY A 57 -1.49 -13.42 8.36
C GLY A 57 -1.59 -12.26 7.41
N MET A 58 -2.81 -11.92 7.02
CA MET A 58 -3.05 -10.79 6.12
C MET A 58 -2.37 -9.53 6.67
N MET A 59 -2.58 -9.27 7.95
CA MET A 59 -2.00 -8.10 8.60
C MET A 59 -0.49 -8.10 8.48
N ALA A 60 0.12 -9.27 8.64
CA ALA A 60 1.57 -9.40 8.54
C ALA A 60 2.03 -9.20 7.12
N GLY A 61 1.25 -9.71 6.17
CA GLY A 61 1.52 -9.50 4.77
C GLY A 61 1.45 -8.03 4.41
N ALA A 62 0.46 -7.34 4.98
CA ALA A 62 0.32 -5.90 4.79
C ALA A 62 1.48 -5.17 5.45
N GLU A 63 1.93 -5.72 6.57
CA GLU A 63 3.04 -5.16 7.31
C GLU A 63 4.33 -5.20 6.47
N LYS A 64 4.45 -6.23 5.64
CA LYS A 64 5.57 -6.34 4.69
C LYS A 64 5.32 -5.46 3.48
N LEU A 65 4.06 -5.23 3.20
CA LEU A 65 3.64 -4.58 1.98
C LEU A 65 3.78 -3.06 2.09
N VAL A 66 3.83 -2.54 3.32
CA VAL A 66 4.06 -1.12 3.52
C VAL A 66 5.47 -0.74 3.13
N GLU A 67 6.45 -1.50 3.60
CA GLU A 67 7.83 -1.24 3.28
C GLU A 67 8.08 -1.48 1.81
N CYS A 68 7.27 -2.38 1.23
CA CYS A 68 7.31 -2.65 -0.20
C CYS A 68 7.03 -1.36 -0.96
N LEU A 69 6.03 -0.64 -0.49
CA LEU A 69 5.61 0.62 -1.09
C LEU A 69 6.62 1.72 -0.82
N LEU A 70 7.01 1.84 0.44
CA LEU A 70 7.90 2.90 0.87
C LEU A 70 9.23 2.87 0.11
N ARG A 71 9.66 1.69 -0.31
CA ARG A 71 10.91 1.57 -1.05
C ARG A 71 10.65 1.49 -2.56
N SER A 72 9.38 1.59 -2.94
CA SER A 72 9.01 1.64 -4.33
C SER A 72 9.26 3.03 -4.90
N ASP A 73 10.02 3.09 -5.99
CA ASP A 73 10.39 4.37 -6.60
C ASP A 73 9.40 4.72 -7.72
N LYS A 74 8.13 4.77 -7.36
CA LYS A 74 7.09 5.15 -8.30
C LYS A 74 6.30 6.32 -7.73
N GLU A 75 5.69 7.08 -8.61
CA GLU A 75 4.72 8.09 -8.22
C GLU A 75 3.41 7.40 -7.96
N ASN A 76 3.18 6.32 -8.68
CA ASN A 76 1.93 5.58 -8.62
C ASN A 76 1.65 4.93 -7.27
N TRP A 77 2.67 4.39 -6.59
CA TRP A 77 2.43 3.47 -5.45
C TRP A 77 1.42 4.00 -4.41
N PRO A 78 1.47 5.28 -3.98
CA PRO A 78 0.55 5.75 -2.94
C PRO A 78 -0.88 5.87 -3.45
N LYS A 79 -1.02 6.04 -4.76
CA LYS A 79 -2.33 6.08 -5.39
C LYS A 79 -2.89 4.68 -5.46
N GLU A 80 -2.01 3.71 -5.75
CA GLU A 80 -2.39 2.31 -5.85
C GLU A 80 -3.10 1.86 -4.58
N LEU A 81 -2.71 2.44 -3.44
CA LEU A 81 -3.43 2.17 -2.19
C LEU A 81 -4.91 2.53 -2.29
N LYS A 82 -5.20 3.84 -2.29
CA LYS A 82 -6.58 4.30 -2.27
C LYS A 82 -7.33 3.77 -3.48
N LEU A 83 -6.63 3.75 -4.59
CA LEU A 83 -7.18 3.27 -5.85
C LEU A 83 -7.63 1.82 -5.69
N ALA A 84 -6.78 0.97 -5.14
CA ALA A 84 -7.13 -0.43 -4.95
C ALA A 84 -8.36 -0.56 -4.09
N LEU A 85 -8.39 0.15 -2.97
CA LEU A 85 -9.51 0.06 -2.05
C LEU A 85 -10.75 0.71 -2.61
N GLU A 86 -10.63 1.39 -3.73
CA GLU A 86 -11.79 1.93 -4.40
C GLU A 86 -12.43 0.86 -5.30
N LYS A 87 -11.61 -0.01 -5.88
CA LYS A 87 -12.11 -1.16 -6.62
C LYS A 87 -12.56 -2.25 -5.66
N GLU A 88 -11.71 -2.51 -4.69
CA GLU A 88 -11.97 -3.49 -3.65
C GLU A 88 -12.93 -2.93 -2.62
N ARG A 89 -13.20 -1.62 -2.73
CA ARG A 89 -14.23 -0.93 -1.97
C ARG A 89 -14.04 -1.04 -0.47
N ASN A 90 -12.79 -0.94 -0.02
CA ASN A 90 -12.46 -1.02 1.39
C ASN A 90 -12.38 0.38 1.98
N LYS A 91 -12.66 0.47 3.29
CA LYS A 91 -12.75 1.74 3.97
C LYS A 91 -11.44 2.51 3.97
N PHE A 92 -10.31 1.79 3.88
CA PHE A 92 -8.99 2.42 3.97
C PHE A 92 -8.86 3.57 2.96
N SER A 93 -9.64 3.51 1.89
CA SER A 93 -9.64 4.54 0.86
C SER A 93 -9.98 5.91 1.44
N GLU A 94 -10.78 5.94 2.51
CA GLU A 94 -11.30 7.18 3.06
C GLU A 94 -10.25 7.91 3.91
N LEU A 95 -9.59 7.16 4.79
CA LEU A 95 -8.66 7.73 5.73
C LEU A 95 -7.31 8.01 5.09
N TRP A 96 -6.94 7.18 4.13
CA TRP A 96 -5.73 7.40 3.33
C TRP A 96 -5.88 8.66 2.50
N ILE A 97 -4.82 9.46 2.41
CA ILE A 97 -4.90 10.73 1.73
C ILE A 97 -3.92 10.81 0.55
N VAL A 98 -4.34 10.32 -0.60
CA VAL A 98 -3.53 10.42 -1.81
C VAL A 98 -4.39 11.03 -2.93
N GLU A 99 -3.76 11.79 -3.80
CA GLU A 99 -4.43 12.39 -4.93
C GLU A 99 -3.62 12.17 -6.20
N LYS A 100 -4.17 12.62 -7.32
CA LYS A 100 -3.57 12.41 -8.64
C LYS A 100 -3.64 10.93 -9.02
N LYS A 5 2.96 22.59 -3.37
CA LYS A 5 2.65 21.17 -3.31
C LYS A 5 3.01 20.48 -4.63
N LYS A 6 4.25 20.63 -5.06
CA LYS A 6 4.70 20.00 -6.30
C LYS A 6 5.29 18.62 -5.99
N ILE A 7 6.55 18.60 -5.57
CA ILE A 7 7.20 17.36 -5.21
C ILE A 7 6.88 17.03 -3.77
N GLU A 8 6.75 18.08 -2.96
CA GLU A 8 6.34 17.93 -1.56
C GLU A 8 5.06 17.12 -1.48
N LYS A 9 4.30 17.16 -2.56
CA LYS A 9 3.01 16.49 -2.64
C LYS A 9 3.21 14.99 -2.54
N LEU A 10 4.10 14.50 -3.37
CA LEU A 10 4.42 13.08 -3.42
C LEU A 10 5.29 12.72 -2.23
N GLU A 11 6.08 13.69 -1.79
CA GLU A 11 6.88 13.54 -0.60
C GLU A 11 5.99 13.29 0.61
N GLU A 12 4.83 13.92 0.62
CA GLU A 12 3.83 13.70 1.66
C GLU A 12 3.21 12.32 1.48
N TYR A 13 3.13 11.85 0.24
CA TYR A 13 2.63 10.50 -0.05
C TYR A 13 3.46 9.48 0.73
N ARG A 14 4.77 9.71 0.73
CA ARG A 14 5.74 8.82 1.37
C ARG A 14 5.63 8.87 2.89
N LEU A 15 5.68 10.08 3.45
CA LEU A 15 5.62 10.24 4.89
C LEU A 15 4.26 9.76 5.40
N LEU A 16 3.26 9.88 4.54
CA LEU A 16 1.91 9.45 4.88
C LEU A 16 1.85 7.94 4.99
N LEU A 17 2.60 7.23 4.16
CA LEU A 17 2.69 5.77 4.27
C LEU A 17 3.13 5.41 5.68
N LYS A 18 4.09 6.16 6.18
CA LYS A 18 4.56 6.00 7.54
C LYS A 18 3.47 6.39 8.54
N ARG A 19 2.63 7.33 8.13
CA ARG A 19 1.59 7.86 9.01
C ARG A 19 0.50 6.84 9.26
N LEU A 20 -0.10 6.29 8.21
CA LEU A 20 -1.18 5.33 8.39
C LEU A 20 -0.70 3.88 8.42
N GLN A 21 0.48 3.64 8.97
CA GLN A 21 1.01 2.27 9.09
C GLN A 21 0.07 1.32 9.87
N PRO A 22 -0.49 1.73 11.04
CA PRO A 22 -1.35 0.87 11.85
C PRO A 22 -2.65 0.56 11.14
N GLU A 23 -3.21 1.58 10.50
CA GLU A 23 -4.42 1.39 9.73
C GLU A 23 -4.11 0.58 8.48
N PHE A 24 -2.88 0.68 8.01
CA PHE A 24 -2.45 -0.08 6.85
C PHE A 24 -2.49 -1.55 7.18
N LYS A 25 -1.83 -1.93 8.27
CA LYS A 25 -1.69 -3.34 8.57
C LYS A 25 -3.05 -3.97 8.93
N THR A 26 -3.96 -3.14 9.42
CA THR A 26 -5.24 -3.65 9.91
C THR A 26 -6.35 -3.60 8.86
N ARG A 27 -6.37 -2.56 8.05
CA ARG A 27 -7.43 -2.38 7.06
C ARG A 27 -7.04 -3.01 5.73
N ILE A 28 -5.74 -3.04 5.46
CA ILE A 28 -5.21 -3.47 4.16
C ILE A 28 -5.13 -4.98 4.05
N ILE A 29 -5.81 -5.51 3.04
CA ILE A 29 -5.61 -6.86 2.63
C ILE A 29 -4.51 -6.95 1.58
N PRO A 30 -3.37 -7.53 1.97
CA PRO A 30 -2.16 -7.64 1.13
C PRO A 30 -2.34 -8.48 -0.12
N THR A 31 -3.50 -9.07 -0.32
CA THR A 31 -3.75 -9.79 -1.54
C THR A 31 -4.47 -8.89 -2.54
N ASP A 32 -5.03 -7.78 -2.06
CA ASP A 32 -5.79 -6.91 -2.94
C ASP A 32 -5.01 -5.67 -3.40
N ILE A 33 -4.64 -4.79 -2.46
CA ILE A 33 -3.98 -3.52 -2.84
C ILE A 33 -2.68 -3.76 -3.57
N ILE A 34 -2.11 -4.92 -3.30
CA ILE A 34 -0.83 -5.32 -3.82
C ILE A 34 -0.90 -5.53 -5.34
N SER A 35 -2.09 -5.87 -5.83
CA SER A 35 -2.32 -6.01 -7.26
C SER A 35 -2.23 -4.67 -7.97
N ASP A 36 -2.89 -3.68 -7.41
CA ASP A 36 -2.91 -2.35 -7.99
C ASP A 36 -1.51 -1.77 -7.87
N LEU A 37 -0.95 -1.95 -6.69
CA LEU A 37 0.41 -1.56 -6.40
C LEU A 37 1.41 -2.32 -7.27
N SER A 38 1.12 -3.57 -7.56
CA SER A 38 1.97 -4.39 -8.44
C SER A 38 2.30 -3.67 -9.75
N GLU A 39 1.55 -2.63 -10.11
CA GLU A 39 1.90 -1.83 -11.27
C GLU A 39 3.19 -1.03 -11.04
N CYS A 40 3.48 -0.67 -9.80
CA CYS A 40 4.69 0.04 -9.46
C CYS A 40 5.69 -0.86 -8.73
N LEU A 41 5.16 -1.89 -8.08
CA LEU A 41 5.98 -2.80 -7.30
C LEU A 41 6.44 -3.99 -8.10
N ILE A 42 7.60 -4.49 -7.72
CA ILE A 42 8.21 -5.62 -8.37
C ILE A 42 7.71 -6.94 -7.80
N ASN A 43 7.70 -7.96 -8.61
CA ASN A 43 7.14 -9.27 -8.26
C ASN A 43 7.71 -9.81 -6.95
N GLN A 44 9.03 -9.84 -6.80
CA GLN A 44 9.65 -10.55 -5.69
C GLN A 44 9.08 -10.14 -4.32
N GLU A 45 8.98 -8.84 -4.06
CA GLU A 45 8.43 -8.37 -2.80
C GLU A 45 6.91 -8.50 -2.77
N CYS A 46 6.29 -8.32 -3.94
CA CYS A 46 4.84 -8.48 -4.06
C CYS A 46 4.44 -9.90 -3.66
N GLU A 47 5.14 -10.87 -4.22
CA GLU A 47 4.90 -12.28 -3.96
C GLU A 47 5.23 -12.62 -2.52
N GLU A 48 6.22 -11.92 -1.96
CA GLU A 48 6.58 -12.07 -0.56
C GLU A 48 5.38 -11.74 0.31
N ILE A 49 4.80 -10.57 0.08
CA ILE A 49 3.63 -10.12 0.79
C ILE A 49 2.47 -11.11 0.63
N LEU A 50 2.31 -11.61 -0.59
CA LEU A 50 1.26 -12.56 -0.91
C LEU A 50 1.45 -13.84 -0.10
N GLN A 51 2.70 -14.14 0.22
CA GLN A 51 3.03 -15.34 0.94
C GLN A 51 2.67 -15.22 2.39
N ILE A 52 3.05 -14.09 2.96
CA ILE A 52 2.89 -13.89 4.39
C ILE A 52 1.43 -13.62 4.75
N CYS A 53 0.63 -13.12 3.81
CA CYS A 53 -0.82 -13.00 4.02
C CYS A 53 -1.40 -14.37 4.34
N SER A 54 -0.67 -15.35 3.86
CA SER A 54 -1.02 -16.75 4.01
C SER A 54 -0.37 -17.34 5.26
N THR A 55 0.94 -17.30 5.27
CA THR A 55 1.73 -17.94 6.29
C THR A 55 1.52 -17.30 7.65
N LYS A 56 1.74 -15.99 7.71
CA LYS A 56 1.67 -15.23 8.93
C LYS A 56 0.28 -14.69 9.19
N GLY A 57 -0.32 -14.21 8.13
CA GLY A 57 -1.62 -13.57 8.21
C GLY A 57 -1.68 -12.35 7.34
N MET A 58 -2.89 -11.99 6.93
CA MET A 58 -3.10 -10.82 6.07
C MET A 58 -2.46 -9.57 6.67
N MET A 59 -2.68 -9.32 7.95
CA MET A 59 -2.10 -8.14 8.59
C MET A 59 -0.58 -8.22 8.58
N ALA A 60 -0.03 -9.43 8.69
CA ALA A 60 1.41 -9.61 8.66
C ALA A 60 1.94 -9.36 7.25
N GLY A 61 1.19 -9.84 6.26
CA GLY A 61 1.53 -9.57 4.88
C GLY A 61 1.47 -8.10 4.57
N ALA A 62 0.48 -7.43 5.13
CA ALA A 62 0.33 -6.00 4.95
C ALA A 62 1.46 -5.26 5.67
N GLU A 63 1.89 -5.82 6.80
CA GLU A 63 2.99 -5.24 7.54
C GLU A 63 4.25 -5.19 6.67
N LYS A 64 4.45 -6.25 5.90
CA LYS A 64 5.57 -6.35 4.97
C LYS A 64 5.36 -5.39 3.82
N LEU A 65 4.11 -5.13 3.53
CA LEU A 65 3.73 -4.33 2.39
C LEU A 65 4.04 -2.85 2.60
N VAL A 66 4.04 -2.38 3.84
CA VAL A 66 4.29 -0.96 4.09
C VAL A 66 5.73 -0.61 3.73
N GLU A 67 6.66 -1.47 4.11
CA GLU A 67 8.06 -1.26 3.76
C GLU A 67 8.27 -1.43 2.26
N CYS A 68 7.52 -2.36 1.68
CA CYS A 68 7.62 -2.66 0.26
C CYS A 68 7.18 -1.46 -0.57
N LEU A 69 6.08 -0.85 -0.17
CA LEU A 69 5.60 0.37 -0.80
C LEU A 69 6.62 1.48 -0.66
N LEU A 70 7.08 1.69 0.56
CA LEU A 70 8.03 2.74 0.86
C LEU A 70 9.34 2.57 0.08
N ARG A 71 9.62 1.36 -0.38
CA ARG A 71 10.80 1.09 -1.18
C ARG A 71 10.59 1.50 -2.63
N SER A 72 9.35 1.46 -3.08
CA SER A 72 9.03 1.74 -4.47
C SER A 72 9.32 3.20 -4.82
N ASP A 73 10.08 3.42 -5.89
CA ASP A 73 10.44 4.76 -6.31
C ASP A 73 9.44 5.28 -7.35
N LYS A 74 8.17 5.06 -7.09
CA LYS A 74 7.14 5.39 -8.05
C LYS A 74 6.24 6.53 -7.54
N GLU A 75 5.58 7.20 -8.47
CA GLU A 75 4.57 8.19 -8.13
C GLU A 75 3.26 7.49 -7.83
N ASN A 76 3.01 6.44 -8.58
CA ASN A 76 1.74 5.77 -8.52
C ASN A 76 1.52 4.99 -7.24
N TRP A 77 2.56 4.40 -6.64
CA TRP A 77 2.37 3.45 -5.52
C TRP A 77 1.41 3.96 -4.43
N PRO A 78 1.50 5.22 -3.97
CA PRO A 78 0.62 5.71 -2.91
C PRO A 78 -0.81 5.89 -3.39
N LYS A 79 -0.95 6.03 -4.70
CA LYS A 79 -2.25 6.19 -5.30
C LYS A 79 -2.90 4.83 -5.50
N GLU A 80 -2.06 3.83 -5.80
CA GLU A 80 -2.50 2.43 -5.95
C GLU A 80 -3.20 1.98 -4.68
N LEU A 81 -2.79 2.54 -3.54
CA LEU A 81 -3.50 2.32 -2.29
C LEU A 81 -4.97 2.71 -2.40
N LYS A 82 -5.22 4.02 -2.46
CA LYS A 82 -6.59 4.54 -2.54
C LYS A 82 -7.34 3.88 -3.68
N LEU A 83 -6.63 3.70 -4.79
CA LEU A 83 -7.16 3.09 -5.97
C LEU A 83 -7.61 1.66 -5.71
N ALA A 84 -6.80 0.90 -5.00
CA ALA A 84 -7.13 -0.47 -4.71
C ALA A 84 -8.35 -0.53 -3.81
N LEU A 85 -8.36 0.33 -2.80
CA LEU A 85 -9.47 0.37 -1.86
C LEU A 85 -10.71 1.00 -2.46
N GLU A 86 -10.58 1.63 -3.62
CA GLU A 86 -11.76 2.12 -4.32
C GLU A 86 -12.34 1.00 -5.17
N LYS A 87 -11.47 0.20 -5.74
CA LYS A 87 -11.85 -0.93 -6.54
C LYS A 87 -12.42 -2.04 -5.67
N GLU A 88 -11.75 -2.32 -4.56
CA GLU A 88 -12.24 -3.26 -3.59
C GLU A 88 -13.36 -2.62 -2.75
N ARG A 89 -13.33 -1.29 -2.66
CA ARG A 89 -14.24 -0.54 -1.79
C ARG A 89 -13.99 -0.88 -0.32
N ASN A 90 -12.80 -0.51 0.15
CA ASN A 90 -12.33 -0.83 1.49
C ASN A 90 -12.35 0.42 2.37
N LYS A 91 -12.58 0.21 3.66
CA LYS A 91 -12.66 1.30 4.63
C LYS A 91 -11.39 2.13 4.73
N PHE A 92 -10.26 1.60 4.26
CA PHE A 92 -8.99 2.32 4.35
C PHE A 92 -9.00 3.56 3.43
N SER A 93 -9.83 3.50 2.39
CA SER A 93 -9.87 4.56 1.37
C SER A 93 -10.16 5.93 1.98
N GLU A 94 -11.00 5.95 3.00
CA GLU A 94 -11.44 7.19 3.61
C GLU A 94 -10.32 7.81 4.44
N LEU A 95 -9.49 6.95 4.99
CA LEU A 95 -8.40 7.39 5.85
C LEU A 95 -7.23 7.90 5.03
N TRP A 96 -6.94 7.19 3.94
CA TRP A 96 -5.77 7.49 3.12
C TRP A 96 -5.94 8.81 2.37
N ILE A 97 -4.86 9.55 2.25
CA ILE A 97 -4.89 10.87 1.62
C ILE A 97 -3.90 10.93 0.46
N VAL A 98 -4.35 10.56 -0.73
CA VAL A 98 -3.51 10.57 -1.92
C VAL A 98 -4.32 11.11 -3.11
N GLU A 99 -3.62 11.68 -4.08
CA GLU A 99 -4.25 12.14 -5.29
C GLU A 99 -3.51 11.64 -6.51
N LYS A 100 -4.17 11.74 -7.66
CA LYS A 100 -3.58 11.42 -8.94
C LYS A 100 -2.34 12.28 -9.21
N LYS A 5 6.08 24.21 0.04
CA LYS A 5 5.01 23.22 -0.02
C LYS A 5 4.70 22.77 -1.45
N LYS A 6 5.75 22.60 -2.24
CA LYS A 6 5.58 22.16 -3.62
C LYS A 6 5.72 20.65 -3.72
N ILE A 7 6.92 20.15 -3.43
CA ILE A 7 7.19 18.72 -3.50
C ILE A 7 6.77 18.03 -2.21
N GLU A 8 6.56 18.83 -1.17
CA GLU A 8 6.21 18.30 0.14
C GLU A 8 4.94 17.46 0.07
N LYS A 9 4.11 17.73 -0.92
CA LYS A 9 2.85 17.02 -1.08
C LYS A 9 3.10 15.58 -1.50
N LEU A 10 4.04 15.39 -2.39
CA LEU A 10 4.42 14.05 -2.81
C LEU A 10 5.29 13.41 -1.74
N GLU A 11 6.06 14.24 -1.05
CA GLU A 11 6.78 13.81 0.12
C GLU A 11 5.79 13.28 1.15
N GLU A 12 4.63 13.92 1.17
CA GLU A 12 3.51 13.49 1.98
C GLU A 12 3.05 12.11 1.57
N TYR A 13 3.05 11.84 0.27
CA TYR A 13 2.67 10.51 -0.24
C TYR A 13 3.50 9.42 0.44
N ARG A 14 4.81 9.63 0.51
CA ARG A 14 5.71 8.65 1.12
C ARG A 14 5.59 8.65 2.65
N LEU A 15 5.60 9.82 3.27
CA LEU A 15 5.49 9.89 4.73
C LEU A 15 4.13 9.37 5.16
N LEU A 16 3.16 9.48 4.27
CA LEU A 16 1.82 8.97 4.49
C LEU A 16 1.85 7.46 4.64
N LEU A 17 2.71 6.83 3.84
CA LEU A 17 2.87 5.39 3.88
C LEU A 17 3.29 4.99 5.27
N LYS A 18 4.17 5.81 5.82
CA LYS A 18 4.65 5.65 7.18
C LYS A 18 3.56 6.01 8.19
N ARG A 19 2.71 6.95 7.82
CA ARG A 19 1.67 7.47 8.69
C ARG A 19 0.53 6.48 8.89
N LEU A 20 -0.06 6.00 7.80
CA LEU A 20 -1.23 5.14 7.92
C LEU A 20 -0.87 3.67 8.10
N GLN A 21 0.32 3.41 8.61
CA GLN A 21 0.76 2.04 8.88
C GLN A 21 -0.26 1.23 9.69
N PRO A 22 -0.83 1.77 10.80
CA PRO A 22 -1.71 1.01 11.67
C PRO A 22 -3.03 0.62 11.01
N GLU A 23 -3.67 1.58 10.35
CA GLU A 23 -4.94 1.33 9.69
C GLU A 23 -4.70 0.59 8.38
N PHE A 24 -3.45 0.64 7.92
CA PHE A 24 -3.04 -0.16 6.78
C PHE A 24 -2.95 -1.61 7.21
N LYS A 25 -2.22 -1.84 8.29
CA LYS A 25 -1.93 -3.20 8.72
C LYS A 25 -3.21 -3.92 9.14
N THR A 26 -4.22 -3.16 9.52
CA THR A 26 -5.46 -3.74 10.03
C THR A 26 -6.49 -3.93 8.94
N ARG A 27 -6.75 -2.88 8.18
CA ARG A 27 -7.85 -2.90 7.21
C ARG A 27 -7.39 -3.46 5.87
N ILE A 28 -6.13 -3.28 5.55
CA ILE A 28 -5.59 -3.73 4.27
C ILE A 28 -5.46 -5.23 4.21
N ILE A 29 -6.18 -5.83 3.28
CA ILE A 29 -5.91 -7.18 2.91
C ILE A 29 -4.88 -7.21 1.79
N PRO A 30 -3.67 -7.67 2.11
CA PRO A 30 -2.51 -7.66 1.20
C PRO A 30 -2.68 -8.58 0.00
N THR A 31 -3.75 -9.34 -0.03
CA THR A 31 -4.08 -10.14 -1.19
C THR A 31 -4.95 -9.35 -2.15
N ASP A 32 -5.52 -8.24 -1.65
CA ASP A 32 -6.40 -7.40 -2.48
C ASP A 32 -5.65 -6.21 -3.07
N ILE A 33 -5.20 -5.27 -2.23
CA ILE A 33 -4.61 -4.01 -2.74
C ILE A 33 -3.36 -4.28 -3.59
N ILE A 34 -2.75 -5.42 -3.35
CA ILE A 34 -1.55 -5.85 -4.03
C ILE A 34 -1.75 -5.93 -5.55
N SER A 35 -2.99 -6.13 -5.97
CA SER A 35 -3.30 -6.25 -7.39
C SER A 35 -3.05 -4.93 -8.11
N ASP A 36 -3.53 -3.86 -7.53
CA ASP A 36 -3.35 -2.54 -8.11
C ASP A 36 -1.93 -2.08 -7.89
N LEU A 37 -1.39 -2.44 -6.74
CA LEU A 37 -0.02 -2.11 -6.39
C LEU A 37 0.99 -2.86 -7.26
N SER A 38 0.78 -4.14 -7.46
CA SER A 38 1.71 -4.96 -8.25
C SER A 38 1.89 -4.42 -9.66
N GLU A 39 1.13 -3.40 -10.02
CA GLU A 39 1.37 -2.69 -11.27
C GLU A 39 2.69 -1.92 -11.21
N CYS A 40 3.09 -1.45 -10.02
CA CYS A 40 4.35 -0.76 -9.87
C CYS A 40 5.38 -1.69 -9.23
N LEU A 41 4.89 -2.60 -8.41
CA LEU A 41 5.75 -3.40 -7.54
C LEU A 41 6.36 -4.58 -8.25
N ILE A 42 7.45 -5.05 -7.67
CA ILE A 42 8.18 -6.16 -8.22
C ILE A 42 7.82 -7.46 -7.53
N ASN A 43 7.85 -8.51 -8.34
CA ASN A 43 7.39 -9.85 -7.96
C ASN A 43 8.01 -10.36 -6.68
N GLN A 44 9.27 -10.05 -6.44
CA GLN A 44 9.99 -10.65 -5.32
C GLN A 44 9.33 -10.33 -4.00
N GLU A 45 9.20 -9.05 -3.68
CA GLU A 45 8.52 -8.65 -2.46
C GLU A 45 7.01 -8.76 -2.59
N CYS A 46 6.49 -8.64 -3.81
CA CYS A 46 5.07 -8.80 -4.06
C CYS A 46 4.62 -10.18 -3.58
N GLU A 47 5.33 -11.20 -4.02
CA GLU A 47 5.00 -12.58 -3.67
C GLU A 47 5.40 -12.88 -2.23
N GLU A 48 6.42 -12.17 -1.74
CA GLU A 48 6.80 -12.21 -0.33
C GLU A 48 5.60 -11.85 0.54
N ILE A 49 5.05 -10.68 0.25
CA ILE A 49 3.94 -10.16 1.01
C ILE A 49 2.78 -11.16 1.02
N LEU A 50 2.47 -11.70 -0.16
CA LEU A 50 1.34 -12.61 -0.33
C LEU A 50 1.53 -13.86 0.51
N GLN A 51 2.77 -14.27 0.64
CA GLN A 51 3.10 -15.46 1.38
C GLN A 51 2.87 -15.22 2.85
N ILE A 52 3.23 -14.04 3.27
CA ILE A 52 3.12 -13.68 4.66
C ILE A 52 1.67 -13.37 5.05
N CYS A 53 0.84 -12.96 4.09
CA CYS A 53 -0.59 -12.83 4.36
C CYS A 53 -1.15 -14.21 4.78
N SER A 54 -0.42 -15.23 4.37
CA SER A 54 -0.76 -16.60 4.64
C SER A 54 -0.11 -17.07 5.93
N THR A 55 1.21 -17.01 5.93
CA THR A 55 2.01 -17.54 7.00
C THR A 55 1.80 -16.74 8.30
N LYS A 56 2.20 -15.49 8.24
CA LYS A 56 2.14 -14.58 9.36
C LYS A 56 0.74 -14.06 9.60
N GLY A 57 0.08 -13.71 8.51
CA GLY A 57 -1.24 -13.14 8.57
C GLY A 57 -1.38 -11.98 7.61
N MET A 58 -2.61 -11.67 7.25
CA MET A 58 -2.92 -10.55 6.37
C MET A 58 -2.25 -9.28 6.88
N MET A 59 -2.41 -9.04 8.17
CA MET A 59 -1.82 -7.87 8.82
C MET A 59 -0.32 -7.83 8.62
N ALA A 60 0.34 -8.97 8.77
CA ALA A 60 1.78 -9.04 8.61
C ALA A 60 2.17 -8.83 7.16
N GLY A 61 1.39 -9.42 6.26
CA GLY A 61 1.59 -9.21 4.84
C GLY A 61 1.45 -7.75 4.48
N ALA A 62 0.46 -7.11 5.08
CA ALA A 62 0.22 -5.69 4.85
C ALA A 62 1.36 -4.86 5.41
N GLU A 63 1.87 -5.27 6.56
CA GLU A 63 2.97 -4.56 7.19
C GLU A 63 4.21 -4.59 6.30
N LYS A 64 4.41 -5.73 5.64
CA LYS A 64 5.52 -5.92 4.71
C LYS A 64 5.27 -5.12 3.44
N LEU A 65 4.01 -4.89 3.17
CA LEU A 65 3.59 -4.22 1.97
C LEU A 65 3.96 -2.73 2.02
N VAL A 66 3.85 -2.12 3.19
CA VAL A 66 4.06 -0.68 3.32
C VAL A 66 5.52 -0.33 3.07
N GLU A 67 6.42 -1.16 3.60
CA GLU A 67 7.84 -0.96 3.43
C GLU A 67 8.25 -1.21 1.99
N CYS A 68 7.58 -2.17 1.37
CA CYS A 68 7.82 -2.52 -0.01
C CYS A 68 7.39 -1.35 -0.91
N LEU A 69 6.26 -0.73 -0.56
CA LEU A 69 5.79 0.48 -1.24
C LEU A 69 6.83 1.59 -1.15
N LEU A 70 7.34 1.80 0.05
CA LEU A 70 8.33 2.84 0.32
C LEU A 70 9.55 2.78 -0.60
N ARG A 71 9.91 1.58 -1.05
CA ARG A 71 11.09 1.42 -1.90
C ARG A 71 10.72 1.52 -3.37
N SER A 72 9.46 1.72 -3.65
CA SER A 72 8.99 1.84 -5.01
C SER A 72 9.15 3.28 -5.50
N ASP A 73 9.72 3.46 -6.68
CA ASP A 73 9.95 4.79 -7.24
C ASP A 73 9.10 5.00 -8.48
N LYS A 74 7.84 4.60 -8.41
CA LYS A 74 6.92 4.83 -9.50
C LYS A 74 6.07 6.07 -9.23
N GLU A 75 5.28 6.46 -10.21
CA GLU A 75 4.29 7.51 -10.00
C GLU A 75 3.09 6.92 -9.31
N ASN A 76 2.60 5.85 -9.87
CA ASN A 76 1.31 5.29 -9.51
C ASN A 76 1.26 4.72 -8.10
N TRP A 77 2.39 4.21 -7.56
CA TRP A 77 2.36 3.35 -6.36
C TRP A 77 1.48 3.90 -5.20
N PRO A 78 1.62 5.16 -4.75
CA PRO A 78 0.85 5.64 -3.60
C PRO A 78 -0.61 5.84 -3.97
N LYS A 79 -0.85 6.00 -5.25
CA LYS A 79 -2.21 6.11 -5.77
C LYS A 79 -2.82 4.74 -6.00
N GLU A 80 -1.99 3.73 -6.25
CA GLU A 80 -2.45 2.34 -6.35
C GLU A 80 -3.16 1.98 -5.09
N LEU A 81 -2.71 2.55 -3.98
CA LEU A 81 -3.40 2.41 -2.72
C LEU A 81 -4.85 2.90 -2.82
N LYS A 82 -5.03 4.20 -3.08
CA LYS A 82 -6.36 4.78 -3.20
C LYS A 82 -7.18 3.98 -4.22
N LEU A 83 -6.55 3.65 -5.32
CA LEU A 83 -7.15 2.88 -6.39
C LEU A 83 -7.56 1.49 -5.90
N ALA A 84 -6.71 0.89 -5.11
CA ALA A 84 -6.96 -0.45 -4.63
C ALA A 84 -8.12 -0.45 -3.68
N LEU A 85 -8.08 0.48 -2.74
CA LEU A 85 -9.11 0.59 -1.73
C LEU A 85 -10.45 1.02 -2.32
N GLU A 86 -10.43 1.70 -3.45
CA GLU A 86 -11.68 2.12 -4.08
C GLU A 86 -12.23 1.00 -4.97
N LYS A 87 -11.32 0.27 -5.60
CA LYS A 87 -11.69 -0.85 -6.45
C LYS A 87 -12.16 -2.03 -5.60
N GLU A 88 -11.39 -2.31 -4.57
CA GLU A 88 -11.72 -3.35 -3.60
C GLU A 88 -12.74 -2.85 -2.59
N ARG A 89 -12.94 -1.52 -2.59
CA ARG A 89 -14.00 -0.86 -1.82
C ARG A 89 -13.83 -1.07 -0.31
N ASN A 90 -12.61 -0.87 0.14
CA ASN A 90 -12.25 -1.03 1.54
C ASN A 90 -12.02 0.35 2.17
N LYS A 91 -12.41 0.47 3.45
CA LYS A 91 -12.49 1.76 4.16
C LYS A 91 -11.21 2.59 4.09
N PHE A 92 -10.07 1.92 3.95
CA PHE A 92 -8.77 2.59 4.04
C PHE A 92 -8.64 3.72 3.00
N SER A 93 -9.43 3.65 1.94
CA SER A 93 -9.43 4.67 0.89
C SER A 93 -9.62 6.08 1.47
N GLU A 94 -10.48 6.18 2.45
CA GLU A 94 -10.83 7.47 3.05
C GLU A 94 -9.73 7.97 3.98
N LEU A 95 -8.94 7.05 4.52
CA LEU A 95 -7.90 7.41 5.46
C LEU A 95 -6.63 7.80 4.71
N TRP A 96 -6.58 7.41 3.44
CA TRP A 96 -5.43 7.69 2.60
C TRP A 96 -5.59 9.06 1.94
N ILE A 97 -4.56 9.89 2.04
CA ILE A 97 -4.62 11.24 1.49
C ILE A 97 -3.75 11.36 0.24
N VAL A 98 -4.20 10.70 -0.82
CA VAL A 98 -3.49 10.67 -2.08
C VAL A 98 -4.43 11.05 -3.22
N GLU A 99 -3.99 11.91 -4.13
CA GLU A 99 -4.78 12.26 -5.30
C GLU A 99 -4.48 11.27 -6.41
N LYS A 100 -5.36 11.17 -7.40
CA LYS A 100 -5.17 10.22 -8.49
C LYS A 100 -3.86 10.49 -9.23
N LYS A 5 2.96 23.43 -2.53
CA LYS A 5 3.22 22.08 -2.05
C LYS A 5 3.08 21.06 -3.19
N LYS A 6 3.85 21.25 -4.25
CA LYS A 6 3.83 20.33 -5.37
C LYS A 6 4.57 19.04 -5.02
N ILE A 7 5.89 19.12 -4.99
CA ILE A 7 6.69 17.97 -4.65
C ILE A 7 6.44 17.55 -3.22
N GLU A 8 6.33 18.54 -2.34
CA GLU A 8 6.14 18.29 -0.91
C GLU A 8 4.94 17.39 -0.68
N LYS A 9 3.98 17.44 -1.58
CA LYS A 9 2.75 16.69 -1.43
C LYS A 9 3.04 15.21 -1.62
N LEU A 10 3.77 14.91 -2.67
CA LEU A 10 4.23 13.55 -2.96
C LEU A 10 5.20 13.14 -1.85
N GLU A 11 5.96 14.10 -1.36
CA GLU A 11 6.81 13.91 -0.21
C GLU A 11 5.97 13.46 0.99
N GLU A 12 4.75 14.00 1.07
CA GLU A 12 3.82 13.61 2.10
C GLU A 12 3.27 12.23 1.82
N TYR A 13 3.21 11.83 0.54
CA TYR A 13 2.78 10.48 0.17
C TYR A 13 3.64 9.45 0.88
N ARG A 14 4.94 9.71 0.88
CA ARG A 14 5.93 8.82 1.47
C ARG A 14 5.77 8.77 2.99
N LEU A 15 5.76 9.94 3.61
CA LEU A 15 5.62 10.01 5.07
C LEU A 15 4.25 9.51 5.48
N LEU A 16 3.30 9.56 4.55
CA LEU A 16 1.95 9.09 4.78
C LEU A 16 1.94 7.58 4.87
N LEU A 17 2.77 6.92 4.06
CA LEU A 17 2.90 5.47 4.12
C LEU A 17 3.33 5.09 5.52
N LYS A 18 4.20 5.93 6.06
CA LYS A 18 4.65 5.80 7.44
C LYS A 18 3.53 6.18 8.41
N ARG A 19 2.69 7.12 8.01
CA ARG A 19 1.64 7.65 8.89
C ARG A 19 0.56 6.62 9.17
N LEU A 20 -0.07 6.07 8.13
CA LEU A 20 -1.18 5.17 8.37
C LEU A 20 -0.74 3.71 8.45
N GLN A 21 0.45 3.45 8.98
CA GLN A 21 0.94 2.07 9.12
C GLN A 21 0.01 1.18 9.99
N PRO A 22 -0.49 1.66 11.15
CA PRO A 22 -1.37 0.87 12.01
C PRO A 22 -2.71 0.60 11.35
N GLU A 23 -3.29 1.64 10.75
CA GLU A 23 -4.55 1.50 10.06
C GLU A 23 -4.33 0.71 8.79
N PHE A 24 -3.09 0.66 8.36
CA PHE A 24 -2.72 -0.11 7.19
C PHE A 24 -2.72 -1.58 7.53
N LYS A 25 -1.99 -1.93 8.57
CA LYS A 25 -1.81 -3.32 8.92
C LYS A 25 -3.14 -3.95 9.33
N THR A 26 -4.08 -3.11 9.75
CA THR A 26 -5.32 -3.60 10.31
C THR A 26 -6.46 -3.61 9.29
N ARG A 27 -6.39 -2.72 8.32
CA ARG A 27 -7.47 -2.52 7.38
C ARG A 27 -7.11 -3.03 5.98
N ILE A 28 -5.82 -3.11 5.71
CA ILE A 28 -5.33 -3.55 4.41
C ILE A 28 -5.31 -5.05 4.31
N ILE A 29 -5.89 -5.55 3.23
CA ILE A 29 -5.71 -6.91 2.86
C ILE A 29 -4.63 -7.01 1.79
N PRO A 30 -3.47 -7.54 2.17
CA PRO A 30 -2.31 -7.67 1.28
C PRO A 30 -2.54 -8.60 0.10
N THR A 31 -3.70 -9.24 0.04
CA THR A 31 -4.05 -9.99 -1.15
C THR A 31 -4.84 -9.11 -2.12
N ASP A 32 -5.35 -7.97 -1.63
CA ASP A 32 -6.12 -7.08 -2.48
C ASP A 32 -5.28 -5.92 -3.03
N ILE A 33 -4.82 -5.00 -2.16
CA ILE A 33 -4.13 -3.79 -2.64
C ILE A 33 -2.87 -4.15 -3.44
N ILE A 34 -2.37 -5.34 -3.19
CA ILE A 34 -1.15 -5.83 -3.79
C ILE A 34 -1.28 -5.91 -5.32
N SER A 35 -2.49 -6.13 -5.81
CA SER A 35 -2.72 -6.23 -7.25
C SER A 35 -2.52 -4.91 -7.94
N ASP A 36 -3.11 -3.85 -7.40
CA ASP A 36 -2.98 -2.55 -8.00
C ASP A 36 -1.56 -2.07 -7.80
N LEU A 37 -1.07 -2.30 -6.59
CA LEU A 37 0.30 -2.02 -6.23
C LEU A 37 1.30 -2.77 -7.11
N SER A 38 0.97 -4.00 -7.45
CA SER A 38 1.80 -4.83 -8.31
C SER A 38 2.20 -4.11 -9.60
N GLU A 39 1.48 -3.05 -9.94
CA GLU A 39 1.85 -2.26 -11.10
C GLU A 39 3.15 -1.49 -10.87
N CYS A 40 3.38 -1.02 -9.64
CA CYS A 40 4.61 -0.32 -9.31
C CYS A 40 5.61 -1.27 -8.68
N LEU A 41 5.10 -2.29 -7.99
CA LEU A 41 5.95 -3.20 -7.26
C LEU A 41 6.35 -4.39 -8.09
N ILE A 42 7.42 -5.02 -7.67
CA ILE A 42 7.97 -6.16 -8.37
C ILE A 42 7.53 -7.46 -7.70
N ASN A 43 7.36 -8.45 -8.56
CA ASN A 43 6.77 -9.75 -8.21
C ASN A 43 7.45 -10.40 -7.02
N GLN A 44 8.75 -10.17 -6.85
CA GLN A 44 9.47 -10.80 -5.75
C GLN A 44 8.85 -10.40 -4.41
N GLU A 45 8.65 -9.10 -4.22
CA GLU A 45 8.04 -8.59 -3.00
C GLU A 45 6.53 -8.81 -3.01
N CYS A 46 5.92 -8.68 -4.19
CA CYS A 46 4.49 -8.92 -4.34
C CYS A 46 4.12 -10.32 -3.87
N GLU A 47 4.85 -11.29 -4.38
CA GLU A 47 4.61 -12.69 -4.05
C GLU A 47 5.03 -12.96 -2.61
N GLU A 48 5.96 -12.17 -2.10
CA GLU A 48 6.37 -12.29 -0.70
C GLU A 48 5.21 -11.88 0.21
N ILE A 49 4.66 -10.70 -0.06
CA ILE A 49 3.54 -10.19 0.70
C ILE A 49 2.35 -11.16 0.65
N LEU A 50 2.12 -11.75 -0.53
CA LEU A 50 1.07 -12.72 -0.72
C LEU A 50 1.32 -13.96 0.13
N GLN A 51 2.59 -14.26 0.34
CA GLN A 51 2.97 -15.44 1.09
C GLN A 51 2.74 -15.24 2.57
N ILE A 52 3.02 -14.04 3.05
CA ILE A 52 2.94 -13.79 4.48
C ILE A 52 1.50 -13.48 4.90
N CYS A 53 0.68 -12.96 3.99
CA CYS A 53 -0.75 -12.82 4.26
C CYS A 53 -1.34 -14.19 4.60
N SER A 54 -0.66 -15.19 4.08
CA SER A 54 -1.01 -16.58 4.27
C SER A 54 -0.40 -17.12 5.55
N THR A 55 0.92 -17.09 5.61
CA THR A 55 1.67 -17.68 6.69
C THR A 55 1.46 -16.95 8.00
N LYS A 56 1.64 -15.64 7.95
CA LYS A 56 1.58 -14.79 9.11
C LYS A 56 0.19 -14.19 9.30
N GLY A 57 -0.43 -13.84 8.19
CA GLY A 57 -1.70 -13.18 8.24
C GLY A 57 -1.67 -11.90 7.43
N MET A 58 -2.85 -11.42 7.09
CA MET A 58 -3.02 -10.19 6.33
C MET A 58 -2.23 -9.05 6.96
N MET A 59 -2.34 -8.91 8.27
CA MET A 59 -1.64 -7.85 8.99
C MET A 59 -0.13 -7.90 8.76
N ALA A 60 0.46 -9.09 8.85
CA ALA A 60 1.90 -9.23 8.67
C ALA A 60 2.29 -9.08 7.21
N GLY A 61 1.43 -9.56 6.33
CA GLY A 61 1.65 -9.38 4.91
C GLY A 61 1.56 -7.92 4.51
N ALA A 62 0.65 -7.20 5.14
CA ALA A 62 0.49 -5.77 4.91
C ALA A 62 1.69 -5.03 5.50
N GLU A 63 2.16 -5.54 6.64
CA GLU A 63 3.33 -5.00 7.29
C GLU A 63 4.54 -5.05 6.37
N LYS A 64 4.64 -6.15 5.64
CA LYS A 64 5.72 -6.36 4.67
C LYS A 64 5.56 -5.40 3.50
N LEU A 65 4.32 -5.19 3.13
CA LEU A 65 3.98 -4.37 1.98
C LEU A 65 4.40 -2.91 2.19
N VAL A 66 4.38 -2.46 3.44
CA VAL A 66 4.74 -1.09 3.76
C VAL A 66 6.16 -0.79 3.34
N GLU A 67 7.06 -1.63 3.78
CA GLU A 67 8.47 -1.46 3.45
C GLU A 67 8.68 -1.62 1.95
N CYS A 68 7.84 -2.44 1.35
CA CYS A 68 7.90 -2.73 -0.06
C CYS A 68 7.53 -1.49 -0.89
N LEU A 69 6.50 -0.78 -0.45
CA LEU A 69 6.11 0.49 -1.07
C LEU A 69 7.10 1.59 -0.80
N LEU A 70 7.63 1.66 0.42
CA LEU A 70 8.59 2.68 0.78
C LEU A 70 9.89 2.50 -0.01
N ARG A 71 10.13 1.29 -0.50
CA ARG A 71 11.25 1.02 -1.40
C ARG A 71 10.93 1.54 -2.80
N SER A 72 9.64 1.74 -3.07
CA SER A 72 9.17 2.09 -4.38
C SER A 72 9.13 3.61 -4.58
N ASP A 73 9.68 4.06 -5.69
CA ASP A 73 9.66 5.48 -6.04
C ASP A 73 8.87 5.68 -7.32
N LYS A 74 7.73 5.02 -7.41
CA LYS A 74 6.86 5.13 -8.58
C LYS A 74 5.88 6.29 -8.40
N GLU A 75 5.62 7.01 -9.47
CA GLU A 75 4.64 8.11 -9.44
C GLU A 75 3.24 7.57 -9.37
N ASN A 76 3.11 6.26 -9.29
CA ASN A 76 1.82 5.64 -9.19
C ASN A 76 1.62 4.92 -7.84
N TRP A 77 2.70 4.60 -7.10
CA TRP A 77 2.60 3.70 -5.92
C TRP A 77 1.55 4.18 -4.88
N PRO A 78 1.54 5.47 -4.46
CA PRO A 78 0.60 5.89 -3.43
C PRO A 78 -0.81 5.95 -3.98
N LYS A 79 -0.92 6.15 -5.28
CA LYS A 79 -2.20 6.15 -5.95
C LYS A 79 -2.73 4.74 -5.99
N GLU A 80 -1.84 3.77 -6.15
CA GLU A 80 -2.22 2.35 -6.15
C GLU A 80 -2.97 2.03 -4.89
N LEU A 81 -2.57 2.62 -3.77
CA LEU A 81 -3.31 2.40 -2.53
C LEU A 81 -4.76 2.86 -2.66
N LYS A 82 -5.00 4.17 -2.69
CA LYS A 82 -6.39 4.66 -2.71
C LYS A 82 -7.16 4.06 -3.90
N LEU A 83 -6.45 3.90 -5.01
CA LEU A 83 -6.99 3.29 -6.21
C LEU A 83 -7.43 1.86 -5.95
N ALA A 84 -6.58 1.10 -5.27
CA ALA A 84 -6.88 -0.28 -4.95
C ALA A 84 -8.07 -0.35 -4.03
N LEU A 85 -8.00 0.43 -2.95
CA LEU A 85 -9.08 0.48 -1.97
C LEU A 85 -10.41 0.88 -2.59
N GLU A 86 -10.37 1.52 -3.74
CA GLU A 86 -11.59 1.90 -4.45
C GLU A 86 -12.12 0.70 -5.23
N LYS A 87 -11.20 -0.06 -5.80
CA LYS A 87 -11.53 -1.25 -6.55
C LYS A 87 -12.04 -2.33 -5.61
N GLU A 88 -11.35 -2.48 -4.50
CA GLU A 88 -11.73 -3.38 -3.44
C GLU A 88 -12.91 -2.81 -2.66
N ARG A 89 -13.08 -1.48 -2.77
CA ARG A 89 -14.18 -0.78 -2.11
C ARG A 89 -14.01 -0.83 -0.60
N ASN A 90 -12.76 -0.97 -0.19
CA ASN A 90 -12.39 -1.12 1.21
C ASN A 90 -12.24 0.26 1.87
N LYS A 91 -12.67 0.34 3.12
CA LYS A 91 -12.80 1.61 3.85
C LYS A 91 -11.51 2.42 3.92
N PHE A 92 -10.36 1.76 3.76
CA PHE A 92 -9.07 2.44 3.92
C PHE A 92 -8.95 3.62 2.95
N SER A 93 -9.73 3.58 1.88
CA SER A 93 -9.76 4.65 0.89
C SER A 93 -10.12 6.00 1.53
N GLU A 94 -10.89 5.96 2.60
CA GLU A 94 -11.31 7.17 3.30
C GLU A 94 -10.17 7.74 4.13
N LEU A 95 -9.39 6.85 4.71
CA LEU A 95 -8.31 7.25 5.61
C LEU A 95 -7.08 7.70 4.83
N TRP A 96 -6.79 6.98 3.74
CA TRP A 96 -5.62 7.26 2.93
C TRP A 96 -5.84 8.54 2.12
N ILE A 97 -4.79 9.33 1.97
CA ILE A 97 -4.90 10.65 1.35
C ILE A 97 -3.99 10.77 0.12
N VAL A 98 -4.58 10.65 -1.06
CA VAL A 98 -3.84 10.68 -2.30
C VAL A 98 -4.46 11.69 -3.28
N GLU A 99 -3.64 12.22 -4.16
CA GLU A 99 -4.09 13.12 -5.22
C GLU A 99 -3.70 12.54 -6.56
N LYS A 100 -4.10 13.24 -7.62
CA LYS A 100 -3.88 12.80 -9.00
C LYS A 100 -2.48 12.20 -9.21
N LYS A 5 4.68 23.73 -0.94
CA LYS A 5 3.88 22.53 -0.96
C LYS A 5 3.69 22.04 -2.40
N LYS A 6 4.80 21.80 -3.06
CA LYS A 6 4.79 21.26 -4.41
C LYS A 6 5.30 19.83 -4.40
N ILE A 7 6.61 19.66 -4.20
CA ILE A 7 7.17 18.32 -4.03
C ILE A 7 6.78 17.78 -2.68
N GLU A 8 6.46 18.69 -1.76
CA GLU A 8 5.98 18.35 -0.43
C GLU A 8 4.80 17.39 -0.53
N LYS A 9 4.11 17.47 -1.66
CA LYS A 9 2.91 16.70 -1.89
C LYS A 9 3.24 15.22 -1.99
N LEU A 10 4.25 14.92 -2.78
CA LEU A 10 4.69 13.55 -2.94
C LEU A 10 5.52 13.13 -1.73
N GLU A 11 6.19 14.11 -1.13
CA GLU A 11 6.88 13.91 0.14
C GLU A 11 5.87 13.41 1.16
N GLU A 12 4.67 14.01 1.10
CA GLU A 12 3.54 13.57 1.88
C GLU A 12 3.18 12.14 1.59
N TYR A 13 3.21 11.78 0.31
CA TYR A 13 2.82 10.42 -0.13
C TYR A 13 3.63 9.36 0.63
N ARG A 14 4.95 9.54 0.66
CA ARG A 14 5.84 8.58 1.32
C ARG A 14 5.72 8.68 2.85
N LEU A 15 5.68 9.90 3.35
CA LEU A 15 5.52 10.17 4.77
C LEU A 15 4.22 9.58 5.29
N LEU A 16 3.19 9.67 4.47
CA LEU A 16 1.88 9.19 4.81
C LEU A 16 1.86 7.67 4.91
N LEU A 17 2.63 7.02 4.06
CA LEU A 17 2.76 5.57 4.11
C LEU A 17 3.24 5.17 5.49
N LYS A 18 4.17 5.96 6.01
CA LYS A 18 4.68 5.77 7.35
C LYS A 18 3.58 6.06 8.38
N ARG A 19 2.71 7.00 8.03
CA ARG A 19 1.65 7.44 8.92
C ARG A 19 0.55 6.41 9.11
N LEU A 20 -0.06 5.96 8.01
CA LEU A 20 -1.18 5.05 8.14
C LEU A 20 -0.77 3.58 8.15
N GLN A 21 0.40 3.29 8.68
CA GLN A 21 0.83 1.91 8.87
C GLN A 21 -0.19 1.07 9.68
N PRO A 22 -0.74 1.59 10.81
CA PRO A 22 -1.66 0.82 11.65
C PRO A 22 -3.00 0.54 10.97
N GLU A 23 -3.57 1.56 10.33
CA GLU A 23 -4.86 1.43 9.68
C GLU A 23 -4.70 0.60 8.41
N PHE A 24 -3.50 0.66 7.84
CA PHE A 24 -3.18 -0.17 6.70
C PHE A 24 -3.09 -1.61 7.14
N LYS A 25 -2.30 -1.87 8.17
CA LYS A 25 -2.02 -3.24 8.57
C LYS A 25 -3.30 -3.96 8.97
N THR A 26 -4.25 -3.22 9.51
CA THR A 26 -5.40 -3.83 10.14
C THR A 26 -6.56 -4.04 9.16
N ARG A 27 -6.72 -3.09 8.26
CA ARG A 27 -7.82 -3.09 7.34
C ARG A 27 -7.43 -3.69 6.00
N ILE A 28 -6.17 -3.51 5.64
CA ILE A 28 -5.68 -3.95 4.34
C ILE A 28 -5.46 -5.44 4.28
N ILE A 29 -6.06 -6.03 3.28
CA ILE A 29 -5.70 -7.34 2.85
C ILE A 29 -4.63 -7.22 1.78
N PRO A 30 -3.41 -7.67 2.09
CA PRO A 30 -2.24 -7.55 1.20
C PRO A 30 -2.36 -8.39 -0.06
N THR A 31 -3.43 -9.17 -0.15
CA THR A 31 -3.73 -9.90 -1.38
C THR A 31 -4.70 -9.08 -2.22
N ASP A 32 -5.32 -8.06 -1.60
CA ASP A 32 -6.29 -7.22 -2.26
C ASP A 32 -5.63 -5.99 -2.90
N ILE A 33 -5.07 -5.10 -2.07
CA ILE A 33 -4.50 -3.85 -2.58
C ILE A 33 -3.28 -4.11 -3.47
N ILE A 34 -2.67 -5.28 -3.29
CA ILE A 34 -1.49 -5.68 -4.02
C ILE A 34 -1.77 -5.79 -5.51
N SER A 35 -3.02 -5.97 -5.88
CA SER A 35 -3.38 -6.11 -7.29
C SER A 35 -3.12 -4.80 -8.03
N ASP A 36 -3.52 -3.71 -7.41
CA ASP A 36 -3.31 -2.41 -7.98
C ASP A 36 -1.87 -1.99 -7.76
N LEU A 37 -1.39 -2.23 -6.54
CA LEU A 37 -0.01 -1.92 -6.19
C LEU A 37 0.99 -2.69 -7.04
N SER A 38 0.74 -3.96 -7.29
CA SER A 38 1.67 -4.79 -8.07
C SER A 38 1.93 -4.21 -9.46
N GLU A 39 1.12 -3.25 -9.88
CA GLU A 39 1.40 -2.58 -11.14
C GLU A 39 2.64 -1.70 -11.00
N CYS A 40 2.96 -1.36 -9.76
CA CYS A 40 4.13 -0.58 -9.45
C CYS A 40 5.21 -1.43 -8.78
N LEU A 41 4.76 -2.47 -8.07
CA LEU A 41 5.66 -3.30 -7.28
C LEU A 41 6.28 -4.41 -8.10
N ILE A 42 7.40 -4.89 -7.59
CA ILE A 42 8.12 -5.97 -8.19
C ILE A 42 7.80 -7.29 -7.51
N ASN A 43 7.75 -8.33 -8.34
CA ASN A 43 7.31 -9.67 -7.97
C ASN A 43 8.05 -10.23 -6.77
N GLN A 44 9.34 -9.94 -6.61
CA GLN A 44 10.11 -10.54 -5.53
C GLN A 44 9.47 -10.29 -4.17
N GLU A 45 9.28 -9.03 -3.83
CA GLU A 45 8.63 -8.69 -2.58
C GLU A 45 7.12 -8.84 -2.66
N CYS A 46 6.56 -8.68 -3.86
CA CYS A 46 5.12 -8.89 -4.04
C CYS A 46 4.74 -10.31 -3.63
N GLU A 47 5.54 -11.27 -4.04
CA GLU A 47 5.30 -12.67 -3.72
C GLU A 47 5.67 -12.93 -2.25
N GLU A 48 6.58 -12.14 -1.72
CA GLU A 48 6.89 -12.17 -0.29
C GLU A 48 5.63 -11.82 0.49
N ILE A 49 5.05 -10.69 0.13
CA ILE A 49 3.86 -10.18 0.80
C ILE A 49 2.74 -11.22 0.76
N LEU A 50 2.56 -11.81 -0.42
CA LEU A 50 1.51 -12.78 -0.64
C LEU A 50 1.74 -14.02 0.21
N GLN A 51 2.99 -14.29 0.52
CA GLN A 51 3.34 -15.45 1.33
C GLN A 51 3.08 -15.19 2.80
N ILE A 52 3.32 -13.96 3.23
CA ILE A 52 3.21 -13.65 4.64
C ILE A 52 1.77 -13.44 5.07
N CYS A 53 0.91 -13.05 4.13
CA CYS A 53 -0.53 -13.02 4.38
C CYS A 53 -1.00 -14.39 4.84
N SER A 54 -0.21 -15.37 4.46
CA SER A 54 -0.45 -16.76 4.76
C SER A 54 0.28 -17.18 6.02
N THR A 55 1.59 -17.01 6.01
CA THR A 55 2.44 -17.47 7.08
C THR A 55 2.20 -16.67 8.37
N LYS A 56 2.51 -15.40 8.29
CA LYS A 56 2.40 -14.49 9.41
C LYS A 56 0.96 -14.03 9.63
N GLY A 57 0.25 -13.80 8.54
CA GLY A 57 -1.07 -13.28 8.61
C GLY A 57 -1.25 -12.13 7.65
N MET A 58 -2.48 -11.85 7.29
CA MET A 58 -2.79 -10.80 6.34
C MET A 58 -2.26 -9.46 6.83
N MET A 59 -2.46 -9.15 8.10
CA MET A 59 -1.96 -7.89 8.65
C MET A 59 -0.45 -7.83 8.59
N ALA A 60 0.21 -8.96 8.75
CA ALA A 60 1.66 -9.03 8.68
C ALA A 60 2.12 -8.85 7.24
N GLY A 61 1.39 -9.48 6.32
CA GLY A 61 1.65 -9.28 4.92
C GLY A 61 1.48 -7.83 4.53
N ALA A 62 0.44 -7.20 5.06
CA ALA A 62 0.19 -5.79 4.82
C ALA A 62 1.33 -4.95 5.37
N GLU A 63 1.83 -5.34 6.53
CA GLU A 63 2.93 -4.65 7.15
C GLU A 63 4.19 -4.72 6.28
N LYS A 64 4.37 -5.86 5.62
CA LYS A 64 5.48 -6.08 4.72
C LYS A 64 5.27 -5.29 3.42
N LEU A 65 4.02 -5.16 3.07
CA LEU A 65 3.63 -4.57 1.80
C LEU A 65 3.82 -3.05 1.81
N VAL A 66 3.74 -2.42 2.98
CA VAL A 66 3.90 -0.96 3.06
C VAL A 66 5.36 -0.56 2.81
N GLU A 67 6.29 -1.29 3.37
CA GLU A 67 7.70 -1.01 3.14
C GLU A 67 8.06 -1.32 1.69
N CYS A 68 7.37 -2.30 1.15
CA CYS A 68 7.50 -2.68 -0.24
C CYS A 68 7.02 -1.54 -1.14
N LEU A 69 5.98 -0.84 -0.70
CA LEU A 69 5.49 0.34 -1.39
C LEU A 69 6.46 1.51 -1.25
N LEU A 70 6.93 1.74 -0.03
CA LEU A 70 7.81 2.86 0.28
C LEU A 70 9.09 2.83 -0.58
N ARG A 71 9.52 1.64 -0.98
CA ARG A 71 10.74 1.52 -1.76
C ARG A 71 10.44 1.53 -3.26
N SER A 72 9.17 1.53 -3.62
CA SER A 72 8.77 1.50 -5.01
C SER A 72 9.18 2.79 -5.71
N ASP A 73 9.70 2.65 -6.92
CA ASP A 73 10.22 3.79 -7.67
C ASP A 73 9.21 4.25 -8.72
N LYS A 74 7.95 4.32 -8.32
CA LYS A 74 6.91 4.70 -9.25
C LYS A 74 6.27 6.04 -8.86
N GLU A 75 5.50 6.60 -9.76
CA GLU A 75 4.66 7.74 -9.48
C GLU A 75 3.38 7.26 -8.84
N ASN A 76 2.73 6.33 -9.50
CA ASN A 76 1.38 5.96 -9.15
C ASN A 76 1.28 5.12 -7.85
N TRP A 77 2.39 4.57 -7.36
CA TRP A 77 2.30 3.58 -6.25
C TRP A 77 1.49 4.08 -5.02
N PRO A 78 1.65 5.33 -4.52
CA PRO A 78 0.90 5.77 -3.36
C PRO A 78 -0.56 6.01 -3.69
N LYS A 79 -0.82 6.20 -4.96
CA LYS A 79 -2.17 6.32 -5.45
C LYS A 79 -2.80 4.94 -5.43
N GLU A 80 -2.00 3.94 -5.79
CA GLU A 80 -2.44 2.53 -5.82
C GLU A 80 -2.99 2.09 -4.48
N LEU A 81 -2.48 2.63 -3.37
CA LEU A 81 -3.07 2.33 -2.07
C LEU A 81 -4.56 2.69 -2.03
N LYS A 82 -4.87 3.98 -2.07
CA LYS A 82 -6.27 4.44 -2.01
C LYS A 82 -7.05 3.88 -3.18
N LEU A 83 -6.40 3.91 -4.33
CA LEU A 83 -7.01 3.51 -5.59
C LEU A 83 -7.42 2.04 -5.53
N ALA A 84 -6.60 1.22 -4.89
CA ALA A 84 -6.91 -0.19 -4.71
C ALA A 84 -8.15 -0.37 -3.88
N LEU A 85 -8.22 0.30 -2.74
CA LEU A 85 -9.39 0.19 -1.88
C LEU A 85 -10.58 0.93 -2.46
N GLU A 86 -10.33 1.69 -3.50
CA GLU A 86 -11.40 2.31 -4.25
C GLU A 86 -12.01 1.28 -5.19
N LYS A 87 -11.15 0.56 -5.89
CA LYS A 87 -11.56 -0.51 -6.78
C LYS A 87 -12.18 -1.65 -5.97
N GLU A 88 -11.49 -2.02 -4.90
CA GLU A 88 -11.94 -3.06 -3.99
C GLU A 88 -13.03 -2.53 -3.06
N ARG A 89 -13.16 -1.19 -3.04
CA ARG A 89 -14.26 -0.50 -2.34
C ARG A 89 -14.20 -0.68 -0.82
N ASN A 90 -13.01 -0.56 -0.25
CA ASN A 90 -12.82 -0.70 1.19
C ASN A 90 -12.54 0.66 1.83
N LYS A 91 -12.81 0.75 3.12
CA LYS A 91 -12.83 2.01 3.87
C LYS A 91 -11.50 2.76 3.84
N PHE A 92 -10.40 2.05 3.63
CA PHE A 92 -9.07 2.66 3.73
C PHE A 92 -8.93 3.80 2.72
N SER A 93 -9.73 3.75 1.66
CA SER A 93 -9.73 4.79 0.64
C SER A 93 -10.07 6.16 1.24
N GLU A 94 -10.84 6.15 2.32
CA GLU A 94 -11.27 7.39 2.97
C GLU A 94 -10.17 7.93 3.88
N LEU A 95 -9.31 7.03 4.36
CA LEU A 95 -8.26 7.41 5.31
C LEU A 95 -7.01 7.84 4.57
N TRP A 96 -6.69 7.12 3.50
CA TRP A 96 -5.48 7.37 2.74
C TRP A 96 -5.60 8.69 1.96
N ILE A 97 -4.72 9.63 2.26
CA ILE A 97 -4.80 10.95 1.66
C ILE A 97 -3.82 11.08 0.50
N VAL A 98 -4.12 10.39 -0.59
CA VAL A 98 -3.33 10.49 -1.80
C VAL A 98 -4.20 11.05 -2.92
N GLU A 99 -3.58 11.77 -3.85
CA GLU A 99 -4.28 12.23 -5.03
C GLU A 99 -3.54 11.77 -6.26
N LYS A 100 -4.22 11.79 -7.40
CA LYS A 100 -3.64 11.35 -8.66
C LYS A 100 -2.46 12.24 -9.05
N LYS A 5 4.29 22.97 -3.02
CA LYS A 5 3.63 21.67 -2.93
C LYS A 5 3.77 20.86 -4.20
N LYS A 6 4.89 21.03 -4.90
CA LYS A 6 5.13 20.27 -6.12
C LYS A 6 5.66 18.90 -5.76
N ILE A 7 6.91 18.84 -5.30
CA ILE A 7 7.51 17.59 -4.88
C ILE A 7 7.10 17.27 -3.46
N GLU A 8 6.94 18.31 -2.64
CA GLU A 8 6.58 18.16 -1.23
C GLU A 8 5.30 17.34 -1.11
N LYS A 9 4.50 17.38 -2.16
CA LYS A 9 3.25 16.66 -2.19
C LYS A 9 3.51 15.16 -2.16
N LEU A 10 4.37 14.72 -3.03
CA LEU A 10 4.71 13.32 -3.10
C LEU A 10 5.59 12.97 -1.90
N GLU A 11 6.34 13.96 -1.44
CA GLU A 11 7.12 13.83 -0.22
C GLU A 11 6.20 13.47 0.94
N GLU A 12 4.99 14.02 0.93
CA GLU A 12 4.00 13.68 1.93
C GLU A 12 3.47 12.28 1.69
N TYR A 13 3.44 11.85 0.44
CA TYR A 13 2.97 10.50 0.08
C TYR A 13 3.75 9.43 0.83
N ARG A 14 5.08 9.57 0.87
CA ARG A 14 5.93 8.64 1.60
C ARG A 14 5.67 8.70 3.10
N LEU A 15 5.67 9.90 3.67
CA LEU A 15 5.49 10.06 5.12
C LEU A 15 4.08 9.62 5.51
N LEU A 16 3.18 9.68 4.54
CA LEU A 16 1.80 9.25 4.70
C LEU A 16 1.73 7.74 4.90
N LEU A 17 2.58 7.01 4.19
CA LEU A 17 2.68 5.56 4.37
C LEU A 17 3.06 5.26 5.80
N LYS A 18 4.00 6.05 6.30
CA LYS A 18 4.42 5.95 7.68
C LYS A 18 3.29 6.41 8.61
N ARG A 19 2.49 7.34 8.12
CA ARG A 19 1.37 7.88 8.88
C ARG A 19 0.28 6.83 9.13
N LEU A 20 -0.21 6.20 8.08
CA LEU A 20 -1.31 5.25 8.26
C LEU A 20 -0.84 3.81 8.31
N GLN A 21 0.34 3.58 8.85
CA GLN A 21 0.84 2.21 9.06
C GLN A 21 -0.16 1.34 9.85
N PRO A 22 -0.72 1.84 10.98
CA PRO A 22 -1.62 1.04 11.82
C PRO A 22 -2.94 0.72 11.13
N GLU A 23 -3.50 1.71 10.45
CA GLU A 23 -4.75 1.52 9.76
C GLU A 23 -4.54 0.66 8.53
N PHE A 24 -3.33 0.72 8.00
CA PHE A 24 -2.95 -0.11 6.89
C PHE A 24 -2.84 -1.55 7.35
N LYS A 25 -2.08 -1.76 8.42
CA LYS A 25 -1.78 -3.11 8.87
C LYS A 25 -3.06 -3.86 9.27
N THR A 26 -4.08 -3.12 9.67
CA THR A 26 -5.30 -3.71 10.18
C THR A 26 -6.41 -3.81 9.15
N ARG A 27 -6.55 -2.80 8.31
CA ARG A 27 -7.66 -2.75 7.35
C ARG A 27 -7.25 -3.35 6.02
N ILE A 28 -5.98 -3.25 5.71
CA ILE A 28 -5.46 -3.70 4.42
C ILE A 28 -5.32 -5.20 4.35
N ILE A 29 -5.99 -5.76 3.38
CA ILE A 29 -5.67 -7.09 2.94
C ILE A 29 -4.56 -7.00 1.90
N PRO A 30 -3.38 -7.52 2.24
CA PRO A 30 -2.20 -7.49 1.35
C PRO A 30 -2.37 -8.32 0.10
N THR A 31 -3.49 -9.03 -0.04
CA THR A 31 -3.83 -9.66 -1.29
C THR A 31 -4.77 -8.75 -2.10
N ASP A 32 -5.33 -7.76 -1.41
CA ASP A 32 -6.27 -6.84 -2.02
C ASP A 32 -5.55 -5.70 -2.74
N ILE A 33 -4.81 -4.89 -1.98
CA ILE A 33 -4.14 -3.71 -2.55
C ILE A 33 -2.94 -4.11 -3.42
N ILE A 34 -2.42 -5.30 -3.15
CA ILE A 34 -1.20 -5.79 -3.79
C ILE A 34 -1.31 -5.82 -5.31
N SER A 35 -2.49 -6.13 -5.83
CA SER A 35 -2.69 -6.23 -7.26
C SER A 35 -2.55 -4.87 -7.92
N ASP A 36 -3.25 -3.89 -7.36
CA ASP A 36 -3.25 -2.56 -7.93
C ASP A 36 -1.87 -1.95 -7.71
N LEU A 37 -1.33 -2.18 -6.53
CA LEU A 37 0.02 -1.81 -6.19
C LEU A 37 1.04 -2.47 -7.12
N SER A 38 0.83 -3.75 -7.40
CA SER A 38 1.76 -4.53 -8.24
C SER A 38 2.04 -3.88 -9.60
N GLU A 39 1.26 -2.87 -9.97
CA GLU A 39 1.58 -2.11 -11.18
C GLU A 39 2.83 -1.24 -10.97
N CYS A 40 3.09 -0.84 -9.74
CA CYS A 40 4.31 -0.11 -9.41
C CYS A 40 5.31 -1.03 -8.72
N LEU A 41 4.80 -2.03 -8.02
CA LEU A 41 5.65 -2.95 -7.27
C LEU A 41 6.15 -4.09 -8.13
N ILE A 42 7.31 -4.58 -7.75
CA ILE A 42 7.95 -5.68 -8.44
C ILE A 42 7.59 -7.01 -7.78
N ASN A 43 7.45 -8.01 -8.63
CA ASN A 43 6.96 -9.35 -8.28
C ASN A 43 7.69 -9.98 -7.11
N GLN A 44 8.99 -9.75 -6.99
CA GLN A 44 9.76 -10.37 -5.92
C GLN A 44 9.15 -10.07 -4.55
N GLU A 45 8.96 -8.80 -4.25
CA GLU A 45 8.36 -8.41 -2.97
C GLU A 45 6.87 -8.66 -2.97
N CYS A 46 6.23 -8.47 -4.12
CA CYS A 46 4.80 -8.69 -4.26
C CYS A 46 4.43 -10.12 -3.88
N GLU A 47 5.20 -11.07 -4.38
CA GLU A 47 4.95 -12.48 -4.10
C GLU A 47 5.35 -12.82 -2.67
N GLU A 48 6.30 -12.06 -2.13
CA GLU A 48 6.70 -12.21 -0.74
C GLU A 48 5.51 -11.88 0.16
N ILE A 49 4.93 -10.71 -0.09
CA ILE A 49 3.81 -10.22 0.69
C ILE A 49 2.63 -11.19 0.64
N LEU A 50 2.35 -11.69 -0.55
CA LEU A 50 1.21 -12.60 -0.76
C LEU A 50 1.44 -13.89 0.00
N GLN A 51 2.71 -14.25 0.18
CA GLN A 51 3.05 -15.44 0.92
C GLN A 51 2.79 -15.25 2.41
N ILE A 52 3.10 -14.08 2.92
CA ILE A 52 3.00 -13.83 4.36
C ILE A 52 1.57 -13.53 4.77
N CYS A 53 0.75 -13.03 3.84
CA CYS A 53 -0.68 -12.88 4.09
C CYS A 53 -1.27 -14.23 4.48
N SER A 54 -0.59 -15.25 4.03
CA SER A 54 -0.95 -16.63 4.28
C SER A 54 -0.29 -17.14 5.55
N THR A 55 1.03 -17.14 5.54
CA THR A 55 1.83 -17.73 6.59
C THR A 55 1.65 -16.99 7.91
N LYS A 56 2.01 -15.72 7.88
CA LYS A 56 1.97 -14.86 9.04
C LYS A 56 0.57 -14.32 9.28
N GLY A 57 -0.12 -14.00 8.19
CA GLY A 57 -1.42 -13.40 8.28
C GLY A 57 -1.49 -12.15 7.44
N MET A 58 -2.70 -11.78 7.06
CA MET A 58 -2.93 -10.58 6.27
C MET A 58 -2.25 -9.37 6.88
N MET A 59 -2.43 -9.18 8.17
CA MET A 59 -1.84 -8.03 8.85
C MET A 59 -0.32 -8.05 8.75
N ALA A 60 0.28 -9.23 8.79
CA ALA A 60 1.73 -9.35 8.68
C ALA A 60 2.17 -9.12 7.25
N GLY A 61 1.39 -9.64 6.32
CA GLY A 61 1.63 -9.38 4.92
C GLY A 61 1.52 -7.89 4.62
N ALA A 62 0.53 -7.24 5.22
CA ALA A 62 0.35 -5.80 5.04
C ALA A 62 1.50 -5.05 5.68
N GLU A 63 1.93 -5.52 6.84
CA GLU A 63 3.08 -4.93 7.52
C GLU A 63 4.34 -5.06 6.66
N LYS A 64 4.42 -6.14 5.91
CA LYS A 64 5.53 -6.40 5.00
C LYS A 64 5.37 -5.58 3.74
N LEU A 65 4.13 -5.35 3.39
CA LEU A 65 3.79 -4.67 2.16
C LEU A 65 4.06 -3.17 2.26
N VAL A 66 3.90 -2.59 3.45
CA VAL A 66 4.12 -1.15 3.61
C VAL A 66 5.58 -0.80 3.34
N GLU A 67 6.48 -1.61 3.83
CA GLU A 67 7.90 -1.36 3.58
C GLU A 67 8.20 -1.56 2.11
N CYS A 68 7.49 -2.51 1.52
CA CYS A 68 7.61 -2.81 0.10
C CYS A 68 7.13 -1.64 -0.75
N LEU A 69 6.12 -0.92 -0.26
CA LEU A 69 5.62 0.26 -0.95
C LEU A 69 6.64 1.39 -0.83
N LEU A 70 7.14 1.60 0.38
CA LEU A 70 8.10 2.67 0.65
C LEU A 70 9.42 2.42 -0.08
N ARG A 71 9.67 1.17 -0.46
CA ARG A 71 10.85 0.83 -1.25
C ARG A 71 10.68 1.23 -2.70
N SER A 72 9.45 1.55 -3.08
CA SER A 72 9.15 2.02 -4.42
C SER A 72 8.94 3.53 -4.38
N ASP A 73 9.08 4.19 -5.51
CA ASP A 73 8.83 5.62 -5.57
C ASP A 73 8.20 6.00 -6.91
N LYS A 74 7.22 5.20 -7.32
CA LYS A 74 6.43 5.50 -8.50
C LYS A 74 5.45 6.63 -8.21
N GLU A 75 5.25 7.53 -9.17
CA GLU A 75 4.25 8.59 -9.04
C GLU A 75 2.86 8.01 -9.05
N ASN A 76 2.78 6.70 -9.14
CA ASN A 76 1.51 6.02 -9.02
C ASN A 76 1.41 5.17 -7.75
N TRP A 77 2.54 4.82 -7.11
CA TRP A 77 2.51 3.84 -5.99
C TRP A 77 1.56 4.26 -4.84
N PRO A 78 1.60 5.53 -4.37
CA PRO A 78 0.77 5.90 -3.24
C PRO A 78 -0.67 6.07 -3.67
N LYS A 79 -0.86 6.16 -4.97
CA LYS A 79 -2.19 6.19 -5.56
C LYS A 79 -2.75 4.79 -5.58
N GLU A 80 -1.91 3.82 -5.90
CA GLU A 80 -2.30 2.40 -5.93
C GLU A 80 -2.93 2.03 -4.61
N LEU A 81 -2.44 2.60 -3.51
CA LEU A 81 -3.05 2.35 -2.21
C LEU A 81 -4.54 2.69 -2.21
N LYS A 82 -4.88 3.99 -2.23
CA LYS A 82 -6.29 4.39 -2.16
C LYS A 82 -7.07 3.80 -3.33
N LEU A 83 -6.42 3.82 -4.48
CA LEU A 83 -7.01 3.35 -5.71
C LEU A 83 -7.37 1.87 -5.64
N ALA A 84 -6.50 1.07 -5.05
CA ALA A 84 -6.80 -0.34 -4.85
C ALA A 84 -8.06 -0.52 -4.04
N LEU A 85 -8.15 0.23 -2.94
CA LEU A 85 -9.30 0.13 -2.05
C LEU A 85 -10.54 0.77 -2.67
N GLU A 86 -10.36 1.44 -3.78
CA GLU A 86 -11.47 1.92 -4.58
C GLU A 86 -12.03 0.77 -5.41
N LYS A 87 -11.13 0.05 -6.06
CA LYS A 87 -11.49 -1.10 -6.87
C LYS A 87 -12.00 -2.24 -6.00
N GLU A 88 -11.32 -2.43 -4.90
CA GLU A 88 -11.70 -3.42 -3.92
C GLU A 88 -12.77 -2.87 -2.97
N ARG A 89 -13.00 -1.54 -3.05
CA ARG A 89 -13.97 -0.85 -2.21
C ARG A 89 -13.78 -1.19 -0.73
N ASN A 90 -12.61 -0.85 -0.20
CA ASN A 90 -12.26 -1.13 1.18
C ASN A 90 -12.27 0.17 1.99
N LYS A 91 -12.54 0.04 3.29
CA LYS A 91 -12.68 1.19 4.19
C LYS A 91 -11.41 2.04 4.31
N PHE A 92 -10.26 1.48 3.93
CA PHE A 92 -9.00 2.21 4.08
C PHE A 92 -8.92 3.39 3.10
N SER A 93 -9.68 3.31 2.01
CA SER A 93 -9.65 4.32 0.96
C SER A 93 -10.02 5.70 1.48
N GLU A 94 -10.85 5.72 2.52
CA GLU A 94 -11.36 6.98 3.07
C GLU A 94 -10.33 7.67 3.93
N LEU A 95 -9.35 6.91 4.42
CA LEU A 95 -8.36 7.44 5.33
C LEU A 95 -7.10 7.88 4.59
N TRP A 96 -6.77 7.16 3.53
CA TRP A 96 -5.54 7.39 2.79
C TRP A 96 -5.61 8.73 2.06
N ILE A 97 -4.59 9.57 2.22
CA ILE A 97 -4.62 10.92 1.65
C ILE A 97 -3.68 11.05 0.43
N VAL A 98 -4.05 10.43 -0.68
CA VAL A 98 -3.27 10.56 -1.92
C VAL A 98 -4.13 11.24 -2.99
N GLU A 99 -3.50 11.90 -3.93
CA GLU A 99 -4.22 12.56 -5.01
C GLU A 99 -3.94 11.85 -6.33
N LYS A 100 -4.71 12.20 -7.35
CA LYS A 100 -4.57 11.59 -8.67
C LYS A 100 -3.15 11.73 -9.20
N LYS A 5 3.85 24.58 -1.10
CA LYS A 5 3.89 23.16 -0.83
C LYS A 5 3.61 22.36 -2.09
N LYS A 6 4.44 22.55 -3.10
CA LYS A 6 4.28 21.86 -4.36
C LYS A 6 4.78 20.43 -4.26
N ILE A 7 6.10 20.26 -4.13
CA ILE A 7 6.68 18.94 -4.00
C ILE A 7 6.31 18.31 -2.66
N GLU A 8 5.96 19.16 -1.70
CA GLU A 8 5.53 18.71 -0.37
C GLU A 8 4.38 17.71 -0.51
N LYS A 9 3.66 17.81 -1.61
CA LYS A 9 2.49 16.97 -1.85
C LYS A 9 2.92 15.53 -2.14
N LEU A 10 3.96 15.37 -2.94
CA LEU A 10 4.48 14.05 -3.23
C LEU A 10 5.30 13.56 -2.03
N GLU A 11 5.91 14.52 -1.35
CA GLU A 11 6.56 14.24 -0.08
C GLU A 11 5.54 13.65 0.89
N GLU A 12 4.33 14.20 0.84
CA GLU A 12 3.18 13.66 1.55
C GLU A 12 2.95 12.21 1.18
N TYR A 13 3.06 11.91 -0.11
CA TYR A 13 2.79 10.55 -0.60
C TYR A 13 3.62 9.52 0.15
N ARG A 14 4.91 9.80 0.30
CA ARG A 14 5.81 8.90 1.02
C ARG A 14 5.59 8.97 2.53
N LEU A 15 5.55 10.18 3.09
CA LEU A 15 5.46 10.34 4.53
C LEU A 15 4.15 9.77 5.06
N LEU A 16 3.11 9.89 4.26
CA LEU A 16 1.80 9.42 4.63
C LEU A 16 1.79 7.91 4.75
N LEU A 17 2.55 7.27 3.88
CA LEU A 17 2.68 5.83 3.89
C LEU A 17 3.30 5.40 5.22
N LYS A 18 4.17 6.27 5.71
CA LYS A 18 4.75 6.11 7.04
C LYS A 18 3.70 6.42 8.12
N ARG A 19 2.81 7.35 7.80
CA ARG A 19 1.82 7.82 8.76
C ARG A 19 0.72 6.81 9.04
N LEU A 20 0.06 6.31 8.00
CA LEU A 20 -1.04 5.39 8.22
C LEU A 20 -0.60 3.93 8.24
N GLN A 21 0.61 3.67 8.71
CA GLN A 21 1.09 2.30 8.86
C GLN A 21 0.16 1.43 9.71
N PRO A 22 -0.35 1.92 10.87
CA PRO A 22 -1.20 1.10 11.76
C PRO A 22 -2.54 0.75 11.13
N GLU A 23 -3.21 1.75 10.57
CA GLU A 23 -4.48 1.52 9.90
C GLU A 23 -4.25 0.70 8.65
N PHE A 24 -3.09 0.88 8.05
CA PHE A 24 -2.68 0.08 6.90
C PHE A 24 -2.61 -1.37 7.29
N LYS A 25 -1.84 -1.66 8.33
CA LYS A 25 -1.53 -3.03 8.68
C LYS A 25 -2.78 -3.81 9.07
N THR A 26 -3.77 -3.11 9.60
CA THR A 26 -4.93 -3.75 10.16
C THR A 26 -6.03 -4.05 9.15
N ARG A 27 -6.30 -3.13 8.23
CA ARG A 27 -7.42 -3.31 7.31
C ARG A 27 -6.98 -3.57 5.87
N ILE A 28 -5.71 -3.33 5.58
CA ILE A 28 -5.15 -3.69 4.29
C ILE A 28 -5.18 -5.19 4.10
N ILE A 29 -5.88 -5.61 3.06
CA ILE A 29 -5.80 -6.98 2.63
C ILE A 29 -4.75 -7.12 1.54
N PRO A 30 -3.58 -7.64 1.90
CA PRO A 30 -2.44 -7.89 1.00
C PRO A 30 -2.78 -8.62 -0.28
N THR A 31 -3.91 -9.27 -0.33
CA THR A 31 -4.31 -9.93 -1.55
C THR A 31 -5.10 -8.99 -2.46
N ASP A 32 -5.57 -7.87 -1.89
CA ASP A 32 -6.38 -6.93 -2.68
C ASP A 32 -5.53 -5.79 -3.25
N ILE A 33 -4.93 -4.97 -2.39
CA ILE A 33 -4.20 -3.78 -2.85
C ILE A 33 -2.96 -4.16 -3.67
N ILE A 34 -2.47 -5.36 -3.43
CA ILE A 34 -1.26 -5.86 -4.06
C ILE A 34 -1.37 -5.88 -5.57
N SER A 35 -2.56 -6.14 -6.11
CA SER A 35 -2.74 -6.24 -7.55
C SER A 35 -2.54 -4.90 -8.22
N ASP A 36 -3.12 -3.87 -7.65
CA ASP A 36 -2.98 -2.56 -8.22
C ASP A 36 -1.56 -2.08 -7.99
N LEU A 37 -1.08 -2.31 -6.79
CA LEU A 37 0.29 -2.00 -6.42
C LEU A 37 1.30 -2.75 -7.31
N SER A 38 1.04 -4.02 -7.56
CA SER A 38 1.97 -4.85 -8.32
C SER A 38 2.26 -4.31 -9.72
N GLU A 39 1.61 -3.21 -10.11
CA GLU A 39 2.02 -2.54 -11.33
C GLU A 39 3.34 -1.78 -11.10
N CYS A 40 3.56 -1.32 -9.87
CA CYS A 40 4.80 -0.65 -9.51
C CYS A 40 5.73 -1.57 -8.70
N LEU A 41 5.16 -2.59 -8.06
CA LEU A 41 5.95 -3.49 -7.24
C LEU A 41 6.51 -4.64 -8.05
N ILE A 42 7.60 -5.17 -7.54
CA ILE A 42 8.29 -6.26 -8.18
C ILE A 42 7.85 -7.60 -7.61
N ASN A 43 7.94 -8.63 -8.44
CA ASN A 43 7.41 -9.97 -8.10
C ASN A 43 7.90 -10.47 -6.75
N GLN A 44 9.20 -10.41 -6.51
CA GLN A 44 9.78 -11.02 -5.32
C GLN A 44 9.09 -10.56 -4.03
N GLU A 45 9.00 -9.26 -3.81
CA GLU A 45 8.34 -8.74 -2.62
C GLU A 45 6.82 -8.81 -2.74
N CYS A 46 6.31 -8.75 -3.97
CA CYS A 46 4.87 -8.89 -4.22
C CYS A 46 4.37 -10.24 -3.74
N GLU A 47 5.07 -11.28 -4.17
CA GLU A 47 4.74 -12.65 -3.81
C GLU A 47 5.00 -12.88 -2.33
N GLU A 48 5.98 -12.15 -1.81
CA GLU A 48 6.34 -12.22 -0.39
C GLU A 48 5.15 -11.79 0.45
N ILE A 49 4.61 -10.61 0.15
CA ILE A 49 3.49 -10.05 0.88
C ILE A 49 2.28 -11.01 0.87
N LEU A 50 2.00 -11.58 -0.29
CA LEU A 50 0.88 -12.51 -0.44
C LEU A 50 1.15 -13.76 0.39
N GLN A 51 2.41 -14.16 0.42
CA GLN A 51 2.80 -15.37 1.14
C GLN A 51 2.57 -15.21 2.63
N ILE A 52 2.84 -14.02 3.14
CA ILE A 52 2.76 -13.80 4.57
C ILE A 52 1.33 -13.48 5.00
N CYS A 53 0.51 -12.98 4.09
CA CYS A 53 -0.92 -12.81 4.35
C CYS A 53 -1.51 -14.19 4.67
N SER A 54 -0.83 -15.18 4.13
CA SER A 54 -1.19 -16.57 4.31
C SER A 54 -0.59 -17.12 5.61
N THR A 55 0.72 -17.11 5.67
CA THR A 55 1.46 -17.70 6.76
C THR A 55 1.23 -16.96 8.07
N LYS A 56 1.59 -15.69 8.06
CA LYS A 56 1.53 -14.83 9.22
C LYS A 56 0.16 -14.21 9.41
N GLY A 57 -0.52 -13.92 8.31
CA GLY A 57 -1.80 -13.27 8.38
C GLY A 57 -1.83 -12.03 7.53
N MET A 58 -3.01 -11.62 7.14
CA MET A 58 -3.20 -10.45 6.29
C MET A 58 -2.46 -9.24 6.86
N MET A 59 -2.62 -9.00 8.15
CA MET A 59 -1.99 -7.87 8.80
C MET A 59 -0.46 -7.93 8.70
N ALA A 60 0.10 -9.12 8.83
CA ALA A 60 1.54 -9.29 8.77
C ALA A 60 2.04 -9.11 7.34
N GLY A 61 1.24 -9.59 6.40
CA GLY A 61 1.53 -9.38 4.99
C GLY A 61 1.45 -7.90 4.64
N ALA A 62 0.52 -7.22 5.28
CA ALA A 62 0.35 -5.78 5.08
C ALA A 62 1.54 -5.02 5.64
N GLU A 63 2.05 -5.51 6.76
CA GLU A 63 3.19 -4.89 7.41
C GLU A 63 4.40 -4.89 6.46
N LYS A 64 4.55 -5.98 5.72
CA LYS A 64 5.63 -6.09 4.73
C LYS A 64 5.35 -5.15 3.55
N LEU A 65 4.08 -5.00 3.25
CA LEU A 65 3.64 -4.25 2.09
C LEU A 65 4.00 -2.77 2.21
N VAL A 66 3.99 -2.26 3.44
CA VAL A 66 4.31 -0.87 3.69
C VAL A 66 5.68 -0.53 3.16
N GLU A 67 6.66 -1.30 3.59
CA GLU A 67 8.04 -1.06 3.21
C GLU A 67 8.24 -1.34 1.73
N CYS A 68 7.40 -2.23 1.20
CA CYS A 68 7.48 -2.66 -0.19
C CYS A 68 6.97 -1.56 -1.11
N LEU A 69 6.00 -0.80 -0.64
CA LEU A 69 5.52 0.36 -1.36
C LEU A 69 6.57 1.44 -1.35
N LEU A 70 7.05 1.77 -0.16
CA LEU A 70 8.11 2.76 0.02
C LEU A 70 9.38 2.32 -0.72
N ARG A 71 9.45 1.04 -1.02
CA ARG A 71 10.56 0.43 -1.73
C ARG A 71 10.50 0.74 -3.22
N SER A 72 9.30 0.98 -3.73
CA SER A 72 9.11 1.20 -5.16
C SER A 72 9.45 2.64 -5.54
N ASP A 73 10.08 2.80 -6.70
CA ASP A 73 10.52 4.12 -7.17
C ASP A 73 9.51 4.67 -8.18
N LYS A 74 8.25 4.53 -7.87
CA LYS A 74 7.19 4.96 -8.76
C LYS A 74 6.38 6.09 -8.14
N GLU A 75 5.74 6.90 -8.98
CA GLU A 75 4.80 7.90 -8.48
C GLU A 75 3.51 7.20 -8.16
N ASN A 76 3.21 6.20 -8.95
CA ASN A 76 1.92 5.54 -8.92
C ASN A 76 1.67 4.80 -7.61
N TRP A 77 2.71 4.22 -6.99
CA TRP A 77 2.50 3.28 -5.87
C TRP A 77 1.61 3.83 -4.72
N PRO A 78 1.75 5.11 -4.28
CA PRO A 78 0.92 5.61 -3.20
C PRO A 78 -0.51 5.83 -3.64
N LYS A 79 -0.69 5.96 -4.95
CA LYS A 79 -2.02 6.10 -5.51
C LYS A 79 -2.65 4.72 -5.66
N GLU A 80 -1.81 3.74 -5.94
CA GLU A 80 -2.24 2.33 -6.05
C GLU A 80 -2.92 1.93 -4.76
N LEU A 81 -2.48 2.54 -3.68
CA LEU A 81 -3.18 2.38 -2.42
C LEU A 81 -4.64 2.77 -2.55
N LYS A 82 -4.91 4.07 -2.66
CA LYS A 82 -6.28 4.56 -2.68
C LYS A 82 -7.07 3.93 -3.82
N LEU A 83 -6.42 3.80 -4.96
CA LEU A 83 -7.01 3.16 -6.12
C LEU A 83 -7.46 1.76 -5.77
N ALA A 84 -6.61 0.97 -5.14
CA ALA A 84 -6.96 -0.40 -4.85
C ALA A 84 -7.98 -0.47 -3.75
N LEU A 85 -7.82 0.37 -2.75
CA LEU A 85 -8.76 0.44 -1.65
C LEU A 85 -10.15 0.86 -2.13
N GLU A 86 -10.22 1.72 -3.13
CA GLU A 86 -11.51 2.20 -3.62
C GLU A 86 -12.09 1.25 -4.66
N LYS A 87 -11.21 0.64 -5.46
CA LYS A 87 -11.61 -0.36 -6.42
C LYS A 87 -12.11 -1.60 -5.71
N GLU A 88 -11.35 -2.01 -4.72
CA GLU A 88 -11.68 -3.16 -3.89
C GLU A 88 -12.62 -2.76 -2.75
N ARG A 89 -12.82 -1.44 -2.60
CA ARG A 89 -13.85 -0.89 -1.71
C ARG A 89 -13.60 -1.25 -0.25
N ASN A 90 -12.33 -1.26 0.13
CA ASN A 90 -11.94 -1.51 1.51
C ASN A 90 -11.83 -0.18 2.26
N LYS A 91 -12.22 -0.24 3.54
CA LYS A 91 -12.40 0.94 4.40
C LYS A 91 -11.21 1.91 4.34
N PHE A 92 -10.00 1.38 4.14
CA PHE A 92 -8.79 2.20 4.20
C PHE A 92 -8.81 3.33 3.17
N SER A 93 -9.63 3.16 2.12
CA SER A 93 -9.72 4.14 1.04
C SER A 93 -10.03 5.54 1.58
N GLU A 94 -10.84 5.59 2.62
CA GLU A 94 -11.33 6.85 3.14
C GLU A 94 -10.29 7.52 4.04
N LEU A 95 -9.37 6.72 4.58
CA LEU A 95 -8.37 7.23 5.50
C LEU A 95 -7.16 7.75 4.72
N TRP A 96 -6.84 7.07 3.64
CA TRP A 96 -5.66 7.39 2.83
C TRP A 96 -5.87 8.70 2.08
N ILE A 97 -4.86 9.56 2.09
CA ILE A 97 -4.99 10.87 1.45
C ILE A 97 -3.98 11.03 0.31
N VAL A 98 -4.23 10.34 -0.79
CA VAL A 98 -3.40 10.47 -1.97
C VAL A 98 -4.21 11.08 -3.11
N GLU A 99 -3.60 11.94 -3.89
CA GLU A 99 -4.29 12.59 -4.99
C GLU A 99 -3.87 11.97 -6.31
N LYS A 100 -4.51 12.40 -7.39
CA LYS A 100 -4.30 11.80 -8.71
C LYS A 100 -2.82 11.72 -9.07
N LYS A 5 6.79 23.72 -3.63
CA LYS A 5 6.26 22.42 -3.30
C LYS A 5 5.43 21.86 -4.44
N LYS A 6 5.83 20.68 -4.90
CA LYS A 6 5.10 19.93 -5.89
C LYS A 6 5.42 18.46 -5.72
N ILE A 7 6.72 18.17 -5.65
CA ILE A 7 7.18 16.83 -5.33
C ILE A 7 6.84 16.51 -3.89
N GLU A 8 6.83 17.55 -3.06
CA GLU A 8 6.54 17.40 -1.63
C GLU A 8 5.21 16.70 -1.42
N LYS A 9 4.34 16.77 -2.43
CA LYS A 9 3.03 16.15 -2.36
C LYS A 9 3.17 14.64 -2.28
N LEU A 10 3.94 14.10 -3.18
CA LEU A 10 4.17 12.68 -3.20
C LEU A 10 5.14 12.31 -2.08
N GLU A 11 6.00 13.27 -1.73
CA GLU A 11 6.86 13.13 -0.57
C GLU A 11 6.02 12.88 0.67
N GLU A 12 4.87 13.55 0.74
CA GLU A 12 3.93 13.32 1.82
C GLU A 12 3.30 11.96 1.70
N TYR A 13 3.10 11.49 0.47
CA TYR A 13 2.54 10.16 0.24
C TYR A 13 3.41 9.13 0.98
N ARG A 14 4.72 9.39 1.01
CA ARG A 14 5.66 8.52 1.69
C ARG A 14 5.56 8.63 3.21
N LEU A 15 5.45 9.86 3.73
CA LEU A 15 5.41 10.01 5.18
C LEU A 15 4.07 9.51 5.68
N LEU A 16 3.07 9.64 4.82
CA LEU A 16 1.73 9.19 5.08
C LEU A 16 1.69 7.67 5.16
N LEU A 17 2.47 7.02 4.30
CA LEU A 17 2.61 5.57 4.32
C LEU A 17 3.01 5.14 5.73
N LYS A 18 3.98 5.87 6.26
CA LYS A 18 4.47 5.65 7.61
C LYS A 18 3.42 6.09 8.64
N ARG A 19 2.61 7.08 8.28
CA ARG A 19 1.61 7.61 9.19
C ARG A 19 0.47 6.62 9.42
N LEU A 20 -0.18 6.18 8.34
CA LEU A 20 -1.34 5.31 8.51
C LEU A 20 -0.97 3.83 8.45
N GLN A 21 0.21 3.50 8.96
CA GLN A 21 0.64 2.11 9.06
C GLN A 21 -0.35 1.22 9.85
N PRO A 22 -0.94 1.68 10.97
CA PRO A 22 -1.87 0.86 11.75
C PRO A 22 -3.14 0.52 10.98
N GLU A 23 -3.73 1.53 10.36
CA GLU A 23 -4.93 1.34 9.55
C GLU A 23 -4.60 0.52 8.31
N PHE A 24 -3.38 0.66 7.85
CA PHE A 24 -2.90 -0.13 6.74
C PHE A 24 -2.83 -1.58 7.14
N LYS A 25 -2.17 -1.84 8.25
CA LYS A 25 -1.87 -3.21 8.63
C LYS A 25 -3.16 -3.96 8.96
N THR A 26 -4.19 -3.23 9.38
CA THR A 26 -5.39 -3.85 9.90
C THR A 26 -6.48 -4.02 8.84
N ARG A 27 -6.66 -3.02 8.00
CA ARG A 27 -7.73 -3.05 7.00
C ARG A 27 -7.21 -3.53 5.66
N ILE A 28 -5.95 -3.26 5.38
CA ILE A 28 -5.34 -3.66 4.11
C ILE A 28 -5.19 -5.15 4.02
N ILE A 29 -5.93 -5.74 3.09
CA ILE A 29 -5.68 -7.09 2.69
C ILE A 29 -4.58 -7.10 1.64
N PRO A 30 -3.42 -7.67 1.98
CA PRO A 30 -2.26 -7.72 1.09
C PRO A 30 -2.47 -8.55 -0.17
N THR A 31 -3.64 -9.17 -0.30
CA THR A 31 -4.00 -9.82 -1.55
C THR A 31 -4.87 -8.87 -2.39
N ASP A 32 -5.39 -7.84 -1.74
CA ASP A 32 -6.31 -6.91 -2.38
C ASP A 32 -5.58 -5.76 -3.07
N ILE A 33 -4.96 -4.88 -2.28
CA ILE A 33 -4.34 -3.66 -2.82
C ILE A 33 -3.10 -3.98 -3.65
N ILE A 34 -2.56 -5.16 -3.41
CA ILE A 34 -1.32 -5.59 -4.01
C ILE A 34 -1.45 -5.67 -5.53
N SER A 35 -2.67 -5.90 -6.01
CA SER A 35 -2.93 -6.00 -7.44
C SER A 35 -2.67 -4.68 -8.13
N ASP A 36 -3.28 -3.63 -7.61
CA ASP A 36 -3.11 -2.31 -8.15
C ASP A 36 -1.69 -1.84 -7.89
N LEU A 37 -1.22 -2.15 -6.69
CA LEU A 37 0.13 -1.85 -6.30
C LEU A 37 1.16 -2.53 -7.20
N SER A 38 1.00 -3.82 -7.43
CA SER A 38 1.96 -4.60 -8.24
C SER A 38 2.19 -4.00 -9.62
N GLU A 39 1.38 -3.03 -10.01
CA GLU A 39 1.59 -2.33 -11.26
C GLU A 39 2.79 -1.37 -11.16
N CYS A 40 3.16 -1.01 -9.94
CA CYS A 40 4.27 -0.12 -9.70
C CYS A 40 5.39 -0.84 -8.94
N LEU A 41 5.02 -1.86 -8.17
CA LEU A 41 5.98 -2.58 -7.35
C LEU A 41 6.36 -3.91 -7.98
N ILE A 42 7.57 -4.34 -7.64
CA ILE A 42 8.18 -5.49 -8.27
C ILE A 42 7.78 -6.81 -7.61
N ASN A 43 7.77 -7.84 -8.44
CA ASN A 43 7.30 -9.19 -8.12
C ASN A 43 7.92 -9.77 -6.87
N GLN A 44 9.21 -9.58 -6.69
CA GLN A 44 9.92 -10.22 -5.59
C GLN A 44 9.32 -9.83 -4.23
N GLU A 45 9.13 -8.54 -4.01
CA GLU A 45 8.53 -8.07 -2.77
C GLU A 45 7.02 -8.31 -2.77
N CYS A 46 6.42 -8.18 -3.94
CA CYS A 46 4.99 -8.42 -4.09
C CYS A 46 4.61 -9.83 -3.63
N GLU A 47 5.35 -10.81 -4.14
CA GLU A 47 5.09 -12.20 -3.82
C GLU A 47 5.50 -12.51 -2.38
N GLU A 48 6.48 -11.76 -1.88
CA GLU A 48 6.88 -11.84 -0.48
C GLU A 48 5.68 -11.59 0.41
N ILE A 49 5.02 -10.47 0.16
CA ILE A 49 3.83 -10.06 0.91
C ILE A 49 2.74 -11.13 0.86
N LEU A 50 2.52 -11.69 -0.33
CA LEU A 50 1.50 -12.67 -0.53
C LEU A 50 1.83 -13.94 0.23
N GLN A 51 3.11 -14.19 0.43
CA GLN A 51 3.55 -15.37 1.15
C GLN A 51 3.25 -15.22 2.64
N ILE A 52 3.41 -14.03 3.15
CA ILE A 52 3.28 -13.81 4.58
C ILE A 52 1.83 -13.59 4.98
N CYS A 53 1.01 -13.12 4.05
CA CYS A 53 -0.43 -13.04 4.29
C CYS A 53 -0.96 -14.44 4.60
N SER A 54 -0.20 -15.40 4.11
CA SER A 54 -0.48 -16.81 4.28
C SER A 54 0.14 -17.35 5.57
N THR A 55 1.45 -17.20 5.65
CA THR A 55 2.23 -17.77 6.74
C THR A 55 1.96 -17.06 8.06
N LYS A 56 2.15 -15.75 8.04
CA LYS A 56 2.01 -14.91 9.21
C LYS A 56 0.59 -14.42 9.39
N GLY A 57 -0.07 -14.08 8.28
CA GLY A 57 -1.38 -13.50 8.34
C GLY A 57 -1.48 -12.27 7.47
N MET A 58 -2.69 -11.93 7.08
CA MET A 58 -2.95 -10.78 6.23
C MET A 58 -2.31 -9.51 6.79
N MET A 59 -2.46 -9.27 8.08
CA MET A 59 -1.91 -8.06 8.69
C MET A 59 -0.39 -8.07 8.66
N ALA A 60 0.20 -9.26 8.76
CA ALA A 60 1.65 -9.39 8.73
C ALA A 60 2.16 -9.23 7.32
N GLY A 61 1.40 -9.73 6.36
CA GLY A 61 1.73 -9.53 4.97
C GLY A 61 1.58 -8.07 4.58
N ALA A 62 0.56 -7.42 5.14
CA ALA A 62 0.35 -6.00 4.89
C ALA A 62 1.45 -5.20 5.55
N GLU A 63 1.92 -5.69 6.70
CA GLU A 63 3.01 -5.07 7.41
C GLU A 63 4.25 -4.98 6.54
N LYS A 64 4.50 -6.06 5.81
CA LYS A 64 5.62 -6.14 4.88
C LYS A 64 5.39 -5.20 3.70
N LEU A 65 4.15 -5.05 3.34
CA LEU A 65 3.75 -4.27 2.17
C LEU A 65 4.08 -2.80 2.38
N VAL A 66 4.03 -2.35 3.63
CA VAL A 66 4.34 -0.96 3.96
C VAL A 66 5.74 -0.58 3.49
N GLU A 67 6.70 -1.36 3.93
CA GLU A 67 8.09 -1.09 3.62
C GLU A 67 8.34 -1.29 2.13
N CYS A 68 7.57 -2.18 1.55
CA CYS A 68 7.66 -2.50 0.14
C CYS A 68 7.20 -1.31 -0.69
N LEU A 69 6.13 -0.67 -0.23
CA LEU A 69 5.66 0.56 -0.85
C LEU A 69 6.69 1.67 -0.66
N LEU A 70 7.20 1.78 0.56
CA LEU A 70 8.20 2.81 0.90
C LEU A 70 9.44 2.70 0.01
N ARG A 71 9.77 1.51 -0.45
CA ARG A 71 10.97 1.31 -1.26
C ARG A 71 10.67 1.57 -2.74
N SER A 72 9.42 1.88 -3.04
CA SER A 72 9.03 2.15 -4.42
C SER A 72 9.31 3.61 -4.77
N ASP A 73 9.63 3.85 -6.03
CA ASP A 73 9.88 5.19 -6.51
C ASP A 73 9.06 5.42 -7.77
N LYS A 74 7.81 4.98 -7.72
CA LYS A 74 6.89 5.12 -8.83
C LYS A 74 5.99 6.34 -8.64
N GLU A 75 5.46 6.85 -9.74
CA GLU A 75 4.51 7.97 -9.73
C GLU A 75 3.12 7.47 -9.41
N ASN A 76 3.00 6.17 -9.14
CA ASN A 76 1.70 5.58 -8.91
C ASN A 76 1.52 4.95 -7.54
N TRP A 77 2.58 4.37 -6.96
CA TRP A 77 2.42 3.44 -5.82
C TRP A 77 1.46 3.93 -4.70
N PRO A 78 1.56 5.17 -4.19
CA PRO A 78 0.71 5.59 -3.09
C PRO A 78 -0.73 5.84 -3.53
N LYS A 79 -0.90 6.11 -4.82
CA LYS A 79 -2.25 6.24 -5.37
C LYS A 79 -2.83 4.86 -5.57
N GLU A 80 -1.97 3.88 -5.86
CA GLU A 80 -2.39 2.49 -6.00
C GLU A 80 -3.11 2.04 -4.74
N LEU A 81 -2.70 2.58 -3.59
CA LEU A 81 -3.42 2.31 -2.34
C LEU A 81 -4.87 2.78 -2.41
N LYS A 82 -5.08 4.11 -2.40
CA LYS A 82 -6.45 4.65 -2.40
C LYS A 82 -7.24 4.10 -3.58
N LEU A 83 -6.57 4.04 -4.72
CA LEU A 83 -7.13 3.55 -5.96
C LEU A 83 -7.63 2.10 -5.79
N ALA A 84 -6.77 1.25 -5.23
CA ALA A 84 -7.12 -0.15 -5.05
C ALA A 84 -8.36 -0.30 -4.20
N LEU A 85 -8.39 0.40 -3.07
CA LEU A 85 -9.52 0.30 -2.15
C LEU A 85 -10.75 0.99 -2.69
N GLU A 86 -10.59 1.71 -3.78
CA GLU A 86 -11.74 2.27 -4.46
C GLU A 86 -12.39 1.22 -5.36
N LYS A 87 -11.59 0.35 -5.95
CA LYS A 87 -12.11 -0.78 -6.70
C LYS A 87 -12.57 -1.89 -5.77
N GLU A 88 -11.72 -2.21 -4.82
CA GLU A 88 -12.01 -3.22 -3.82
C GLU A 88 -13.01 -2.69 -2.79
N ARG A 89 -13.13 -1.36 -2.76
CA ARG A 89 -14.15 -0.66 -1.98
C ARG A 89 -13.96 -0.88 -0.47
N ASN A 90 -12.71 -0.91 -0.03
CA ASN A 90 -12.38 -1.10 1.38
C ASN A 90 -12.39 0.24 2.12
N LYS A 91 -12.60 0.17 3.43
CA LYS A 91 -12.74 1.34 4.28
C LYS A 91 -11.49 2.22 4.25
N PHE A 92 -10.32 1.60 4.05
CA PHE A 92 -9.04 2.30 4.07
C PHE A 92 -8.99 3.43 3.03
N SER A 93 -9.84 3.37 2.02
CA SER A 93 -9.85 4.38 0.96
C SER A 93 -10.16 5.78 1.51
N GLU A 94 -10.93 5.85 2.61
CA GLU A 94 -11.39 7.13 3.14
C GLU A 94 -10.29 7.87 3.89
N LEU A 95 -9.60 7.16 4.77
CA LEU A 95 -8.65 7.76 5.70
C LEU A 95 -7.29 8.02 5.03
N TRP A 96 -6.96 7.19 4.06
CA TRP A 96 -5.74 7.37 3.29
C TRP A 96 -5.81 8.64 2.45
N ILE A 97 -4.93 9.59 2.74
CA ILE A 97 -4.97 10.90 2.10
C ILE A 97 -4.13 10.93 0.82
N VAL A 98 -4.71 10.47 -0.27
CA VAL A 98 -4.08 10.55 -1.58
C VAL A 98 -4.88 11.49 -2.47
N GLU A 99 -4.19 12.13 -3.38
CA GLU A 99 -4.80 13.04 -4.32
C GLU A 99 -4.46 12.60 -5.74
N LYS A 100 -5.03 13.26 -6.72
CA LYS A 100 -4.88 12.88 -8.14
C LYS A 100 -3.41 12.68 -8.52
N LYS A 5 7.01 22.55 -0.79
CA LYS A 5 5.83 22.29 -1.62
C LYS A 5 6.20 21.54 -2.92
N LYS A 6 5.25 21.53 -3.86
CA LYS A 6 5.45 20.91 -5.17
C LYS A 6 5.69 19.41 -5.04
N ILE A 7 6.94 19.04 -4.88
CA ILE A 7 7.31 17.64 -4.74
C ILE A 7 6.98 17.15 -3.35
N GLU A 8 6.84 18.10 -2.43
CA GLU A 8 6.51 17.80 -1.04
C GLU A 8 5.23 16.96 -0.98
N LYS A 9 4.39 17.10 -1.99
CA LYS A 9 3.10 16.40 -2.02
C LYS A 9 3.35 14.89 -2.20
N LEU A 10 4.18 14.56 -3.17
CA LEU A 10 4.57 13.18 -3.40
C LEU A 10 5.39 12.69 -2.21
N GLU A 11 6.15 13.60 -1.65
CA GLU A 11 6.86 13.32 -0.42
C GLU A 11 5.89 12.93 0.68
N GLU A 12 4.71 13.56 0.68
CA GLU A 12 3.64 13.21 1.60
C GLU A 12 3.08 11.84 1.26
N TYR A 13 3.16 11.43 0.00
CA TYR A 13 2.70 10.10 -0.40
C TYR A 13 3.42 9.02 0.40
N ARG A 14 4.73 9.11 0.41
CA ARG A 14 5.58 8.18 1.16
C ARG A 14 5.43 8.41 2.67
N LEU A 15 5.53 9.67 3.08
CA LEU A 15 5.42 10.05 4.48
C LEU A 15 4.10 9.60 5.08
N LEU A 16 3.05 9.65 4.26
CA LEU A 16 1.72 9.27 4.70
C LEU A 16 1.63 7.78 4.92
N LEU A 17 2.35 7.00 4.11
CA LEU A 17 2.37 5.56 4.29
C LEU A 17 2.95 5.26 5.67
N LYS A 18 3.94 6.05 6.04
CA LYS A 18 4.53 5.99 7.37
C LYS A 18 3.49 6.41 8.40
N ARG A 19 2.61 7.32 8.00
CA ARG A 19 1.58 7.85 8.88
C ARG A 19 0.50 6.81 9.17
N LEU A 20 -0.12 6.27 8.12
CA LEU A 20 -1.19 5.30 8.33
C LEU A 20 -0.69 3.86 8.32
N GLN A 21 0.52 3.65 8.80
CA GLN A 21 1.03 2.29 8.98
C GLN A 21 0.08 1.42 9.82
N PRO A 22 -0.46 1.92 10.96
CA PRO A 22 -1.35 1.12 11.82
C PRO A 22 -2.67 0.77 11.13
N GLU A 23 -3.28 1.74 10.49
CA GLU A 23 -4.55 1.51 9.81
C GLU A 23 -4.30 0.74 8.53
N PHE A 24 -3.06 0.75 8.07
CA PHE A 24 -2.65 -0.07 6.95
C PHE A 24 -2.58 -1.52 7.41
N LYS A 25 -1.89 -1.75 8.52
CA LYS A 25 -1.66 -3.10 9.00
C LYS A 25 -2.98 -3.76 9.41
N THR A 26 -3.99 -2.95 9.68
CA THR A 26 -5.28 -3.45 10.14
C THR A 26 -6.32 -3.52 9.03
N ARG A 27 -6.43 -2.45 8.26
CA ARG A 27 -7.46 -2.34 7.22
C ARG A 27 -7.02 -3.00 5.93
N ILE A 28 -5.74 -2.89 5.64
CA ILE A 28 -5.21 -3.36 4.37
C ILE A 28 -5.12 -4.87 4.31
N ILE A 29 -5.87 -5.44 3.39
CA ILE A 29 -5.68 -6.81 3.01
C ILE A 29 -4.67 -6.88 1.88
N PRO A 30 -3.46 -7.39 2.18
CA PRO A 30 -2.33 -7.43 1.25
C PRO A 30 -2.57 -8.35 0.07
N THR A 31 -3.69 -9.04 0.07
CA THR A 31 -4.06 -9.83 -1.07
C THR A 31 -4.91 -9.02 -2.05
N ASP A 32 -5.46 -7.88 -1.57
CA ASP A 32 -6.28 -7.03 -2.43
C ASP A 32 -5.50 -5.84 -3.02
N ILE A 33 -5.08 -4.88 -2.18
CA ILE A 33 -4.48 -3.62 -2.67
C ILE A 33 -3.19 -3.87 -3.47
N ILE A 34 -2.58 -5.00 -3.22
CA ILE A 34 -1.29 -5.34 -3.76
C ILE A 34 -1.37 -5.58 -5.27
N SER A 35 -2.53 -5.99 -5.76
CA SER A 35 -2.72 -6.22 -7.18
C SER A 35 -2.65 -4.91 -7.96
N ASP A 36 -3.29 -3.90 -7.40
CA ASP A 36 -3.28 -2.58 -8.00
C ASP A 36 -1.89 -2.00 -7.87
N LEU A 37 -1.32 -2.17 -6.69
CA LEU A 37 0.05 -1.78 -6.42
C LEU A 37 1.04 -2.53 -7.31
N SER A 38 0.75 -3.79 -7.58
CA SER A 38 1.59 -4.65 -8.42
C SER A 38 2.00 -3.96 -9.72
N GLU A 39 1.20 -3.01 -10.19
CA GLU A 39 1.57 -2.24 -11.37
C GLU A 39 2.85 -1.43 -11.13
N CYS A 40 3.04 -0.99 -9.88
CA CYS A 40 4.21 -0.23 -9.50
C CYS A 40 5.27 -1.10 -8.85
N LEU A 41 4.83 -2.19 -8.23
CA LEU A 41 5.72 -3.04 -7.46
C LEU A 41 6.38 -4.10 -8.30
N ILE A 42 7.50 -4.57 -7.81
CA ILE A 42 8.24 -5.63 -8.44
C ILE A 42 7.87 -6.98 -7.84
N ASN A 43 8.05 -8.02 -8.63
CA ASN A 43 7.62 -9.37 -8.26
C ASN A 43 8.12 -9.79 -6.88
N GLN A 44 9.39 -9.56 -6.61
CA GLN A 44 10.03 -10.08 -5.40
C GLN A 44 9.24 -9.74 -4.12
N GLU A 45 8.95 -8.46 -3.92
CA GLU A 45 8.22 -8.04 -2.73
C GLU A 45 6.75 -8.41 -2.82
N CYS A 46 6.17 -8.36 -4.01
CA CYS A 46 4.76 -8.72 -4.19
C CYS A 46 4.55 -10.17 -3.79
N GLU A 47 5.42 -11.04 -4.26
CA GLU A 47 5.36 -12.46 -3.94
C GLU A 47 5.71 -12.69 -2.48
N GLU A 48 6.55 -11.81 -1.94
CA GLU A 48 6.94 -11.87 -0.53
C GLU A 48 5.74 -11.60 0.35
N ILE A 49 5.10 -10.46 0.10
CA ILE A 49 3.97 -10.01 0.89
C ILE A 49 2.88 -11.07 0.88
N LEU A 50 2.52 -11.54 -0.31
CA LEU A 50 1.44 -12.49 -0.48
C LEU A 50 1.74 -13.79 0.25
N GLN A 51 3.02 -14.11 0.32
CA GLN A 51 3.44 -15.31 1.02
C GLN A 51 3.12 -15.18 2.50
N ILE A 52 3.32 -13.99 3.03
CA ILE A 52 3.15 -13.78 4.45
C ILE A 52 1.69 -13.49 4.81
N CYS A 53 0.89 -12.97 3.88
CA CYS A 53 -0.55 -12.86 4.13
C CYS A 53 -1.11 -14.26 4.36
N SER A 54 -0.38 -15.22 3.83
CA SER A 54 -0.71 -16.63 3.94
C SER A 54 -0.13 -17.20 5.23
N THR A 55 1.19 -17.16 5.33
CA THR A 55 1.92 -17.79 6.41
C THR A 55 1.65 -17.12 7.75
N LYS A 56 1.86 -15.82 7.77
CA LYS A 56 1.77 -15.02 8.96
C LYS A 56 0.37 -14.43 9.15
N GLY A 57 -0.26 -14.10 8.04
CA GLY A 57 -1.55 -13.47 8.08
C GLY A 57 -1.52 -12.17 7.32
N MET A 58 -2.68 -11.74 6.84
CA MET A 58 -2.78 -10.51 6.05
C MET A 58 -2.26 -9.29 6.79
N MET A 59 -2.35 -9.27 8.11
CA MET A 59 -1.80 -8.14 8.87
C MET A 59 -0.28 -8.15 8.80
N ALA A 60 0.31 -9.34 8.89
CA ALA A 60 1.77 -9.46 8.83
C ALA A 60 2.25 -9.18 7.42
N GLY A 61 1.49 -9.67 6.44
CA GLY A 61 1.76 -9.36 5.06
C GLY A 61 1.64 -7.88 4.79
N ALA A 62 0.61 -7.25 5.35
CA ALA A 62 0.39 -5.82 5.18
C ALA A 62 1.50 -5.04 5.90
N GLU A 63 1.95 -5.57 7.02
CA GLU A 63 3.05 -4.96 7.76
C GLU A 63 4.29 -4.87 6.87
N LYS A 64 4.51 -5.92 6.09
CA LYS A 64 5.61 -5.98 5.12
C LYS A 64 5.28 -5.12 3.91
N LEU A 65 4.00 -4.94 3.69
CA LEU A 65 3.50 -4.25 2.51
C LEU A 65 3.80 -2.75 2.58
N VAL A 66 3.86 -2.19 3.77
CA VAL A 66 4.11 -0.76 3.90
C VAL A 66 5.50 -0.42 3.36
N GLU A 67 6.49 -1.19 3.76
CA GLU A 67 7.86 -1.00 3.29
C GLU A 67 7.98 -1.36 1.81
N CYS A 68 7.15 -2.30 1.35
CA CYS A 68 7.12 -2.69 -0.05
C CYS A 68 6.77 -1.50 -0.94
N LEU A 69 5.67 -0.85 -0.61
CA LEU A 69 5.28 0.38 -1.27
C LEU A 69 6.31 1.48 -1.03
N LEU A 70 6.69 1.62 0.23
CA LEU A 70 7.59 2.67 0.69
C LEU A 70 8.93 2.66 -0.05
N ARG A 71 9.36 1.50 -0.52
CA ARG A 71 10.65 1.38 -1.21
C ARG A 71 10.49 1.59 -2.71
N SER A 72 9.25 1.65 -3.17
CA SER A 72 8.98 1.81 -4.58
C SER A 72 9.12 3.28 -4.97
N ASP A 73 9.83 3.54 -6.06
CA ASP A 73 10.03 4.91 -6.52
C ASP A 73 9.02 5.27 -7.60
N LYS A 74 7.78 4.90 -7.37
CA LYS A 74 6.71 5.21 -8.29
C LYS A 74 5.84 6.34 -7.73
N GLU A 75 5.56 7.33 -8.54
CA GLU A 75 4.54 8.32 -8.20
C GLU A 75 3.23 7.60 -7.99
N ASN A 76 3.02 6.61 -8.84
CA ASN A 76 1.77 5.88 -8.88
C ASN A 76 1.49 5.03 -7.64
N TRP A 77 2.52 4.51 -6.96
CA TRP A 77 2.30 3.46 -5.93
C TRP A 77 1.26 3.84 -4.85
N PRO A 78 1.22 5.10 -4.34
CA PRO A 78 0.25 5.47 -3.33
C PRO A 78 -1.13 5.74 -3.93
N LYS A 79 -1.15 6.00 -5.23
CA LYS A 79 -2.41 6.06 -5.97
C LYS A 79 -3.02 4.67 -6.02
N GLU A 80 -2.19 3.69 -6.39
CA GLU A 80 -2.59 2.28 -6.46
C GLU A 80 -3.20 1.87 -5.13
N LEU A 81 -2.63 2.42 -4.07
CA LEU A 81 -3.09 2.19 -2.73
C LEU A 81 -4.54 2.64 -2.58
N LYS A 82 -4.81 3.95 -2.63
CA LYS A 82 -6.18 4.46 -2.47
C LYS A 82 -7.09 3.85 -3.53
N LEU A 83 -6.55 3.69 -4.72
CA LEU A 83 -7.27 3.23 -5.88
C LEU A 83 -7.75 1.79 -5.71
N ALA A 84 -6.94 0.97 -5.06
CA ALA A 84 -7.33 -0.39 -4.77
C ALA A 84 -8.43 -0.42 -3.73
N LEU A 85 -8.35 0.46 -2.74
CA LEU A 85 -9.38 0.58 -1.74
C LEU A 85 -10.66 1.12 -2.37
N GLU A 86 -10.51 1.65 -3.56
CA GLU A 86 -11.61 2.16 -4.36
C GLU A 86 -12.29 1.03 -5.14
N LYS A 87 -11.52 0.25 -5.88
CA LYS A 87 -12.06 -0.84 -6.67
C LYS A 87 -12.42 -2.03 -5.80
N GLU A 88 -11.51 -2.38 -4.92
CA GLU A 88 -11.73 -3.44 -3.93
C GLU A 88 -12.64 -2.88 -2.83
N ARG A 89 -12.87 -1.57 -2.91
CA ARG A 89 -13.91 -0.89 -2.13
C ARG A 89 -13.78 -1.12 -0.63
N ASN A 90 -12.56 -1.14 -0.13
CA ASN A 90 -12.34 -1.36 1.29
C ASN A 90 -12.18 -0.03 2.03
N LYS A 91 -12.56 -0.06 3.32
CA LYS A 91 -12.74 1.13 4.15
C LYS A 91 -11.54 2.08 4.11
N PHE A 92 -10.34 1.52 4.00
CA PHE A 92 -9.10 2.29 4.12
C PHE A 92 -9.03 3.46 3.12
N SER A 93 -9.80 3.38 2.04
CA SER A 93 -9.84 4.44 1.02
C SER A 93 -10.14 5.81 1.62
N GLU A 94 -10.98 5.82 2.65
CA GLU A 94 -11.47 7.06 3.24
C GLU A 94 -10.46 7.65 4.19
N LEU A 95 -9.58 6.81 4.70
CA LEU A 95 -8.55 7.24 5.64
C LEU A 95 -7.33 7.73 4.88
N TRP A 96 -7.00 6.98 3.83
CA TRP A 96 -5.81 7.24 3.03
C TRP A 96 -5.98 8.51 2.19
N ILE A 97 -4.92 9.31 2.11
CA ILE A 97 -4.97 10.59 1.42
C ILE A 97 -3.97 10.62 0.26
N VAL A 98 -4.48 10.46 -0.95
CA VAL A 98 -3.66 10.44 -2.16
C VAL A 98 -4.39 11.13 -3.30
N GLU A 99 -3.65 11.89 -4.10
CA GLU A 99 -4.24 12.68 -5.17
C GLU A 99 -3.91 12.07 -6.53
N LYS A 100 -4.80 12.33 -7.51
CA LYS A 100 -4.65 11.88 -8.91
C LYS A 100 -3.91 10.54 -9.06
#